data_9K8B
# 
_entry.id   9K8B 
# 
_audit_conform.dict_name       mmcif_pdbx.dic 
_audit_conform.dict_version    5.406 
_audit_conform.dict_location   http://mmcif.pdb.org/dictionaries/ascii/mmcif_pdbx.dic 
# 
loop_
_database_2.database_id 
_database_2.database_code 
_database_2.pdbx_database_accession 
_database_2.pdbx_DOI 
PDB   9K8B         pdb_00009k8b 10.2210/pdb9k8b/pdb 
WWPDB D_1300052918 ?            ?                   
EMDB  EMD-62167    ?            ?                   
# 
loop_
_pdbx_audit_revision_history.ordinal 
_pdbx_audit_revision_history.data_content_type 
_pdbx_audit_revision_history.major_revision 
_pdbx_audit_revision_history.minor_revision 
_pdbx_audit_revision_history.revision_date 
_pdbx_audit_revision_history.part_number 
1 'Structure model' 1 0 2025-10-29 ? 
2 'EM metadata'     1 0 2025-10-29 ? 
3 'Half map'        1 0 2025-10-29 1 
4 'Half map'        1 0 2025-10-29 2 
5 Image             1 0 2025-10-29 ? 
6 'Primary map'     1 0 2025-10-29 ? 
# 
loop_
_pdbx_audit_revision_details.ordinal 
_pdbx_audit_revision_details.revision_ordinal 
_pdbx_audit_revision_details.data_content_type 
_pdbx_audit_revision_details.provider 
_pdbx_audit_revision_details.type 
_pdbx_audit_revision_details.description 
_pdbx_audit_revision_details.details 
1 1 'Structure model' repository 'Initial release' ? ? 
2 2 'EM metadata'     repository 'Initial release' ? ? 
3 3 'Half map'        repository 'Initial release' ? ? 
4 4 'Half map'        repository 'Initial release' ? ? 
5 5 Image             repository 'Initial release' ? ? 
6 6 'Primary map'     repository 'Initial release' ? ? 
# 
_pdbx_database_status.status_code                     REL 
_pdbx_database_status.status_code_sf                  ? 
_pdbx_database_status.status_code_mr                  ? 
_pdbx_database_status.entry_id                        9K8B 
_pdbx_database_status.recvd_initial_deposition_date   2024-10-24 
_pdbx_database_status.SG_entry                        N 
_pdbx_database_status.deposit_site                    PDBJ 
_pdbx_database_status.process_site                    PDBJ 
_pdbx_database_status.status_code_cs                  ? 
_pdbx_database_status.status_code_nmr_data            ? 
_pdbx_database_status.methods_development_category    ? 
_pdbx_database_status.pdb_format_compatible           Y 
# 
_pdbx_database_related.db_name        EMDB 
_pdbx_database_related.details        'Cryo-EM structure of monomer of designed zinc-induced tetrahedron Cage-t32-Zn1-HEHE-34' 
_pdbx_database_related.db_id          EMD-62167 
_pdbx_database_related.content_type   'associated EM volume' 
# 
_pdbx_contact_author.id                 2 
_pdbx_contact_author.email              caolongxing@westlake.edu.cn 
_pdbx_contact_author.name_first         longxing 
_pdbx_contact_author.name_last          cao 
_pdbx_contact_author.name_mi            ? 
_pdbx_contact_author.role               'principal investigator/group leader' 
_pdbx_contact_author.identifier_ORCID   0000-0003-4002-3648 
# 
loop_
_audit_author.name 
_audit_author.pdbx_ordinal 
_audit_author.identifier_ORCID 
'Qu, Y.N.'  1 0000-0001-5398-286X 
'Cao, L.X.' 2 0000-0003-4002-3648 
# 
_citation.abstract                  ? 
_citation.abstract_id_CAS           ? 
_citation.book_id_ISBN              ? 
_citation.book_publisher            ? 
_citation.book_publisher_city       ? 
_citation.book_title                ? 
_citation.coordinate_linkage        ? 
_citation.country                   ? 
_citation.database_id_Medline       ? 
_citation.details                   ? 
_citation.id                        primary 
_citation.journal_abbrev            'To Be Published' 
_citation.journal_id_ASTM           ? 
_citation.journal_id_CSD            0353 
_citation.journal_id_ISSN           ? 
_citation.journal_full              ? 
_citation.journal_issue             ? 
_citation.journal_volume            ? 
_citation.language                  ? 
_citation.page_first                ? 
_citation.page_last                 ? 
_citation.title                     'De novo design of metal ion regulated protein assemblies' 
_citation.year                      ? 
_citation.database_id_CSD           ? 
_citation.pdbx_database_id_DOI      ? 
_citation.pdbx_database_id_PubMed   ? 
_citation.pdbx_database_id_patent   ? 
_citation.unpublished_flag          ? 
# 
loop_
_citation_author.citation_id 
_citation_author.name 
_citation_author.ordinal 
_citation_author.identifier_ORCID 
primary 'Qu, Y.N.'  1 0000-0001-5398-286X 
primary 'Cao, L.X.' 2 0000-0003-4002-3648 
# 
loop_
_entity.id 
_entity.type 
_entity.src_method 
_entity.pdbx_description 
_entity.formula_weight 
_entity.pdbx_number_of_molecules 
_entity.pdbx_ec 
_entity.pdbx_mutation 
_entity.pdbx_fragment 
_entity.details 
1 polymer     man Cage-t32-Zn1-HEHE-34 27724.348 1 ? ? ? ? 
2 non-polymer syn 'ZINC ION'           65.409    2 ? ? ? ? 
# 
_entity_poly.entity_id                      1 
_entity_poly.type                           'polypeptide(L)' 
_entity_poly.nstd_linkage                   no 
_entity_poly.nstd_monomer                   no 
_entity_poly.pdbx_seq_one_letter_code       
;MGHHHHHHHHSSGLEVLFQGPGGTMEKLKEIVKHLEVAIKYLKEGKVDLADLVVADAIELAKEAGDKASLEILKVAHKAI
DTLGREGKLEEAAKIVKYAKEYVEAKIKGDREKLRELLEKVKKDVLEAIKKGDEEFYEALVKIARIIAEDLGDEKSLKVL
EALEEFFKEWKRLEKEGKSLDEKLHLFLRVGERLLEIGDKESLEMLIELLEELAKEIKKAGNEELLVRAEAAIKDIRKHI
KEL
;
_entity_poly.pdbx_seq_one_letter_code_can   
;MGHHHHHHHHSSGLEVLFQGPGGTMEKLKEIVKHLEVAIKYLKEGKVDLADLVVADAIELAKEAGDKASLEILKVAHKAI
DTLGREGKLEEAAKIVKYAKEYVEAKIKGDREKLRELLEKVKKDVLEAIKKGDEEFYEALVKIARIIAEDLGDEKSLKVL
EALEEFFKEWKRLEKEGKSLDEKLHLFLRVGERLLEIGDKESLEMLIELLEELAKEIKKAGNEELLVRAEAAIKDIRKHI
KEL
;
_entity_poly.pdbx_strand_id                 A 
_entity_poly.pdbx_target_identifier         ? 
# 
_pdbx_entity_nonpoly.entity_id   2 
_pdbx_entity_nonpoly.name        'ZINC ION' 
_pdbx_entity_nonpoly.comp_id     ZN 
# 
loop_
_entity_poly_seq.entity_id 
_entity_poly_seq.num 
_entity_poly_seq.mon_id 
_entity_poly_seq.hetero 
1 1   MET n 
1 2   GLY n 
1 3   HIS n 
1 4   HIS n 
1 5   HIS n 
1 6   HIS n 
1 7   HIS n 
1 8   HIS n 
1 9   HIS n 
1 10  HIS n 
1 11  SER n 
1 12  SER n 
1 13  GLY n 
1 14  LEU n 
1 15  GLU n 
1 16  VAL n 
1 17  LEU n 
1 18  PHE n 
1 19  GLN n 
1 20  GLY n 
1 21  PRO n 
1 22  GLY n 
1 23  GLY n 
1 24  THR n 
1 25  MET n 
1 26  GLU n 
1 27  LYS n 
1 28  LEU n 
1 29  LYS n 
1 30  GLU n 
1 31  ILE n 
1 32  VAL n 
1 33  LYS n 
1 34  HIS n 
1 35  LEU n 
1 36  GLU n 
1 37  VAL n 
1 38  ALA n 
1 39  ILE n 
1 40  LYS n 
1 41  TYR n 
1 42  LEU n 
1 43  LYS n 
1 44  GLU n 
1 45  GLY n 
1 46  LYS n 
1 47  VAL n 
1 48  ASP n 
1 49  LEU n 
1 50  ALA n 
1 51  ASP n 
1 52  LEU n 
1 53  VAL n 
1 54  VAL n 
1 55  ALA n 
1 56  ASP n 
1 57  ALA n 
1 58  ILE n 
1 59  GLU n 
1 60  LEU n 
1 61  ALA n 
1 62  LYS n 
1 63  GLU n 
1 64  ALA n 
1 65  GLY n 
1 66  ASP n 
1 67  LYS n 
1 68  ALA n 
1 69  SER n 
1 70  LEU n 
1 71  GLU n 
1 72  ILE n 
1 73  LEU n 
1 74  LYS n 
1 75  VAL n 
1 76  ALA n 
1 77  HIS n 
1 78  LYS n 
1 79  ALA n 
1 80  ILE n 
1 81  ASP n 
1 82  THR n 
1 83  LEU n 
1 84  GLY n 
1 85  ARG n 
1 86  GLU n 
1 87  GLY n 
1 88  LYS n 
1 89  LEU n 
1 90  GLU n 
1 91  GLU n 
1 92  ALA n 
1 93  ALA n 
1 94  LYS n 
1 95  ILE n 
1 96  VAL n 
1 97  LYS n 
1 98  TYR n 
1 99  ALA n 
1 100 LYS n 
1 101 GLU n 
1 102 TYR n 
1 103 VAL n 
1 104 GLU n 
1 105 ALA n 
1 106 LYS n 
1 107 ILE n 
1 108 LYS n 
1 109 GLY n 
1 110 ASP n 
1 111 ARG n 
1 112 GLU n 
1 113 LYS n 
1 114 LEU n 
1 115 ARG n 
1 116 GLU n 
1 117 LEU n 
1 118 LEU n 
1 119 GLU n 
1 120 LYS n 
1 121 VAL n 
1 122 LYS n 
1 123 LYS n 
1 124 ASP n 
1 125 VAL n 
1 126 LEU n 
1 127 GLU n 
1 128 ALA n 
1 129 ILE n 
1 130 LYS n 
1 131 LYS n 
1 132 GLY n 
1 133 ASP n 
1 134 GLU n 
1 135 GLU n 
1 136 PHE n 
1 137 TYR n 
1 138 GLU n 
1 139 ALA n 
1 140 LEU n 
1 141 VAL n 
1 142 LYS n 
1 143 ILE n 
1 144 ALA n 
1 145 ARG n 
1 146 ILE n 
1 147 ILE n 
1 148 ALA n 
1 149 GLU n 
1 150 ASP n 
1 151 LEU n 
1 152 GLY n 
1 153 ASP n 
1 154 GLU n 
1 155 LYS n 
1 156 SER n 
1 157 LEU n 
1 158 LYS n 
1 159 VAL n 
1 160 LEU n 
1 161 GLU n 
1 162 ALA n 
1 163 LEU n 
1 164 GLU n 
1 165 GLU n 
1 166 PHE n 
1 167 PHE n 
1 168 LYS n 
1 169 GLU n 
1 170 TRP n 
1 171 LYS n 
1 172 ARG n 
1 173 LEU n 
1 174 GLU n 
1 175 LYS n 
1 176 GLU n 
1 177 GLY n 
1 178 LYS n 
1 179 SER n 
1 180 LEU n 
1 181 ASP n 
1 182 GLU n 
1 183 LYS n 
1 184 LEU n 
1 185 HIS n 
1 186 LEU n 
1 187 PHE n 
1 188 LEU n 
1 189 ARG n 
1 190 VAL n 
1 191 GLY n 
1 192 GLU n 
1 193 ARG n 
1 194 LEU n 
1 195 LEU n 
1 196 GLU n 
1 197 ILE n 
1 198 GLY n 
1 199 ASP n 
1 200 LYS n 
1 201 GLU n 
1 202 SER n 
1 203 LEU n 
1 204 GLU n 
1 205 MET n 
1 206 LEU n 
1 207 ILE n 
1 208 GLU n 
1 209 LEU n 
1 210 LEU n 
1 211 GLU n 
1 212 GLU n 
1 213 LEU n 
1 214 ALA n 
1 215 LYS n 
1 216 GLU n 
1 217 ILE n 
1 218 LYS n 
1 219 LYS n 
1 220 ALA n 
1 221 GLY n 
1 222 ASN n 
1 223 GLU n 
1 224 GLU n 
1 225 LEU n 
1 226 LEU n 
1 227 VAL n 
1 228 ARG n 
1 229 ALA n 
1 230 GLU n 
1 231 ALA n 
1 232 ALA n 
1 233 ILE n 
1 234 LYS n 
1 235 ASP n 
1 236 ILE n 
1 237 ARG n 
1 238 LYS n 
1 239 HIS n 
1 240 ILE n 
1 241 LYS n 
1 242 GLU n 
1 243 LEU n 
# 
_entity_src_gen.entity_id                          1 
_entity_src_gen.pdbx_src_id                        1 
_entity_src_gen.pdbx_alt_source_flag               sample 
_entity_src_gen.pdbx_seq_type                      'Biological sequence' 
_entity_src_gen.pdbx_beg_seq_num                   1 
_entity_src_gen.pdbx_end_seq_num                   243 
_entity_src_gen.gene_src_common_name               ? 
_entity_src_gen.gene_src_genus                     ? 
_entity_src_gen.pdbx_gene_src_gene                 ? 
_entity_src_gen.gene_src_species                   ? 
_entity_src_gen.gene_src_strain                    ? 
_entity_src_gen.gene_src_tissue                    ? 
_entity_src_gen.gene_src_tissue_fraction           ? 
_entity_src_gen.gene_src_details                   ? 
_entity_src_gen.pdbx_gene_src_fragment             ? 
_entity_src_gen.pdbx_gene_src_scientific_name      'Escherichia coli' 
_entity_src_gen.pdbx_gene_src_ncbi_taxonomy_id     562 
_entity_src_gen.pdbx_gene_src_variant              ? 
_entity_src_gen.pdbx_gene_src_cell_line            ? 
_entity_src_gen.pdbx_gene_src_atcc                 ? 
_entity_src_gen.pdbx_gene_src_organ                ? 
_entity_src_gen.pdbx_gene_src_organelle            ? 
_entity_src_gen.pdbx_gene_src_cell                 ? 
_entity_src_gen.pdbx_gene_src_cellular_location    ? 
_entity_src_gen.host_org_common_name               ? 
_entity_src_gen.pdbx_host_org_scientific_name      'Escherichia coli' 
_entity_src_gen.pdbx_host_org_ncbi_taxonomy_id     562 
_entity_src_gen.host_org_genus                     ? 
_entity_src_gen.pdbx_host_org_gene                 ? 
_entity_src_gen.pdbx_host_org_organ                ? 
_entity_src_gen.host_org_species                   ? 
_entity_src_gen.pdbx_host_org_tissue               ? 
_entity_src_gen.pdbx_host_org_tissue_fraction      ? 
_entity_src_gen.pdbx_host_org_strain               ? 
_entity_src_gen.pdbx_host_org_variant              ? 
_entity_src_gen.pdbx_host_org_cell_line            ? 
_entity_src_gen.pdbx_host_org_atcc                 ? 
_entity_src_gen.pdbx_host_org_culture_collection   ? 
_entity_src_gen.pdbx_host_org_cell                 ? 
_entity_src_gen.pdbx_host_org_organelle            ? 
_entity_src_gen.pdbx_host_org_cellular_location    ? 
_entity_src_gen.pdbx_host_org_vector_type          ? 
_entity_src_gen.pdbx_host_org_vector               ? 
_entity_src_gen.host_org_details                   ? 
_entity_src_gen.expression_system_id               ? 
_entity_src_gen.plasmid_name                       ? 
_entity_src_gen.plasmid_details                    ? 
_entity_src_gen.pdbx_description                   ? 
# 
loop_
_chem_comp.id 
_chem_comp.type 
_chem_comp.mon_nstd_flag 
_chem_comp.name 
_chem_comp.pdbx_synonyms 
_chem_comp.formula 
_chem_comp.formula_weight 
ALA 'L-peptide linking' y ALANINE         ? 'C3 H7 N O2'     89.093  
ARG 'L-peptide linking' y ARGININE        ? 'C6 H15 N4 O2 1' 175.209 
ASN 'L-peptide linking' y ASPARAGINE      ? 'C4 H8 N2 O3'    132.118 
ASP 'L-peptide linking' y 'ASPARTIC ACID' ? 'C4 H7 N O4'     133.103 
GLN 'L-peptide linking' y GLUTAMINE       ? 'C5 H10 N2 O3'   146.144 
GLU 'L-peptide linking' y 'GLUTAMIC ACID' ? 'C5 H9 N O4'     147.129 
GLY 'peptide linking'   y GLYCINE         ? 'C2 H5 N O2'     75.067  
HIS 'L-peptide linking' y HISTIDINE       ? 'C6 H10 N3 O2 1' 156.162 
ILE 'L-peptide linking' y ISOLEUCINE      ? 'C6 H13 N O2'    131.173 
LEU 'L-peptide linking' y LEUCINE         ? 'C6 H13 N O2'    131.173 
LYS 'L-peptide linking' y LYSINE          ? 'C6 H15 N2 O2 1' 147.195 
MET 'L-peptide linking' y METHIONINE      ? 'C5 H11 N O2 S'  149.211 
PHE 'L-peptide linking' y PHENYLALANINE   ? 'C9 H11 N O2'    165.189 
PRO 'L-peptide linking' y PROLINE         ? 'C5 H9 N O2'     115.130 
SER 'L-peptide linking' y SERINE          ? 'C3 H7 N O3'     105.093 
THR 'L-peptide linking' y THREONINE       ? 'C4 H9 N O3'     119.119 
TRP 'L-peptide linking' y TRYPTOPHAN      ? 'C11 H12 N2 O2'  204.225 
TYR 'L-peptide linking' y TYROSINE        ? 'C9 H11 N O3'    181.189 
VAL 'L-peptide linking' y VALINE          ? 'C5 H11 N O2'    117.146 
ZN  non-polymer         . 'ZINC ION'      ? 'Zn 2'           65.409  
# 
loop_
_pdbx_poly_seq_scheme.asym_id 
_pdbx_poly_seq_scheme.entity_id 
_pdbx_poly_seq_scheme.seq_id 
_pdbx_poly_seq_scheme.mon_id 
_pdbx_poly_seq_scheme.ndb_seq_num 
_pdbx_poly_seq_scheme.pdb_seq_num 
_pdbx_poly_seq_scheme.auth_seq_num 
_pdbx_poly_seq_scheme.pdb_mon_id 
_pdbx_poly_seq_scheme.auth_mon_id 
_pdbx_poly_seq_scheme.pdb_strand_id 
_pdbx_poly_seq_scheme.pdb_ins_code 
_pdbx_poly_seq_scheme.hetero 
A 1 1   MET 1   -18 ?   ?   ?   A . n 
A 1 2   GLY 2   -17 ?   ?   ?   A . n 
A 1 3   HIS 3   -16 ?   ?   ?   A . n 
A 1 4   HIS 4   -15 ?   ?   ?   A . n 
A 1 5   HIS 5   -14 ?   ?   ?   A . n 
A 1 6   HIS 6   -13 ?   ?   ?   A . n 
A 1 7   HIS 7   -12 ?   ?   ?   A . n 
A 1 8   HIS 8   -11 ?   ?   ?   A . n 
A 1 9   HIS 9   -10 ?   ?   ?   A . n 
A 1 10  HIS 10  -9  ?   ?   ?   A . n 
A 1 11  SER 11  -8  ?   ?   ?   A . n 
A 1 12  SER 12  -7  ?   ?   ?   A . n 
A 1 13  GLY 13  -6  ?   ?   ?   A . n 
A 1 14  LEU 14  -5  ?   ?   ?   A . n 
A 1 15  GLU 15  -4  ?   ?   ?   A . n 
A 1 16  VAL 16  -3  ?   ?   ?   A . n 
A 1 17  LEU 17  -2  ?   ?   ?   A . n 
A 1 18  PHE 18  -1  ?   ?   ?   A . n 
A 1 19  GLN 19  0   ?   ?   ?   A . n 
A 1 20  GLY 20  1   ?   ?   ?   A . n 
A 1 21  PRO 21  2   ?   ?   ?   A . n 
A 1 22  GLY 22  3   ?   ?   ?   A . n 
A 1 23  GLY 23  4   ?   ?   ?   A . n 
A 1 24  THR 24  5   ?   ?   ?   A . n 
A 1 25  MET 25  6   6   MET MET A . n 
A 1 26  GLU 26  7   7   GLU GLU A . n 
A 1 27  LYS 27  8   8   LYS LYS A . n 
A 1 28  LEU 28  9   9   LEU LEU A . n 
A 1 29  LYS 29  10  10  LYS LYS A . n 
A 1 30  GLU 30  11  11  GLU GLU A . n 
A 1 31  ILE 31  12  12  ILE ILE A . n 
A 1 32  VAL 32  13  13  VAL VAL A . n 
A 1 33  LYS 33  14  14  LYS LYS A . n 
A 1 34  HIS 34  15  15  HIS HIS A . n 
A 1 35  LEU 35  16  16  LEU LEU A . n 
A 1 36  GLU 36  17  17  GLU GLU A . n 
A 1 37  VAL 37  18  18  VAL VAL A . n 
A 1 38  ALA 38  19  19  ALA ALA A . n 
A 1 39  ILE 39  20  20  ILE ILE A . n 
A 1 40  LYS 40  21  21  LYS LYS A . n 
A 1 41  TYR 41  22  22  TYR TYR A . n 
A 1 42  LEU 42  23  23  LEU LEU A . n 
A 1 43  LYS 43  24  24  LYS LYS A . n 
A 1 44  GLU 44  25  25  GLU GLU A . n 
A 1 45  GLY 45  26  26  GLY GLY A . n 
A 1 46  LYS 46  27  27  LYS LYS A . n 
A 1 47  VAL 47  28  28  VAL VAL A . n 
A 1 48  ASP 48  29  29  ASP ASP A . n 
A 1 49  LEU 49  30  30  LEU LEU A . n 
A 1 50  ALA 50  31  31  ALA ALA A . n 
A 1 51  ASP 51  32  32  ASP ASP A . n 
A 1 52  LEU 52  33  33  LEU LEU A . n 
A 1 53  VAL 53  34  34  VAL VAL A . n 
A 1 54  VAL 54  35  35  VAL VAL A . n 
A 1 55  ALA 55  36  36  ALA ALA A . n 
A 1 56  ASP 56  37  37  ASP ASP A . n 
A 1 57  ALA 57  38  38  ALA ALA A . n 
A 1 58  ILE 58  39  39  ILE ILE A . n 
A 1 59  GLU 59  40  40  GLU GLU A . n 
A 1 60  LEU 60  41  41  LEU LEU A . n 
A 1 61  ALA 61  42  42  ALA ALA A . n 
A 1 62  LYS 62  43  43  LYS LYS A . n 
A 1 63  GLU 63  44  44  GLU GLU A . n 
A 1 64  ALA 64  45  45  ALA ALA A . n 
A 1 65  GLY 65  46  46  GLY GLY A . n 
A 1 66  ASP 66  47  47  ASP ASP A . n 
A 1 67  LYS 67  48  48  LYS LYS A . n 
A 1 68  ALA 68  49  49  ALA ALA A . n 
A 1 69  SER 69  50  50  SER SER A . n 
A 1 70  LEU 70  51  51  LEU LEU A . n 
A 1 71  GLU 71  52  52  GLU GLU A . n 
A 1 72  ILE 72  53  53  ILE ILE A . n 
A 1 73  LEU 73  54  54  LEU LEU A . n 
A 1 74  LYS 74  55  55  LYS LYS A . n 
A 1 75  VAL 75  56  56  VAL VAL A . n 
A 1 76  ALA 76  57  57  ALA ALA A . n 
A 1 77  HIS 77  58  58  HIS HIS A . n 
A 1 78  LYS 78  59  59  LYS LYS A . n 
A 1 79  ALA 79  60  60  ALA ALA A . n 
A 1 80  ILE 80  61  61  ILE ILE A . n 
A 1 81  ASP 81  62  62  ASP ASP A . n 
A 1 82  THR 82  63  63  THR THR A . n 
A 1 83  LEU 83  64  64  LEU LEU A . n 
A 1 84  GLY 84  65  65  GLY GLY A . n 
A 1 85  ARG 85  66  66  ARG ARG A . n 
A 1 86  GLU 86  67  67  GLU GLU A . n 
A 1 87  GLY 87  68  68  GLY GLY A . n 
A 1 88  LYS 88  69  69  LYS LYS A . n 
A 1 89  LEU 89  70  70  LEU LEU A . n 
A 1 90  GLU 90  71  71  GLU GLU A . n 
A 1 91  GLU 91  72  72  GLU GLU A . n 
A 1 92  ALA 92  73  73  ALA ALA A . n 
A 1 93  ALA 93  74  74  ALA ALA A . n 
A 1 94  LYS 94  75  75  LYS LYS A . n 
A 1 95  ILE 95  76  76  ILE ILE A . n 
A 1 96  VAL 96  77  77  VAL VAL A . n 
A 1 97  LYS 97  78  78  LYS LYS A . n 
A 1 98  TYR 98  79  79  TYR TYR A . n 
A 1 99  ALA 99  80  80  ALA ALA A . n 
A 1 100 LYS 100 81  81  LYS LYS A . n 
A 1 101 GLU 101 82  82  GLU GLU A . n 
A 1 102 TYR 102 83  83  TYR TYR A . n 
A 1 103 VAL 103 84  84  VAL VAL A . n 
A 1 104 GLU 104 85  85  GLU GLU A . n 
A 1 105 ALA 105 86  86  ALA ALA A . n 
A 1 106 LYS 106 87  87  LYS LYS A . n 
A 1 107 ILE 107 88  88  ILE ILE A . n 
A 1 108 LYS 108 89  89  LYS LYS A . n 
A 1 109 GLY 109 90  90  GLY GLY A . n 
A 1 110 ASP 110 91  91  ASP ASP A . n 
A 1 111 ARG 111 92  92  ARG ARG A . n 
A 1 112 GLU 112 93  93  GLU GLU A . n 
A 1 113 LYS 113 94  94  LYS LYS A . n 
A 1 114 LEU 114 95  95  LEU LEU A . n 
A 1 115 ARG 115 96  96  ARG ARG A . n 
A 1 116 GLU 116 97  97  GLU GLU A . n 
A 1 117 LEU 117 98  98  LEU LEU A . n 
A 1 118 LEU 118 99  99  LEU LEU A . n 
A 1 119 GLU 119 100 100 GLU GLU A . n 
A 1 120 LYS 120 101 101 LYS LYS A . n 
A 1 121 VAL 121 102 102 VAL VAL A . n 
A 1 122 LYS 122 103 103 LYS LYS A . n 
A 1 123 LYS 123 104 104 LYS LYS A . n 
A 1 124 ASP 124 105 105 ASP ASP A . n 
A 1 125 VAL 125 106 106 VAL VAL A . n 
A 1 126 LEU 126 107 107 LEU LEU A . n 
A 1 127 GLU 127 108 108 GLU GLU A . n 
A 1 128 ALA 128 109 109 ALA ALA A . n 
A 1 129 ILE 129 110 110 ILE ILE A . n 
A 1 130 LYS 130 111 111 LYS LYS A . n 
A 1 131 LYS 131 112 112 LYS LYS A . n 
A 1 132 GLY 132 113 113 GLY GLY A . n 
A 1 133 ASP 133 114 114 ASP ASP A . n 
A 1 134 GLU 134 115 115 GLU GLU A . n 
A 1 135 GLU 135 116 116 GLU GLU A . n 
A 1 136 PHE 136 117 117 PHE PHE A . n 
A 1 137 TYR 137 118 118 TYR TYR A . n 
A 1 138 GLU 138 119 119 GLU GLU A . n 
A 1 139 ALA 139 120 120 ALA ALA A . n 
A 1 140 LEU 140 121 121 LEU LEU A . n 
A 1 141 VAL 141 122 122 VAL VAL A . n 
A 1 142 LYS 142 123 123 LYS LYS A . n 
A 1 143 ILE 143 124 124 ILE ILE A . n 
A 1 144 ALA 144 125 125 ALA ALA A . n 
A 1 145 ARG 145 126 126 ARG ARG A . n 
A 1 146 ILE 146 127 127 ILE ILE A . n 
A 1 147 ILE 147 128 128 ILE ILE A . n 
A 1 148 ALA 148 129 129 ALA ALA A . n 
A 1 149 GLU 149 130 130 GLU GLU A . n 
A 1 150 ASP 150 131 131 ASP ASP A . n 
A 1 151 LEU 151 132 132 LEU LEU A . n 
A 1 152 GLY 152 133 133 GLY GLY A . n 
A 1 153 ASP 153 134 134 ASP ASP A . n 
A 1 154 GLU 154 135 135 GLU GLU A . n 
A 1 155 LYS 155 136 136 LYS LYS A . n 
A 1 156 SER 156 137 137 SER SER A . n 
A 1 157 LEU 157 138 138 LEU LEU A . n 
A 1 158 LYS 158 139 139 LYS LYS A . n 
A 1 159 VAL 159 140 140 VAL VAL A . n 
A 1 160 LEU 160 141 141 LEU LEU A . n 
A 1 161 GLU 161 142 142 GLU GLU A . n 
A 1 162 ALA 162 143 143 ALA ALA A . n 
A 1 163 LEU 163 144 144 LEU LEU A . n 
A 1 164 GLU 164 145 145 GLU GLU A . n 
A 1 165 GLU 165 146 146 GLU GLU A . n 
A 1 166 PHE 166 147 147 PHE PHE A . n 
A 1 167 PHE 167 148 148 PHE PHE A . n 
A 1 168 LYS 168 149 149 LYS LYS A . n 
A 1 169 GLU 169 150 150 GLU GLU A . n 
A 1 170 TRP 170 151 151 TRP TRP A . n 
A 1 171 LYS 171 152 152 LYS LYS A . n 
A 1 172 ARG 172 153 153 ARG ARG A . n 
A 1 173 LEU 173 154 154 LEU LEU A . n 
A 1 174 GLU 174 155 155 GLU GLU A . n 
A 1 175 LYS 175 156 156 LYS LYS A . n 
A 1 176 GLU 176 157 157 GLU GLU A . n 
A 1 177 GLY 177 158 158 GLY GLY A . n 
A 1 178 LYS 178 159 159 LYS LYS A . n 
A 1 179 SER 179 160 160 SER SER A . n 
A 1 180 LEU 180 161 161 LEU LEU A . n 
A 1 181 ASP 181 162 162 ASP ASP A . n 
A 1 182 GLU 182 163 163 GLU GLU A . n 
A 1 183 LYS 183 164 164 LYS LYS A . n 
A 1 184 LEU 184 165 165 LEU LEU A . n 
A 1 185 HIS 185 166 166 HIS HIS A . n 
A 1 186 LEU 186 167 167 LEU LEU A . n 
A 1 187 PHE 187 168 168 PHE PHE A . n 
A 1 188 LEU 188 169 169 LEU LEU A . n 
A 1 189 ARG 189 170 170 ARG ARG A . n 
A 1 190 VAL 190 171 171 VAL VAL A . n 
A 1 191 GLY 191 172 172 GLY GLY A . n 
A 1 192 GLU 192 173 173 GLU GLU A . n 
A 1 193 ARG 193 174 174 ARG ARG A . n 
A 1 194 LEU 194 175 175 LEU LEU A . n 
A 1 195 LEU 195 176 176 LEU LEU A . n 
A 1 196 GLU 196 177 177 GLU GLU A . n 
A 1 197 ILE 197 178 178 ILE ILE A . n 
A 1 198 GLY 198 179 179 GLY GLY A . n 
A 1 199 ASP 199 180 180 ASP ASP A . n 
A 1 200 LYS 200 181 181 LYS LYS A . n 
A 1 201 GLU 201 182 182 GLU GLU A . n 
A 1 202 SER 202 183 183 SER SER A . n 
A 1 203 LEU 203 184 184 LEU LEU A . n 
A 1 204 GLU 204 185 185 GLU GLU A . n 
A 1 205 MET 205 186 186 MET MET A . n 
A 1 206 LEU 206 187 187 LEU LEU A . n 
A 1 207 ILE 207 188 188 ILE ILE A . n 
A 1 208 GLU 208 189 189 GLU GLU A . n 
A 1 209 LEU 209 190 190 LEU LEU A . n 
A 1 210 LEU 210 191 191 LEU LEU A . n 
A 1 211 GLU 211 192 192 GLU GLU A . n 
A 1 212 GLU 212 193 193 GLU GLU A . n 
A 1 213 LEU 213 194 194 LEU LEU A . n 
A 1 214 ALA 214 195 195 ALA ALA A . n 
A 1 215 LYS 215 196 196 LYS LYS A . n 
A 1 216 GLU 216 197 197 GLU GLU A . n 
A 1 217 ILE 217 198 198 ILE ILE A . n 
A 1 218 LYS 218 199 199 LYS LYS A . n 
A 1 219 LYS 219 200 200 LYS LYS A . n 
A 1 220 ALA 220 201 201 ALA ALA A . n 
A 1 221 GLY 221 202 202 GLY GLY A . n 
A 1 222 ASN 222 203 203 ASN ASN A . n 
A 1 223 GLU 223 204 204 GLU GLU A . n 
A 1 224 GLU 224 205 205 GLU GLU A . n 
A 1 225 LEU 225 206 206 LEU LEU A . n 
A 1 226 LEU 226 207 207 LEU LEU A . n 
A 1 227 VAL 227 208 208 VAL VAL A . n 
A 1 228 ARG 228 209 209 ARG ARG A . n 
A 1 229 ALA 229 210 210 ALA ALA A . n 
A 1 230 GLU 230 211 211 GLU GLU A . n 
A 1 231 ALA 231 212 212 ALA ALA A . n 
A 1 232 ALA 232 213 213 ALA ALA A . n 
A 1 233 ILE 233 214 214 ILE ILE A . n 
A 1 234 LYS 234 215 215 LYS LYS A . n 
A 1 235 ASP 235 216 216 ASP ASP A . n 
A 1 236 ILE 236 217 217 ILE ILE A . n 
A 1 237 ARG 237 218 218 ARG ARG A . n 
A 1 238 LYS 238 219 219 LYS LYS A . n 
A 1 239 HIS 239 220 220 HIS HIS A . n 
A 1 240 ILE 240 221 221 ILE ILE A . n 
A 1 241 LYS 241 222 222 LYS LYS A . n 
A 1 242 GLU 242 223 223 GLU GLU A . n 
A 1 243 LEU 243 224 224 LEU LEU A . n 
# 
_pdbx_entity_instance_feature.ordinal        1 
_pdbx_entity_instance_feature.comp_id        ZN 
_pdbx_entity_instance_feature.asym_id        ? 
_pdbx_entity_instance_feature.seq_num        ? 
_pdbx_entity_instance_feature.auth_comp_id   ZN 
_pdbx_entity_instance_feature.auth_asym_id   ? 
_pdbx_entity_instance_feature.auth_seq_num   ? 
_pdbx_entity_instance_feature.feature_type   'SUBJECT OF INVESTIGATION' 
_pdbx_entity_instance_feature.details        ? 
# 
loop_
_pdbx_nonpoly_scheme.asym_id 
_pdbx_nonpoly_scheme.entity_id 
_pdbx_nonpoly_scheme.mon_id 
_pdbx_nonpoly_scheme.ndb_seq_num 
_pdbx_nonpoly_scheme.pdb_seq_num 
_pdbx_nonpoly_scheme.auth_seq_num 
_pdbx_nonpoly_scheme.pdb_mon_id 
_pdbx_nonpoly_scheme.auth_mon_id 
_pdbx_nonpoly_scheme.pdb_strand_id 
_pdbx_nonpoly_scheme.pdb_ins_code 
B 2 ZN 1 301 225 ZN ZN A . 
C 2 ZN 1 302 226 ZN ZN A . 
# 
_exptl.absorpt_coefficient_mu     ? 
_exptl.absorpt_correction_T_max   ? 
_exptl.absorpt_correction_T_min   ? 
_exptl.absorpt_correction_type    ? 
_exptl.absorpt_process_details    ? 
_exptl.entry_id                   9K8B 
_exptl.crystals_number            ? 
_exptl.details                    ? 
_exptl.method                     'ELECTRON MICROSCOPY' 
_exptl.method_details             ? 
# 
_struct.entry_id                     9K8B 
_struct.title                        'Cryo-EM structure of monomer of designed zinc-induced tetrahedron Cage-t32-Zn1-HEHE-34' 
_struct.pdbx_model_details           ? 
_struct.pdbx_formula_weight          ? 
_struct.pdbx_formula_weight_method   ? 
_struct.pdbx_model_type_details      ? 
_struct.pdbx_CASP_flag               N 
# 
_struct_keywords.entry_id        9K8B 
_struct_keywords.text            'Zinc-binding protein, METAL BINDING PROTEIN' 
_struct_keywords.pdbx_keywords   'METAL BINDING PROTEIN' 
# 
loop_
_struct_asym.id 
_struct_asym.pdbx_blank_PDB_chainid_flag 
_struct_asym.pdbx_modified 
_struct_asym.entity_id 
_struct_asym.details 
A N N 1 ? 
B N N 2 ? 
C N N 2 ? 
# 
_struct_ref.id                         1 
_struct_ref.db_name                    PDB 
_struct_ref.db_code                    9K8B 
_struct_ref.pdbx_db_accession          9K8B 
_struct_ref.pdbx_db_isoform            ? 
_struct_ref.entity_id                  1 
_struct_ref.pdbx_seq_one_letter_code   ? 
_struct_ref.pdbx_align_begin           1 
# 
_struct_ref_seq.align_id                      1 
_struct_ref_seq.ref_id                        1 
_struct_ref_seq.pdbx_PDB_id_code              9K8B 
_struct_ref_seq.pdbx_strand_id                A 
_struct_ref_seq.seq_align_beg                 1 
_struct_ref_seq.pdbx_seq_align_beg_ins_code   ? 
_struct_ref_seq.seq_align_end                 243 
_struct_ref_seq.pdbx_seq_align_end_ins_code   ? 
_struct_ref_seq.pdbx_db_accession             9K8B 
_struct_ref_seq.db_align_beg                  -18 
_struct_ref_seq.pdbx_db_align_beg_ins_code    ? 
_struct_ref_seq.db_align_end                  224 
_struct_ref_seq.pdbx_db_align_end_ins_code    ? 
_struct_ref_seq.pdbx_auth_seq_align_beg       -18 
_struct_ref_seq.pdbx_auth_seq_align_end       224 
# 
_pdbx_struct_assembly.id                   1 
_pdbx_struct_assembly.details              author_defined_assembly 
_pdbx_struct_assembly.method_details       ? 
_pdbx_struct_assembly.oligomeric_details   monomeric 
_pdbx_struct_assembly.oligomeric_count     1 
# 
_pdbx_struct_assembly_gen.assembly_id       1 
_pdbx_struct_assembly_gen.oper_expression   1 
_pdbx_struct_assembly_gen.asym_id_list      A,B,C 
# 
_pdbx_struct_assembly_auth_evidence.id                     1 
_pdbx_struct_assembly_auth_evidence.assembly_id            1 
_pdbx_struct_assembly_auth_evidence.experimental_support   'electron microscopy' 
_pdbx_struct_assembly_auth_evidence.details                'not applicable' 
# 
_pdbx_struct_oper_list.id                   1 
_pdbx_struct_oper_list.type                 'identity operation' 
_pdbx_struct_oper_list.name                 1_555 
_pdbx_struct_oper_list.symmetry_operation   ? 
_pdbx_struct_oper_list.matrix[1][1]         1.0000000000 
_pdbx_struct_oper_list.matrix[1][2]         0.0000000000 
_pdbx_struct_oper_list.matrix[1][3]         0.0000000000 
_pdbx_struct_oper_list.vector[1]            0.0000000000 
_pdbx_struct_oper_list.matrix[2][1]         0.0000000000 
_pdbx_struct_oper_list.matrix[2][2]         1.0000000000 
_pdbx_struct_oper_list.matrix[2][3]         0.0000000000 
_pdbx_struct_oper_list.vector[2]            0.0000000000 
_pdbx_struct_oper_list.matrix[3][1]         0.0000000000 
_pdbx_struct_oper_list.matrix[3][2]         0.0000000000 
_pdbx_struct_oper_list.matrix[3][3]         1.0000000000 
_pdbx_struct_oper_list.vector[3]            0.0000000000 
# 
loop_
_struct_conf.conf_type_id 
_struct_conf.id 
_struct_conf.pdbx_PDB_helix_id 
_struct_conf.beg_label_comp_id 
_struct_conf.beg_label_asym_id 
_struct_conf.beg_label_seq_id 
_struct_conf.pdbx_beg_PDB_ins_code 
_struct_conf.end_label_comp_id 
_struct_conf.end_label_asym_id 
_struct_conf.end_label_seq_id 
_struct_conf.pdbx_end_PDB_ins_code 
_struct_conf.beg_auth_comp_id 
_struct_conf.beg_auth_asym_id 
_struct_conf.beg_auth_seq_id 
_struct_conf.end_auth_comp_id 
_struct_conf.end_auth_asym_id 
_struct_conf.end_auth_seq_id 
_struct_conf.pdbx_PDB_helix_class 
_struct_conf.details 
_struct_conf.pdbx_PDB_helix_length 
HELX_P HELX_P1  AA1 GLU A 26  ? LYS A 43  ? GLU A 7   LYS A 24  1 ? 18 
HELX_P HELX_P2  AA2 LYS A 46  ? LYS A 62  ? LYS A 27  LYS A 43  1 ? 17 
HELX_P HELX_P3  AA3 ALA A 68  ? GLU A 86  ? ALA A 49  GLU A 67  1 ? 19 
HELX_P HELX_P4  AA4 ALA A 92  ? ALA A 105 ? ALA A 73  ALA A 86  1 ? 14 
HELX_P HELX_P5  AA5 LYS A 113 ? GLY A 132 ? LYS A 94  GLY A 113 1 ? 20 
HELX_P HELX_P6  AA6 ASP A 133 ? GLU A 149 ? ASP A 114 GLU A 130 1 ? 17 
HELX_P HELX_P7  AA7 LEU A 157 ? GLU A 176 ? LEU A 138 GLU A 157 1 ? 20 
HELX_P HELX_P8  AA8 SER A 179 ? GLY A 198 ? SER A 160 GLY A 179 1 ? 20 
HELX_P HELX_P9  AA9 LYS A 200 ? ALA A 220 ? LYS A 181 ALA A 201 1 ? 21 
HELX_P HELX_P10 AB1 LEU A 225 ? LEU A 243 ? LEU A 206 LEU A 224 1 ? 19 
# 
_struct_conf_type.id          HELX_P 
_struct_conf_type.criteria    ? 
_struct_conf_type.reference   ? 
# 
loop_
_struct_conn.id 
_struct_conn.conn_type_id 
_struct_conn.pdbx_leaving_atom_flag 
_struct_conn.pdbx_PDB_id 
_struct_conn.ptnr1_label_asym_id 
_struct_conn.ptnr1_label_comp_id 
_struct_conn.ptnr1_label_seq_id 
_struct_conn.ptnr1_label_atom_id 
_struct_conn.pdbx_ptnr1_label_alt_id 
_struct_conn.pdbx_ptnr1_PDB_ins_code 
_struct_conn.pdbx_ptnr1_standard_comp_id 
_struct_conn.ptnr1_symmetry 
_struct_conn.ptnr2_label_asym_id 
_struct_conn.ptnr2_label_comp_id 
_struct_conn.ptnr2_label_seq_id 
_struct_conn.ptnr2_label_atom_id 
_struct_conn.pdbx_ptnr2_label_alt_id 
_struct_conn.pdbx_ptnr2_PDB_ins_code 
_struct_conn.ptnr1_auth_asym_id 
_struct_conn.ptnr1_auth_comp_id 
_struct_conn.ptnr1_auth_seq_id 
_struct_conn.ptnr2_auth_asym_id 
_struct_conn.ptnr2_auth_comp_id 
_struct_conn.ptnr2_auth_seq_id 
_struct_conn.ptnr2_symmetry 
_struct_conn.pdbx_ptnr3_label_atom_id 
_struct_conn.pdbx_ptnr3_label_seq_id 
_struct_conn.pdbx_ptnr3_label_comp_id 
_struct_conn.pdbx_ptnr3_label_asym_id 
_struct_conn.pdbx_ptnr3_label_alt_id 
_struct_conn.pdbx_ptnr3_PDB_ins_code 
_struct_conn.details 
_struct_conn.pdbx_dist_value 
_struct_conn.pdbx_value_order 
_struct_conn.pdbx_role 
metalc1 metalc ? ? A ASP 51  OD1 ? ? ? 1_555 B ZN . ZN ? ? A ASP 32  A ZN 301 1_555 ? ? ? ? ? ? ? 1.955 ? ? 
metalc2 metalc ? ? A HIS 77  NE2 ? ? ? 1_555 B ZN . ZN ? ? A HIS 58  A ZN 301 1_555 ? ? ? ? ? ? ? 2.111 ? ? 
metalc3 metalc ? ? A ASP 181 OD2 ? ? ? 1_555 C ZN . ZN ? ? A ASP 162 A ZN 302 1_555 ? ? ? ? ? ? ? 1.984 ? ? 
metalc4 metalc ? ? A HIS 185 NE2 ? ? ? 1_555 C ZN . ZN ? ? A HIS 166 A ZN 302 1_555 ? ? ? ? ? ? ? 2.102 ? ? 
# 
_struct_conn_type.id          metalc 
_struct_conn_type.criteria    ? 
_struct_conn_type.reference   ? 
# 
loop_
_pdbx_struct_conn_angle.id 
_pdbx_struct_conn_angle.ptnr1_label_atom_id 
_pdbx_struct_conn_angle.ptnr1_label_alt_id 
_pdbx_struct_conn_angle.ptnr1_label_asym_id 
_pdbx_struct_conn_angle.ptnr1_label_comp_id 
_pdbx_struct_conn_angle.ptnr1_label_seq_id 
_pdbx_struct_conn_angle.ptnr1_auth_atom_id 
_pdbx_struct_conn_angle.ptnr1_auth_asym_id 
_pdbx_struct_conn_angle.ptnr1_auth_comp_id 
_pdbx_struct_conn_angle.ptnr1_auth_seq_id 
_pdbx_struct_conn_angle.ptnr1_PDB_ins_code 
_pdbx_struct_conn_angle.ptnr1_symmetry 
_pdbx_struct_conn_angle.ptnr2_label_atom_id 
_pdbx_struct_conn_angle.ptnr2_label_alt_id 
_pdbx_struct_conn_angle.ptnr2_label_asym_id 
_pdbx_struct_conn_angle.ptnr2_label_comp_id 
_pdbx_struct_conn_angle.ptnr2_label_seq_id 
_pdbx_struct_conn_angle.ptnr2_auth_atom_id 
_pdbx_struct_conn_angle.ptnr2_auth_asym_id 
_pdbx_struct_conn_angle.ptnr2_auth_comp_id 
_pdbx_struct_conn_angle.ptnr2_auth_seq_id 
_pdbx_struct_conn_angle.ptnr2_PDB_ins_code 
_pdbx_struct_conn_angle.ptnr2_symmetry 
_pdbx_struct_conn_angle.ptnr3_label_atom_id 
_pdbx_struct_conn_angle.ptnr3_label_alt_id 
_pdbx_struct_conn_angle.ptnr3_label_asym_id 
_pdbx_struct_conn_angle.ptnr3_label_comp_id 
_pdbx_struct_conn_angle.ptnr3_label_seq_id 
_pdbx_struct_conn_angle.ptnr3_auth_atom_id 
_pdbx_struct_conn_angle.ptnr3_auth_asym_id 
_pdbx_struct_conn_angle.ptnr3_auth_comp_id 
_pdbx_struct_conn_angle.ptnr3_auth_seq_id 
_pdbx_struct_conn_angle.ptnr3_PDB_ins_code 
_pdbx_struct_conn_angle.ptnr3_symmetry 
_pdbx_struct_conn_angle.value 
_pdbx_struct_conn_angle.value_esd 
1 OD1 ? A ASP 51  ? A ASP 32  ? 1_555 ZN ? B ZN . ? A ZN 301 ? 1_555 NE2 ? A HIS 77  ? A HIS 58  ? 1_555 73.3 ? 
2 OD2 ? A ASP 181 ? A ASP 162 ? 1_555 ZN ? C ZN . ? A ZN 302 ? 1_555 NE2 ? A HIS 185 ? A HIS 166 ? 1_555 79.1 ? 
# 
_pdbx_entry_details.entry_id                   9K8B 
_pdbx_entry_details.nonpolymer_details         ? 
_pdbx_entry_details.sequence_details           ? 
_pdbx_entry_details.compound_details           ? 
_pdbx_entry_details.source_details             ? 
_pdbx_entry_details.has_ligand_of_interest     Y 
_pdbx_entry_details.has_protein_modification   N 
# 
_pdbx_validate_torsion.id              1 
_pdbx_validate_torsion.PDB_model_num   1 
_pdbx_validate_torsion.auth_comp_id    GLU 
_pdbx_validate_torsion.auth_asym_id    A 
_pdbx_validate_torsion.auth_seq_id     7 
_pdbx_validate_torsion.PDB_ins_code    ? 
_pdbx_validate_torsion.label_alt_id    ? 
_pdbx_validate_torsion.phi             77.65 
_pdbx_validate_torsion.psi             -95.84 
# 
_em_3d_fitting.id                1 
_em_3d_fitting.entry_id          9K8B 
_em_3d_fitting.method            ? 
_em_3d_fitting.target_criteria   ? 
_em_3d_fitting.details           ? 
_em_3d_fitting.overall_b_value   ? 
_em_3d_fitting.ref_space         ? 
_em_3d_fitting.ref_protocol      ? 
# 
_em_3d_reconstruction.entry_id                    9K8B 
_em_3d_reconstruction.id                          1 
_em_3d_reconstruction.method                      ? 
_em_3d_reconstruction.algorithm                   ? 
_em_3d_reconstruction.citation_id                 ? 
_em_3d_reconstruction.details                     ? 
_em_3d_reconstruction.resolution                  3.06 
_em_3d_reconstruction.resolution_method           'FSC 0.143 CUT-OFF' 
_em_3d_reconstruction.magnification_calibration   ? 
_em_3d_reconstruction.nominal_pixel_size          ? 
_em_3d_reconstruction.actual_pixel_size           ? 
_em_3d_reconstruction.num_particles               578620 
_em_3d_reconstruction.euler_angles_details        ? 
_em_3d_reconstruction.num_class_averages          ? 
_em_3d_reconstruction.refinement_type             ? 
_em_3d_reconstruction.image_processing_id         1 
_em_3d_reconstruction.symmetry_type               POINT 
# 
_em_buffer.id            1 
_em_buffer.specimen_id   1 
_em_buffer.name          ? 
_em_buffer.details       ? 
_em_buffer.pH            7 
# 
_em_entity_assembly.id                   1 
_em_entity_assembly.parent_id            0 
_em_entity_assembly.source               RECOMBINANT 
_em_entity_assembly.type                 COMPLEX 
_em_entity_assembly.name                 Cage-t32-Zn1-HEHE-34 
_em_entity_assembly.details              ? 
_em_entity_assembly.synonym              ? 
_em_entity_assembly.oligomeric_details   ? 
_em_entity_assembly.entity_id_list       1 
# 
_em_imaging.entry_id                        9K8B 
_em_imaging.id                              1 
_em_imaging.astigmatism                     ? 
_em_imaging.electron_beam_tilt_params       ? 
_em_imaging.residual_tilt                   ? 
_em_imaging.microscope_model                'TFS KRIOS' 
_em_imaging.specimen_holder_type            ? 
_em_imaging.specimen_holder_model           ? 
_em_imaging.details                         ? 
_em_imaging.date                            ? 
_em_imaging.accelerating_voltage            300 
_em_imaging.illumination_mode               'FLOOD BEAM' 
_em_imaging.mode                            'BRIGHT FIELD' 
_em_imaging.nominal_cs                      ? 
_em_imaging.nominal_defocus_min             1500 
_em_imaging.nominal_defocus_max             2000 
_em_imaging.calibrated_defocus_min          ? 
_em_imaging.calibrated_defocus_max          ? 
_em_imaging.tilt_angle_min                  ? 
_em_imaging.tilt_angle_max                  ? 
_em_imaging.nominal_magnification           ? 
_em_imaging.calibrated_magnification        ? 
_em_imaging.electron_source                 'FIELD EMISSION GUN' 
_em_imaging.citation_id                     ? 
_em_imaging.temperature                     ? 
_em_imaging.detector_distance               ? 
_em_imaging.recording_temperature_minimum   ? 
_em_imaging.recording_temperature_maximum   ? 
_em_imaging.alignment_procedure             ? 
_em_imaging.c2_aperture_diameter            ? 
_em_imaging.specimen_id                     1 
_em_imaging.cryogen                         ? 
# 
_em_vitrification.entry_id              9K8B 
_em_vitrification.id                    1 
_em_vitrification.specimen_id           1 
_em_vitrification.cryogen_name          ETHANE 
_em_vitrification.humidity              ? 
_em_vitrification.temp                  ? 
_em_vitrification.chamber_temperature   ? 
_em_vitrification.instrument            ? 
_em_vitrification.method                ? 
_em_vitrification.time_resolved_state   ? 
_em_vitrification.citation_id           ? 
_em_vitrification.details               ? 
# 
_em_experiment.entry_id                9K8B 
_em_experiment.id                      1 
_em_experiment.reconstruction_method   'SINGLE PARTICLE' 
_em_experiment.aggregation_state       PARTICLE 
_em_experiment.entity_assembly_id      1 
# 
loop_
_pdbx_unobs_or_zero_occ_residues.id 
_pdbx_unobs_or_zero_occ_residues.PDB_model_num 
_pdbx_unobs_or_zero_occ_residues.polymer_flag 
_pdbx_unobs_or_zero_occ_residues.occupancy_flag 
_pdbx_unobs_or_zero_occ_residues.auth_asym_id 
_pdbx_unobs_or_zero_occ_residues.auth_comp_id 
_pdbx_unobs_or_zero_occ_residues.auth_seq_id 
_pdbx_unobs_or_zero_occ_residues.PDB_ins_code 
_pdbx_unobs_or_zero_occ_residues.label_asym_id 
_pdbx_unobs_or_zero_occ_residues.label_comp_id 
_pdbx_unobs_or_zero_occ_residues.label_seq_id 
1  1 Y 1 A MET -18 ? A MET 1  
2  1 Y 1 A GLY -17 ? A GLY 2  
3  1 Y 1 A HIS -16 ? A HIS 3  
4  1 Y 1 A HIS -15 ? A HIS 4  
5  1 Y 1 A HIS -14 ? A HIS 5  
6  1 Y 1 A HIS -13 ? A HIS 6  
7  1 Y 1 A HIS -12 ? A HIS 7  
8  1 Y 1 A HIS -11 ? A HIS 8  
9  1 Y 1 A HIS -10 ? A HIS 9  
10 1 Y 1 A HIS -9  ? A HIS 10 
11 1 Y 1 A SER -8  ? A SER 11 
12 1 Y 1 A SER -7  ? A SER 12 
13 1 Y 1 A GLY -6  ? A GLY 13 
14 1 Y 1 A LEU -5  ? A LEU 14 
15 1 Y 1 A GLU -4  ? A GLU 15 
16 1 Y 1 A VAL -3  ? A VAL 16 
17 1 Y 1 A LEU -2  ? A LEU 17 
18 1 Y 1 A PHE -1  ? A PHE 18 
19 1 Y 1 A GLN 0   ? A GLN 19 
20 1 Y 1 A GLY 1   ? A GLY 20 
21 1 Y 1 A PRO 2   ? A PRO 21 
22 1 Y 1 A GLY 3   ? A GLY 22 
23 1 Y 1 A GLY 4   ? A GLY 23 
24 1 Y 1 A THR 5   ? A THR 24 
# 
loop_
_chem_comp_atom.comp_id 
_chem_comp_atom.atom_id 
_chem_comp_atom.type_symbol 
_chem_comp_atom.pdbx_aromatic_flag 
_chem_comp_atom.pdbx_stereo_config 
_chem_comp_atom.pdbx_ordinal 
ALA N    N  N N 1   
ALA CA   C  N S 2   
ALA C    C  N N 3   
ALA O    O  N N 4   
ALA CB   C  N N 5   
ALA OXT  O  N N 6   
ALA H    H  N N 7   
ALA H2   H  N N 8   
ALA HA   H  N N 9   
ALA HB1  H  N N 10  
ALA HB2  H  N N 11  
ALA HB3  H  N N 12  
ALA HXT  H  N N 13  
ARG N    N  N N 14  
ARG CA   C  N S 15  
ARG C    C  N N 16  
ARG O    O  N N 17  
ARG CB   C  N N 18  
ARG CG   C  N N 19  
ARG CD   C  N N 20  
ARG NE   N  N N 21  
ARG CZ   C  N N 22  
ARG NH1  N  N N 23  
ARG NH2  N  N N 24  
ARG OXT  O  N N 25  
ARG H    H  N N 26  
ARG H2   H  N N 27  
ARG HA   H  N N 28  
ARG HB2  H  N N 29  
ARG HB3  H  N N 30  
ARG HG2  H  N N 31  
ARG HG3  H  N N 32  
ARG HD2  H  N N 33  
ARG HD3  H  N N 34  
ARG HE   H  N N 35  
ARG HH11 H  N N 36  
ARG HH12 H  N N 37  
ARG HH21 H  N N 38  
ARG HH22 H  N N 39  
ARG HXT  H  N N 40  
ASN N    N  N N 41  
ASN CA   C  N S 42  
ASN C    C  N N 43  
ASN O    O  N N 44  
ASN CB   C  N N 45  
ASN CG   C  N N 46  
ASN OD1  O  N N 47  
ASN ND2  N  N N 48  
ASN OXT  O  N N 49  
ASN H    H  N N 50  
ASN H2   H  N N 51  
ASN HA   H  N N 52  
ASN HB2  H  N N 53  
ASN HB3  H  N N 54  
ASN HD21 H  N N 55  
ASN HD22 H  N N 56  
ASN HXT  H  N N 57  
ASP N    N  N N 58  
ASP CA   C  N S 59  
ASP C    C  N N 60  
ASP O    O  N N 61  
ASP CB   C  N N 62  
ASP CG   C  N N 63  
ASP OD1  O  N N 64  
ASP OD2  O  N N 65  
ASP OXT  O  N N 66  
ASP H    H  N N 67  
ASP H2   H  N N 68  
ASP HA   H  N N 69  
ASP HB2  H  N N 70  
ASP HB3  H  N N 71  
ASP HD2  H  N N 72  
ASP HXT  H  N N 73  
GLN N    N  N N 74  
GLN CA   C  N S 75  
GLN C    C  N N 76  
GLN O    O  N N 77  
GLN CB   C  N N 78  
GLN CG   C  N N 79  
GLN CD   C  N N 80  
GLN OE1  O  N N 81  
GLN NE2  N  N N 82  
GLN OXT  O  N N 83  
GLN H    H  N N 84  
GLN H2   H  N N 85  
GLN HA   H  N N 86  
GLN HB2  H  N N 87  
GLN HB3  H  N N 88  
GLN HG2  H  N N 89  
GLN HG3  H  N N 90  
GLN HE21 H  N N 91  
GLN HE22 H  N N 92  
GLN HXT  H  N N 93  
GLU N    N  N N 94  
GLU CA   C  N S 95  
GLU C    C  N N 96  
GLU O    O  N N 97  
GLU CB   C  N N 98  
GLU CG   C  N N 99  
GLU CD   C  N N 100 
GLU OE1  O  N N 101 
GLU OE2  O  N N 102 
GLU OXT  O  N N 103 
GLU H    H  N N 104 
GLU H2   H  N N 105 
GLU HA   H  N N 106 
GLU HB2  H  N N 107 
GLU HB3  H  N N 108 
GLU HG2  H  N N 109 
GLU HG3  H  N N 110 
GLU HE2  H  N N 111 
GLU HXT  H  N N 112 
GLY N    N  N N 113 
GLY CA   C  N N 114 
GLY C    C  N N 115 
GLY O    O  N N 116 
GLY OXT  O  N N 117 
GLY H    H  N N 118 
GLY H2   H  N N 119 
GLY HA2  H  N N 120 
GLY HA3  H  N N 121 
GLY HXT  H  N N 122 
HIS N    N  N N 123 
HIS CA   C  N S 124 
HIS C    C  N N 125 
HIS O    O  N N 126 
HIS CB   C  N N 127 
HIS CG   C  Y N 128 
HIS ND1  N  Y N 129 
HIS CD2  C  Y N 130 
HIS CE1  C  Y N 131 
HIS NE2  N  Y N 132 
HIS OXT  O  N N 133 
HIS H    H  N N 134 
HIS H2   H  N N 135 
HIS HA   H  N N 136 
HIS HB2  H  N N 137 
HIS HB3  H  N N 138 
HIS HD1  H  N N 139 
HIS HD2  H  N N 140 
HIS HE1  H  N N 141 
HIS HE2  H  N N 142 
HIS HXT  H  N N 143 
ILE N    N  N N 144 
ILE CA   C  N S 145 
ILE C    C  N N 146 
ILE O    O  N N 147 
ILE CB   C  N S 148 
ILE CG1  C  N N 149 
ILE CG2  C  N N 150 
ILE CD1  C  N N 151 
ILE OXT  O  N N 152 
ILE H    H  N N 153 
ILE H2   H  N N 154 
ILE HA   H  N N 155 
ILE HB   H  N N 156 
ILE HG12 H  N N 157 
ILE HG13 H  N N 158 
ILE HG21 H  N N 159 
ILE HG22 H  N N 160 
ILE HG23 H  N N 161 
ILE HD11 H  N N 162 
ILE HD12 H  N N 163 
ILE HD13 H  N N 164 
ILE HXT  H  N N 165 
LEU N    N  N N 166 
LEU CA   C  N S 167 
LEU C    C  N N 168 
LEU O    O  N N 169 
LEU CB   C  N N 170 
LEU CG   C  N N 171 
LEU CD1  C  N N 172 
LEU CD2  C  N N 173 
LEU OXT  O  N N 174 
LEU H    H  N N 175 
LEU H2   H  N N 176 
LEU HA   H  N N 177 
LEU HB2  H  N N 178 
LEU HB3  H  N N 179 
LEU HG   H  N N 180 
LEU HD11 H  N N 181 
LEU HD12 H  N N 182 
LEU HD13 H  N N 183 
LEU HD21 H  N N 184 
LEU HD22 H  N N 185 
LEU HD23 H  N N 186 
LEU HXT  H  N N 187 
LYS N    N  N N 188 
LYS CA   C  N S 189 
LYS C    C  N N 190 
LYS O    O  N N 191 
LYS CB   C  N N 192 
LYS CG   C  N N 193 
LYS CD   C  N N 194 
LYS CE   C  N N 195 
LYS NZ   N  N N 196 
LYS OXT  O  N N 197 
LYS H    H  N N 198 
LYS H2   H  N N 199 
LYS HA   H  N N 200 
LYS HB2  H  N N 201 
LYS HB3  H  N N 202 
LYS HG2  H  N N 203 
LYS HG3  H  N N 204 
LYS HD2  H  N N 205 
LYS HD3  H  N N 206 
LYS HE2  H  N N 207 
LYS HE3  H  N N 208 
LYS HZ1  H  N N 209 
LYS HZ2  H  N N 210 
LYS HZ3  H  N N 211 
LYS HXT  H  N N 212 
MET N    N  N N 213 
MET CA   C  N S 214 
MET C    C  N N 215 
MET O    O  N N 216 
MET CB   C  N N 217 
MET CG   C  N N 218 
MET SD   S  N N 219 
MET CE   C  N N 220 
MET OXT  O  N N 221 
MET H    H  N N 222 
MET H2   H  N N 223 
MET HA   H  N N 224 
MET HB2  H  N N 225 
MET HB3  H  N N 226 
MET HG2  H  N N 227 
MET HG3  H  N N 228 
MET HE1  H  N N 229 
MET HE2  H  N N 230 
MET HE3  H  N N 231 
MET HXT  H  N N 232 
PHE N    N  N N 233 
PHE CA   C  N S 234 
PHE C    C  N N 235 
PHE O    O  N N 236 
PHE CB   C  N N 237 
PHE CG   C  Y N 238 
PHE CD1  C  Y N 239 
PHE CD2  C  Y N 240 
PHE CE1  C  Y N 241 
PHE CE2  C  Y N 242 
PHE CZ   C  Y N 243 
PHE OXT  O  N N 244 
PHE H    H  N N 245 
PHE H2   H  N N 246 
PHE HA   H  N N 247 
PHE HB2  H  N N 248 
PHE HB3  H  N N 249 
PHE HD1  H  N N 250 
PHE HD2  H  N N 251 
PHE HE1  H  N N 252 
PHE HE2  H  N N 253 
PHE HZ   H  N N 254 
PHE HXT  H  N N 255 
PRO N    N  N N 256 
PRO CA   C  N S 257 
PRO C    C  N N 258 
PRO O    O  N N 259 
PRO CB   C  N N 260 
PRO CG   C  N N 261 
PRO CD   C  N N 262 
PRO OXT  O  N N 263 
PRO H    H  N N 264 
PRO HA   H  N N 265 
PRO HB2  H  N N 266 
PRO HB3  H  N N 267 
PRO HG2  H  N N 268 
PRO HG3  H  N N 269 
PRO HD2  H  N N 270 
PRO HD3  H  N N 271 
PRO HXT  H  N N 272 
SER N    N  N N 273 
SER CA   C  N S 274 
SER C    C  N N 275 
SER O    O  N N 276 
SER CB   C  N N 277 
SER OG   O  N N 278 
SER OXT  O  N N 279 
SER H    H  N N 280 
SER H2   H  N N 281 
SER HA   H  N N 282 
SER HB2  H  N N 283 
SER HB3  H  N N 284 
SER HG   H  N N 285 
SER HXT  H  N N 286 
THR N    N  N N 287 
THR CA   C  N S 288 
THR C    C  N N 289 
THR O    O  N N 290 
THR CB   C  N R 291 
THR OG1  O  N N 292 
THR CG2  C  N N 293 
THR OXT  O  N N 294 
THR H    H  N N 295 
THR H2   H  N N 296 
THR HA   H  N N 297 
THR HB   H  N N 298 
THR HG1  H  N N 299 
THR HG21 H  N N 300 
THR HG22 H  N N 301 
THR HG23 H  N N 302 
THR HXT  H  N N 303 
TRP N    N  N N 304 
TRP CA   C  N S 305 
TRP C    C  N N 306 
TRP O    O  N N 307 
TRP CB   C  N N 308 
TRP CG   C  Y N 309 
TRP CD1  C  Y N 310 
TRP CD2  C  Y N 311 
TRP NE1  N  Y N 312 
TRP CE2  C  Y N 313 
TRP CE3  C  Y N 314 
TRP CZ2  C  Y N 315 
TRP CZ3  C  Y N 316 
TRP CH2  C  Y N 317 
TRP OXT  O  N N 318 
TRP H    H  N N 319 
TRP H2   H  N N 320 
TRP HA   H  N N 321 
TRP HB2  H  N N 322 
TRP HB3  H  N N 323 
TRP HD1  H  N N 324 
TRP HE1  H  N N 325 
TRP HE3  H  N N 326 
TRP HZ2  H  N N 327 
TRP HZ3  H  N N 328 
TRP HH2  H  N N 329 
TRP HXT  H  N N 330 
TYR N    N  N N 331 
TYR CA   C  N S 332 
TYR C    C  N N 333 
TYR O    O  N N 334 
TYR CB   C  N N 335 
TYR CG   C  Y N 336 
TYR CD1  C  Y N 337 
TYR CD2  C  Y N 338 
TYR CE1  C  Y N 339 
TYR CE2  C  Y N 340 
TYR CZ   C  Y N 341 
TYR OH   O  N N 342 
TYR OXT  O  N N 343 
TYR H    H  N N 344 
TYR H2   H  N N 345 
TYR HA   H  N N 346 
TYR HB2  H  N N 347 
TYR HB3  H  N N 348 
TYR HD1  H  N N 349 
TYR HD2  H  N N 350 
TYR HE1  H  N N 351 
TYR HE2  H  N N 352 
TYR HH   H  N N 353 
TYR HXT  H  N N 354 
VAL N    N  N N 355 
VAL CA   C  N S 356 
VAL C    C  N N 357 
VAL O    O  N N 358 
VAL CB   C  N N 359 
VAL CG1  C  N N 360 
VAL CG2  C  N N 361 
VAL OXT  O  N N 362 
VAL H    H  N N 363 
VAL H2   H  N N 364 
VAL HA   H  N N 365 
VAL HB   H  N N 366 
VAL HG11 H  N N 367 
VAL HG12 H  N N 368 
VAL HG13 H  N N 369 
VAL HG21 H  N N 370 
VAL HG22 H  N N 371 
VAL HG23 H  N N 372 
VAL HXT  H  N N 373 
ZN  ZN   ZN N N 374 
# 
loop_
_chem_comp_bond.comp_id 
_chem_comp_bond.atom_id_1 
_chem_comp_bond.atom_id_2 
_chem_comp_bond.value_order 
_chem_comp_bond.pdbx_aromatic_flag 
_chem_comp_bond.pdbx_stereo_config 
_chem_comp_bond.pdbx_ordinal 
ALA N   CA   sing N N 1   
ALA N   H    sing N N 2   
ALA N   H2   sing N N 3   
ALA CA  C    sing N N 4   
ALA CA  CB   sing N N 5   
ALA CA  HA   sing N N 6   
ALA C   O    doub N N 7   
ALA C   OXT  sing N N 8   
ALA CB  HB1  sing N N 9   
ALA CB  HB2  sing N N 10  
ALA CB  HB3  sing N N 11  
ALA OXT HXT  sing N N 12  
ARG N   CA   sing N N 13  
ARG N   H    sing N N 14  
ARG N   H2   sing N N 15  
ARG CA  C    sing N N 16  
ARG CA  CB   sing N N 17  
ARG CA  HA   sing N N 18  
ARG C   O    doub N N 19  
ARG C   OXT  sing N N 20  
ARG CB  CG   sing N N 21  
ARG CB  HB2  sing N N 22  
ARG CB  HB3  sing N N 23  
ARG CG  CD   sing N N 24  
ARG CG  HG2  sing N N 25  
ARG CG  HG3  sing N N 26  
ARG CD  NE   sing N N 27  
ARG CD  HD2  sing N N 28  
ARG CD  HD3  sing N N 29  
ARG NE  CZ   sing N N 30  
ARG NE  HE   sing N N 31  
ARG CZ  NH1  sing N N 32  
ARG CZ  NH2  doub N N 33  
ARG NH1 HH11 sing N N 34  
ARG NH1 HH12 sing N N 35  
ARG NH2 HH21 sing N N 36  
ARG NH2 HH22 sing N N 37  
ARG OXT HXT  sing N N 38  
ASN N   CA   sing N N 39  
ASN N   H    sing N N 40  
ASN N   H2   sing N N 41  
ASN CA  C    sing N N 42  
ASN CA  CB   sing N N 43  
ASN CA  HA   sing N N 44  
ASN C   O    doub N N 45  
ASN C   OXT  sing N N 46  
ASN CB  CG   sing N N 47  
ASN CB  HB2  sing N N 48  
ASN CB  HB3  sing N N 49  
ASN CG  OD1  doub N N 50  
ASN CG  ND2  sing N N 51  
ASN ND2 HD21 sing N N 52  
ASN ND2 HD22 sing N N 53  
ASN OXT HXT  sing N N 54  
ASP N   CA   sing N N 55  
ASP N   H    sing N N 56  
ASP N   H2   sing N N 57  
ASP CA  C    sing N N 58  
ASP CA  CB   sing N N 59  
ASP CA  HA   sing N N 60  
ASP C   O    doub N N 61  
ASP C   OXT  sing N N 62  
ASP CB  CG   sing N N 63  
ASP CB  HB2  sing N N 64  
ASP CB  HB3  sing N N 65  
ASP CG  OD1  doub N N 66  
ASP CG  OD2  sing N N 67  
ASP OD2 HD2  sing N N 68  
ASP OXT HXT  sing N N 69  
GLN N   CA   sing N N 70  
GLN N   H    sing N N 71  
GLN N   H2   sing N N 72  
GLN CA  C    sing N N 73  
GLN CA  CB   sing N N 74  
GLN CA  HA   sing N N 75  
GLN C   O    doub N N 76  
GLN C   OXT  sing N N 77  
GLN CB  CG   sing N N 78  
GLN CB  HB2  sing N N 79  
GLN CB  HB3  sing N N 80  
GLN CG  CD   sing N N 81  
GLN CG  HG2  sing N N 82  
GLN CG  HG3  sing N N 83  
GLN CD  OE1  doub N N 84  
GLN CD  NE2  sing N N 85  
GLN NE2 HE21 sing N N 86  
GLN NE2 HE22 sing N N 87  
GLN OXT HXT  sing N N 88  
GLU N   CA   sing N N 89  
GLU N   H    sing N N 90  
GLU N   H2   sing N N 91  
GLU CA  C    sing N N 92  
GLU CA  CB   sing N N 93  
GLU CA  HA   sing N N 94  
GLU C   O    doub N N 95  
GLU C   OXT  sing N N 96  
GLU CB  CG   sing N N 97  
GLU CB  HB2  sing N N 98  
GLU CB  HB3  sing N N 99  
GLU CG  CD   sing N N 100 
GLU CG  HG2  sing N N 101 
GLU CG  HG3  sing N N 102 
GLU CD  OE1  doub N N 103 
GLU CD  OE2  sing N N 104 
GLU OE2 HE2  sing N N 105 
GLU OXT HXT  sing N N 106 
GLY N   CA   sing N N 107 
GLY N   H    sing N N 108 
GLY N   H2   sing N N 109 
GLY CA  C    sing N N 110 
GLY CA  HA2  sing N N 111 
GLY CA  HA3  sing N N 112 
GLY C   O    doub N N 113 
GLY C   OXT  sing N N 114 
GLY OXT HXT  sing N N 115 
HIS N   CA   sing N N 116 
HIS N   H    sing N N 117 
HIS N   H2   sing N N 118 
HIS CA  C    sing N N 119 
HIS CA  CB   sing N N 120 
HIS CA  HA   sing N N 121 
HIS C   O    doub N N 122 
HIS C   OXT  sing N N 123 
HIS CB  CG   sing N N 124 
HIS CB  HB2  sing N N 125 
HIS CB  HB3  sing N N 126 
HIS CG  ND1  sing Y N 127 
HIS CG  CD2  doub Y N 128 
HIS ND1 CE1  doub Y N 129 
HIS ND1 HD1  sing N N 130 
HIS CD2 NE2  sing Y N 131 
HIS CD2 HD2  sing N N 132 
HIS CE1 NE2  sing Y N 133 
HIS CE1 HE1  sing N N 134 
HIS NE2 HE2  sing N N 135 
HIS OXT HXT  sing N N 136 
ILE N   CA   sing N N 137 
ILE N   H    sing N N 138 
ILE N   H2   sing N N 139 
ILE CA  C    sing N N 140 
ILE CA  CB   sing N N 141 
ILE CA  HA   sing N N 142 
ILE C   O    doub N N 143 
ILE C   OXT  sing N N 144 
ILE CB  CG1  sing N N 145 
ILE CB  CG2  sing N N 146 
ILE CB  HB   sing N N 147 
ILE CG1 CD1  sing N N 148 
ILE CG1 HG12 sing N N 149 
ILE CG1 HG13 sing N N 150 
ILE CG2 HG21 sing N N 151 
ILE CG2 HG22 sing N N 152 
ILE CG2 HG23 sing N N 153 
ILE CD1 HD11 sing N N 154 
ILE CD1 HD12 sing N N 155 
ILE CD1 HD13 sing N N 156 
ILE OXT HXT  sing N N 157 
LEU N   CA   sing N N 158 
LEU N   H    sing N N 159 
LEU N   H2   sing N N 160 
LEU CA  C    sing N N 161 
LEU CA  CB   sing N N 162 
LEU CA  HA   sing N N 163 
LEU C   O    doub N N 164 
LEU C   OXT  sing N N 165 
LEU CB  CG   sing N N 166 
LEU CB  HB2  sing N N 167 
LEU CB  HB3  sing N N 168 
LEU CG  CD1  sing N N 169 
LEU CG  CD2  sing N N 170 
LEU CG  HG   sing N N 171 
LEU CD1 HD11 sing N N 172 
LEU CD1 HD12 sing N N 173 
LEU CD1 HD13 sing N N 174 
LEU CD2 HD21 sing N N 175 
LEU CD2 HD22 sing N N 176 
LEU CD2 HD23 sing N N 177 
LEU OXT HXT  sing N N 178 
LYS N   CA   sing N N 179 
LYS N   H    sing N N 180 
LYS N   H2   sing N N 181 
LYS CA  C    sing N N 182 
LYS CA  CB   sing N N 183 
LYS CA  HA   sing N N 184 
LYS C   O    doub N N 185 
LYS C   OXT  sing N N 186 
LYS CB  CG   sing N N 187 
LYS CB  HB2  sing N N 188 
LYS CB  HB3  sing N N 189 
LYS CG  CD   sing N N 190 
LYS CG  HG2  sing N N 191 
LYS CG  HG3  sing N N 192 
LYS CD  CE   sing N N 193 
LYS CD  HD2  sing N N 194 
LYS CD  HD3  sing N N 195 
LYS CE  NZ   sing N N 196 
LYS CE  HE2  sing N N 197 
LYS CE  HE3  sing N N 198 
LYS NZ  HZ1  sing N N 199 
LYS NZ  HZ2  sing N N 200 
LYS NZ  HZ3  sing N N 201 
LYS OXT HXT  sing N N 202 
MET N   CA   sing N N 203 
MET N   H    sing N N 204 
MET N   H2   sing N N 205 
MET CA  C    sing N N 206 
MET CA  CB   sing N N 207 
MET CA  HA   sing N N 208 
MET C   O    doub N N 209 
MET C   OXT  sing N N 210 
MET CB  CG   sing N N 211 
MET CB  HB2  sing N N 212 
MET CB  HB3  sing N N 213 
MET CG  SD   sing N N 214 
MET CG  HG2  sing N N 215 
MET CG  HG3  sing N N 216 
MET SD  CE   sing N N 217 
MET CE  HE1  sing N N 218 
MET CE  HE2  sing N N 219 
MET CE  HE3  sing N N 220 
MET OXT HXT  sing N N 221 
PHE N   CA   sing N N 222 
PHE N   H    sing N N 223 
PHE N   H2   sing N N 224 
PHE CA  C    sing N N 225 
PHE CA  CB   sing N N 226 
PHE CA  HA   sing N N 227 
PHE C   O    doub N N 228 
PHE C   OXT  sing N N 229 
PHE CB  CG   sing N N 230 
PHE CB  HB2  sing N N 231 
PHE CB  HB3  sing N N 232 
PHE CG  CD1  doub Y N 233 
PHE CG  CD2  sing Y N 234 
PHE CD1 CE1  sing Y N 235 
PHE CD1 HD1  sing N N 236 
PHE CD2 CE2  doub Y N 237 
PHE CD2 HD2  sing N N 238 
PHE CE1 CZ   doub Y N 239 
PHE CE1 HE1  sing N N 240 
PHE CE2 CZ   sing Y N 241 
PHE CE2 HE2  sing N N 242 
PHE CZ  HZ   sing N N 243 
PHE OXT HXT  sing N N 244 
PRO N   CA   sing N N 245 
PRO N   CD   sing N N 246 
PRO N   H    sing N N 247 
PRO CA  C    sing N N 248 
PRO CA  CB   sing N N 249 
PRO CA  HA   sing N N 250 
PRO C   O    doub N N 251 
PRO C   OXT  sing N N 252 
PRO CB  CG   sing N N 253 
PRO CB  HB2  sing N N 254 
PRO CB  HB3  sing N N 255 
PRO CG  CD   sing N N 256 
PRO CG  HG2  sing N N 257 
PRO CG  HG3  sing N N 258 
PRO CD  HD2  sing N N 259 
PRO CD  HD3  sing N N 260 
PRO OXT HXT  sing N N 261 
SER N   CA   sing N N 262 
SER N   H    sing N N 263 
SER N   H2   sing N N 264 
SER CA  C    sing N N 265 
SER CA  CB   sing N N 266 
SER CA  HA   sing N N 267 
SER C   O    doub N N 268 
SER C   OXT  sing N N 269 
SER CB  OG   sing N N 270 
SER CB  HB2  sing N N 271 
SER CB  HB3  sing N N 272 
SER OG  HG   sing N N 273 
SER OXT HXT  sing N N 274 
THR N   CA   sing N N 275 
THR N   H    sing N N 276 
THR N   H2   sing N N 277 
THR CA  C    sing N N 278 
THR CA  CB   sing N N 279 
THR CA  HA   sing N N 280 
THR C   O    doub N N 281 
THR C   OXT  sing N N 282 
THR CB  OG1  sing N N 283 
THR CB  CG2  sing N N 284 
THR CB  HB   sing N N 285 
THR OG1 HG1  sing N N 286 
THR CG2 HG21 sing N N 287 
THR CG2 HG22 sing N N 288 
THR CG2 HG23 sing N N 289 
THR OXT HXT  sing N N 290 
TRP N   CA   sing N N 291 
TRP N   H    sing N N 292 
TRP N   H2   sing N N 293 
TRP CA  C    sing N N 294 
TRP CA  CB   sing N N 295 
TRP CA  HA   sing N N 296 
TRP C   O    doub N N 297 
TRP C   OXT  sing N N 298 
TRP CB  CG   sing N N 299 
TRP CB  HB2  sing N N 300 
TRP CB  HB3  sing N N 301 
TRP CG  CD1  doub Y N 302 
TRP CG  CD2  sing Y N 303 
TRP CD1 NE1  sing Y N 304 
TRP CD1 HD1  sing N N 305 
TRP CD2 CE2  doub Y N 306 
TRP CD2 CE3  sing Y N 307 
TRP NE1 CE2  sing Y N 308 
TRP NE1 HE1  sing N N 309 
TRP CE2 CZ2  sing Y N 310 
TRP CE3 CZ3  doub Y N 311 
TRP CE3 HE3  sing N N 312 
TRP CZ2 CH2  doub Y N 313 
TRP CZ2 HZ2  sing N N 314 
TRP CZ3 CH2  sing Y N 315 
TRP CZ3 HZ3  sing N N 316 
TRP CH2 HH2  sing N N 317 
TRP OXT HXT  sing N N 318 
TYR N   CA   sing N N 319 
TYR N   H    sing N N 320 
TYR N   H2   sing N N 321 
TYR CA  C    sing N N 322 
TYR CA  CB   sing N N 323 
TYR CA  HA   sing N N 324 
TYR C   O    doub N N 325 
TYR C   OXT  sing N N 326 
TYR CB  CG   sing N N 327 
TYR CB  HB2  sing N N 328 
TYR CB  HB3  sing N N 329 
TYR CG  CD1  doub Y N 330 
TYR CG  CD2  sing Y N 331 
TYR CD1 CE1  sing Y N 332 
TYR CD1 HD1  sing N N 333 
TYR CD2 CE2  doub Y N 334 
TYR CD2 HD2  sing N N 335 
TYR CE1 CZ   doub Y N 336 
TYR CE1 HE1  sing N N 337 
TYR CE2 CZ   sing Y N 338 
TYR CE2 HE2  sing N N 339 
TYR CZ  OH   sing N N 340 
TYR OH  HH   sing N N 341 
TYR OXT HXT  sing N N 342 
VAL N   CA   sing N N 343 
VAL N   H    sing N N 344 
VAL N   H2   sing N N 345 
VAL CA  C    sing N N 346 
VAL CA  CB   sing N N 347 
VAL CA  HA   sing N N 348 
VAL C   O    doub N N 349 
VAL C   OXT  sing N N 350 
VAL CB  CG1  sing N N 351 
VAL CB  CG2  sing N N 352 
VAL CB  HB   sing N N 353 
VAL CG1 HG11 sing N N 354 
VAL CG1 HG12 sing N N 355 
VAL CG1 HG13 sing N N 356 
VAL CG2 HG21 sing N N 357 
VAL CG2 HG22 sing N N 358 
VAL CG2 HG23 sing N N 359 
VAL OXT HXT  sing N N 360 
# 
_em_admin.current_status     REL 
_em_admin.deposition_date    2024-10-24 
_em_admin.deposition_site    PDBJ 
_em_admin.entry_id           9K8B 
_em_admin.last_update        2025-10-29 
_em_admin.map_release_date   2025-10-29 
_em_admin.title              'Cryo-EM structure of monomer of designed zinc-induced tetrahedron Cage-t32-Zn1-HEHE-34' 
# 
_em_ctf_correction.details                  ? 
_em_ctf_correction.em_image_processing_id   1 
_em_ctf_correction.id                       1 
_em_ctf_correction.type                     'PHASE FLIPPING AND AMPLITUDE CORRECTION' 
# 
_em_entity_assembly_molwt.entity_assembly_id   1 
_em_entity_assembly_molwt.experimental_flag    YES 
_em_entity_assembly_molwt.id                   1 
_em_entity_assembly_molwt.units                MEGADALTONS 
_em_entity_assembly_molwt.value                0.3 
# 
_em_entity_assembly_naturalsource.cell                 ? 
_em_entity_assembly_naturalsource.cellular_location    ? 
_em_entity_assembly_naturalsource.entity_assembly_id   1 
_em_entity_assembly_naturalsource.id                   2 
_em_entity_assembly_naturalsource.ncbi_tax_id          562 
_em_entity_assembly_naturalsource.organism             'Escherichia coli' 
_em_entity_assembly_naturalsource.organelle            ? 
_em_entity_assembly_naturalsource.organ                ? 
_em_entity_assembly_naturalsource.strain               ? 
_em_entity_assembly_naturalsource.tissue               ? 
_em_entity_assembly_naturalsource.details              ? 
# 
_em_entity_assembly_recombinant.cell                 ? 
_em_entity_assembly_recombinant.entity_assembly_id   1 
_em_entity_assembly_recombinant.id                   2 
_em_entity_assembly_recombinant.ncbi_tax_id          562 
_em_entity_assembly_recombinant.organism             'Escherichia coli' 
_em_entity_assembly_recombinant.plasmid              ? 
_em_entity_assembly_recombinant.strain               ? 
# 
_em_image_processing.details              ? 
_em_image_processing.id                   1 
_em_image_processing.image_recording_id   1 
# 
_em_image_recording.average_exposure_time               ? 
_em_image_recording.avg_electron_dose_per_subtomogram   ? 
_em_image_recording.avg_electron_dose_per_image         50 
_em_image_recording.details                             ? 
_em_image_recording.detector_mode                       ? 
_em_image_recording.film_or_detector_model              'GATAN K3 (6k x 4k)' 
_em_image_recording.id                                  1 
_em_image_recording.imaging_id                          1 
_em_image_recording.num_diffraction_images              ? 
_em_image_recording.num_grids_imaged                    ? 
_em_image_recording.num_real_images                     ? 
# 
loop_
_em_software.category 
_em_software.details 
_em_software.id 
_em_software.image_processing_id 
_em_software.fitting_id 
_em_software.imaging_id 
_em_software.name 
_em_software.version 
'PARTICLE SELECTION'       ? 1  1 ? ? ? ? 
'IMAGE ACQUISITION'        ? 2  ? ? 1 ? ? 
MASKING                    ? 3  ? ? ? ? ? 
'CTF CORRECTION'           ? 4  1 ? ? ? ? 
'LAYERLINE INDEXING'       ? 5  ? ? ? ? ? 
'DIFFRACTION INDEXING'     ? 6  ? ? ? ? ? 
'MODEL FITTING'            ? 7  ? ? ? ? ? 
'MODEL REFINEMENT'         ? 8  ? ? ? ? ? 
OTHER                      ? 9  ? ? ? ? ? 
'INITIAL EULER ASSIGNMENT' ? 10 1 ? ? ? ? 
'FINAL EULER ASSIGNMENT'   ? 11 1 ? ? ? ? 
CLASSIFICATION             ? 12 1 ? ? ? ? 
RECONSTRUCTION             ? 13 1 ? ? ? ? 
# 
_em_specimen.concentration           ? 
_em_specimen.details                 ? 
_em_specimen.embedding_applied       NO 
_em_specimen.experiment_id           1 
_em_specimen.id                      1 
_em_specimen.shadowing_applied       NO 
_em_specimen.staining_applied        NO 
_em_specimen.vitrification_applied   YES 
# 
_pdbx_audit_support.funding_organization   'Ministry of Science and Technology (MoST, China)' 
_pdbx_audit_support.country                China 
_pdbx_audit_support.grant_number           ? 
_pdbx_audit_support.ordinal                1 
# 
_atom_sites.entry_id                    9K8B 
_atom_sites.Cartn_transf_matrix[1][1]   ? 
_atom_sites.Cartn_transf_matrix[1][2]   ? 
_atom_sites.Cartn_transf_matrix[1][3]   ? 
_atom_sites.Cartn_transf_matrix[2][1]   ? 
_atom_sites.Cartn_transf_matrix[2][2]   ? 
_atom_sites.Cartn_transf_matrix[2][3]   ? 
_atom_sites.Cartn_transf_matrix[3][1]   ? 
_atom_sites.Cartn_transf_matrix[3][2]   ? 
_atom_sites.Cartn_transf_matrix[3][3]   ? 
_atom_sites.Cartn_transf_vector[1]      ? 
_atom_sites.Cartn_transf_vector[2]      ? 
_atom_sites.Cartn_transf_vector[3]      ? 
_atom_sites.Cartn_transform_axes        ? 
_atom_sites.fract_transf_matrix[1][1]   1.000000 
_atom_sites.fract_transf_matrix[1][2]   0.000000 
_atom_sites.fract_transf_matrix[1][3]   0.000000 
_atom_sites.fract_transf_matrix[2][1]   0.000000 
_atom_sites.fract_transf_matrix[2][2]   1.000000 
_atom_sites.fract_transf_matrix[2][3]   0.000000 
_atom_sites.fract_transf_matrix[3][1]   0.000000 
_atom_sites.fract_transf_matrix[3][2]   0.000000 
_atom_sites.fract_transf_matrix[3][3]   1.000000 
_atom_sites.fract_transf_vector[1]      0.00000 
_atom_sites.fract_transf_vector[2]      0.00000 
_atom_sites.fract_transf_vector[3]      0.00000 
_atom_sites.solution_primary            ? 
_atom_sites.solution_secondary          ? 
_atom_sites.solution_hydrogens          ? 
_atom_sites.special_details             ? 
# 
loop_
_atom_type.symbol 
C  
N  
O  
S  
ZN 
# 
loop_
_atom_site.group_PDB 
_atom_site.id 
_atom_site.type_symbol 
_atom_site.label_atom_id 
_atom_site.label_alt_id 
_atom_site.label_comp_id 
_atom_site.label_asym_id 
_atom_site.label_entity_id 
_atom_site.label_seq_id 
_atom_site.pdbx_PDB_ins_code 
_atom_site.Cartn_x 
_atom_site.Cartn_y 
_atom_site.Cartn_z 
_atom_site.occupancy 
_atom_site.B_iso_or_equiv 
_atom_site.pdbx_formal_charge 
_atom_site.auth_seq_id 
_atom_site.auth_comp_id 
_atom_site.auth_asym_id 
_atom_site.auth_atom_id 
_atom_site.pdbx_PDB_model_num 
ATOM   1    N  N   . MET A 1 25  ? -3.285  3.024   -27.961 1.00 30.61 ? 6   MET A N   1 
ATOM   2    C  CA  . MET A 1 25  ? -1.917  3.028   -28.152 1.00 34.12 ? 6   MET A CA  1 
ATOM   3    C  C   . MET A 1 25  ? -1.392  4.146   -28.874 1.00 37.01 ? 6   MET A C   1 
ATOM   4    O  O   . MET A 1 25  ? -2.004  5.179   -28.823 1.00 37.05 ? 6   MET A O   1 
ATOM   5    C  CB  . MET A 1 25  ? -1.322  1.750   -28.703 1.00 36.40 ? 6   MET A CB  1 
ATOM   6    C  CG  . MET A 1 25  ? -0.485  0.986   -27.719 1.00 35.37 ? 6   MET A CG  1 
ATOM   7    S  SD  . MET A 1 25  ? 0.434   -0.261  -28.601 1.00 41.58 ? 6   MET A SD  1 
ATOM   8    C  CE  . MET A 1 25  ? -0.721  -1.619  -28.569 1.00 35.76 ? 6   MET A CE  1 
ATOM   9    N  N   . GLU A 1 26  ? -0.240  3.920   -29.515 1.00 34.47 ? 7   GLU A N   1 
ATOM   10   C  CA  . GLU A 1 26  ? 0.546   5.040   -30.038 1.00 25.82 ? 7   GLU A CA  1 
ATOM   11   C  C   . GLU A 1 26  ? 1.304   5.715   -28.904 1.00 29.65 ? 7   GLU A C   1 
ATOM   12   O  O   . GLU A 1 26  ? 2.393   5.270   -28.534 1.00 37.75 ? 7   GLU A O   1 
ATOM   13   C  CB  . GLU A 1 26  ? -0.320  6.048   -30.800 1.00 30.38 ? 7   GLU A CB  1 
ATOM   14   C  CG  . GLU A 1 26  ? -0.521  5.722   -32.279 1.00 32.76 ? 7   GLU A CG  1 
ATOM   15   C  CD  . GLU A 1 26  ? 0.779   5.681   -33.066 1.00 35.30 ? 7   GLU A CD  1 
ATOM   16   O  OE1 . GLU A 1 26  ? 1.419   4.610   -33.112 1.00 35.63 ? 7   GLU A OE1 1 
ATOM   17   O  OE2 . GLU A 1 26  ? 1.152   6.720   -33.646 1.00 34.73 ? 7   GLU A OE2 1 
ATOM   18   N  N   . LYS A 1 27  ? 0.741   6.792   -28.345 1.00 26.42 ? 8   LYS A N   1 
ATOM   19   C  CA  . LYS A 1 27  ? 1.410   7.477   -27.243 1.00 25.49 ? 8   LYS A CA  1 
ATOM   20   C  C   . LYS A 1 27  ? 1.515   6.595   -26.004 1.00 23.19 ? 8   LYS A C   1 
ATOM   21   O  O   . LYS A 1 27  ? 2.554   6.592   -25.336 1.00 20.51 ? 8   LYS A O   1 
ATOM   22   C  CB  . LYS A 1 27  ? 0.686   8.777   -26.906 1.00 22.81 ? 8   LYS A CB  1 
ATOM   23   C  CG  . LYS A 1 27  ? 1.056   9.939   -27.815 1.00 27.48 ? 8   LYS A CG  1 
ATOM   24   C  CD  . LYS A 1 27  ? 0.108   11.109  -27.628 1.00 30.97 ? 8   LYS A CD  1 
ATOM   25   C  CE  . LYS A 1 27  ? -0.050  11.911  -28.908 1.00 25.35 ? 8   LYS A CE  1 
ATOM   26   N  NZ  . LYS A 1 27  ? -0.949  11.227  -29.878 1.00 18.84 ? 8   LYS A NZ  1 
ATOM   27   N  N   . LEU A 1 28  ? 0.459   5.845   -25.684 1.00 19.10 ? 9   LEU A N   1 
ATOM   28   C  CA  . LEU A 1 28  ? 0.482   4.973   -24.518 1.00 16.32 ? 9   LEU A CA  1 
ATOM   29   C  C   . LEU A 1 28  ? 1.486   3.834   -24.656 1.00 15.81 ? 9   LEU A C   1 
ATOM   30   O  O   . LEU A 1 28  ? 2.106   3.444   -23.660 1.00 18.47 ? 9   LEU A O   1 
ATOM   31   C  CB  . LEU A 1 28  ? -0.917  4.420   -24.251 1.00 12.93 ? 9   LEU A CB  1 
ATOM   32   C  CG  . LEU A 1 28  ? -1.673  5.082   -23.097 1.00 8.24  ? 9   LEU A CG  1 
ATOM   33   C  CD1 . LEU A 1 28  ? -1.854  6.558   -23.365 1.00 15.72 ? 9   LEU A CD1 1 
ATOM   34   C  CD2 . LEU A 1 28  ? -3.019  4.422   -22.883 1.00 13.32 ? 9   LEU A CD2 1 
ATOM   35   N  N   . LYS A 1 29  ? 1.683   3.306   -25.859 1.00 10.88 ? 10  LYS A N   1 
ATOM   36   C  CA  . LYS A 1 29  ? 2.746   2.334   -26.051 1.00 12.37 ? 10  LYS A CA  1 
ATOM   37   C  C   . LYS A 1 29  ? 4.131   2.950   -25.937 1.00 15.17 ? 10  LYS A C   1 
ATOM   38   O  O   . LYS A 1 29  ? 5.055   2.285   -25.453 1.00 21.25 ? 10  LYS A O   1 
ATOM   39   C  CB  . LYS A 1 29  ? 2.613   1.646   -27.407 1.00 17.44 ? 10  LYS A CB  1 
ATOM   40   C  CG  . LYS A 1 29  ? 3.436   0.382   -27.491 1.00 19.53 ? 10  LYS A CG  1 
ATOM   41   C  CD  . LYS A 1 29  ? 3.078   -0.545  -26.344 1.00 19.61 ? 10  LYS A CD  1 
ATOM   42   C  CE  . LYS A 1 29  ? 4.170   -1.559  -26.082 1.00 19.41 ? 10  LYS A CE  1 
ATOM   43   N  NZ  . LYS A 1 29  ? 3.689   -2.678  -25.223 1.00 20.71 ? 10  LYS A NZ  1 
ATOM   44   N  N   . GLU A 1 30  ? 4.299   4.205   -26.364 1.00 9.60  ? 11  GLU A N   1 
ATOM   45   C  CA  . GLU A 1 30  ? 5.550   4.910   -26.111 1.00 6.25  ? 11  GLU A CA  1 
ATOM   46   C  C   . GLU A 1 30  ? 5.798   5.037   -24.615 1.00 11.55 ? 11  GLU A C   1 
ATOM   47   O  O   . GLU A 1 30  ? 6.921   4.844   -24.138 1.00 22.91 ? 11  GLU A O   1 
ATOM   48   C  CB  . GLU A 1 30  ? 5.519   6.287   -26.770 1.00 13.33 ? 11  GLU A CB  1 
ATOM   49   C  CG  . GLU A 1 30  ? 6.133   6.342   -28.162 1.00 12.53 ? 11  GLU A CG  1 
ATOM   50   C  CD  . GLU A 1 30  ? 6.772   7.690   -28.471 1.00 18.86 ? 11  GLU A CD  1 
ATOM   51   O  OE1 . GLU A 1 30  ? 6.060   8.589   -28.963 1.00 15.47 ? 11  GLU A OE1 1 
ATOM   52   O  OE2 . GLU A 1 30  ? 7.987   7.847   -28.225 1.00 9.81  ? 11  GLU A OE2 1 
ATOM   53   N  N   . ILE A 1 31  ? 4.746   5.356   -23.859 1.00 5.38  ? 12  ILE A N   1 
ATOM   54   C  CA  . ILE A 1 31  ? 4.863   5.459   -22.406 1.00 0.00  ? 12  ILE A CA  1 
ATOM   55   C  C   . ILE A 1 31  ? 5.294   4.125   -21.810 1.00 2.74  ? 12  ILE A C   1 
ATOM   56   O  O   . ILE A 1 31  ? 6.180   4.065   -20.952 1.00 19.81 ? 12  ILE A O   1 
ATOM   57   C  CB  . ILE A 1 31  ? 3.533   5.944   -21.800 1.00 0.00  ? 12  ILE A CB  1 
ATOM   58   C  CG1 . ILE A 1 31  ? 3.300   7.414   -22.137 1.00 0.00  ? 12  ILE A CG1 1 
ATOM   59   C  CG2 . ILE A 1 31  ? 3.515   5.723   -20.307 1.00 4.63  ? 12  ILE A CG2 1 
ATOM   60   C  CD1 . ILE A 1 31  ? 1.867   7.838   -22.015 1.00 9.38  ? 12  ILE A CD1 1 
ATOM   61   N  N   . VAL A 1 32  ? 4.679   3.035   -22.266 1.00 9.22  ? 13  VAL A N   1 
ATOM   62   C  CA  . VAL A 1 32  ? 5.034   1.714   -21.750 1.00 6.69  ? 13  VAL A CA  1 
ATOM   63   C  C   . VAL A 1 32  ? 6.490   1.382   -22.073 1.00 8.89  ? 13  VAL A C   1 
ATOM   64   O  O   . VAL A 1 32  ? 7.220   0.848   -21.228 1.00 16.75 ? 13  VAL A O   1 
ATOM   65   C  CB  . VAL A 1 32  ? 4.072   0.646   -22.295 1.00 2.03  ? 13  VAL A CB  1 
ATOM   66   C  CG1 . VAL A 1 32  ? 4.558   -0.740  -21.929 1.00 5.13  ? 13  VAL A CG1 1 
ATOM   67   C  CG2 . VAL A 1 32  ? 2.684   0.874   -21.748 1.00 2.38  ? 13  VAL A CG2 1 
ATOM   68   N  N   . LYS A 1 33  ? 6.934   1.685   -23.295 1.00 0.20  ? 14  LYS A N   1 
ATOM   69   C  CA  . LYS A 1 33  ? 8.317   1.402   -23.670 1.00 1.64  ? 14  LYS A CA  1 
ATOM   70   C  C   . LYS A 1 33  ? 9.301   2.198   -22.819 1.00 15.65 ? 14  LYS A C   1 
ATOM   71   O  O   . LYS A 1 33  ? 10.328  1.668   -22.367 1.00 23.40 ? 14  LYS A O   1 
ATOM   72   C  CB  . LYS A 1 33  ? 8.522   1.692   -25.156 1.00 8.13  ? 14  LYS A CB  1 
ATOM   73   C  CG  . LYS A 1 33  ? 8.824   0.452   -25.977 1.00 19.81 ? 14  LYS A CG  1 
ATOM   74   C  CD  . LYS A 1 33  ? 7.682   -0.548  -25.895 1.00 18.33 ? 14  LYS A CD  1 
ATOM   75   C  CE  . LYS A 1 33  ? 8.194   -1.976  -25.961 1.00 16.26 ? 14  LYS A CE  1 
ATOM   76   N  NZ  . LYS A 1 33  ? 7.096   -2.969  -25.831 1.00 11.87 ? 14  LYS A NZ  1 
ATOM   77   N  N   . HIS A 1 34  ? 9.001   3.478   -22.581 1.00 14.82 ? 15  HIS A N   1 
ATOM   78   C  CA  . HIS A 1 34  ? 9.856   4.274   -21.709 1.00 1.61  ? 15  HIS A CA  1 
ATOM   79   C  C   . HIS A 1 34  ? 9.873   3.725   -20.290 1.00 3.78  ? 15  HIS A C   1 
ATOM   80   O  O   . HIS A 1 34  ? 10.905  3.782   -19.616 1.00 6.74  ? 15  HIS A O   1 
ATOM   81   C  CB  . HIS A 1 34  ? 9.403   5.729   -21.711 1.00 0.00  ? 15  HIS A CB  1 
ATOM   82   C  CG  . HIS A 1 34  ? 9.632   6.419   -23.016 1.00 2.02  ? 15  HIS A CG  1 
ATOM   83   N  ND1 . HIS A 1 34  ? 9.024   7.613   -23.342 1.00 2.19  ? 15  HIS A ND1 1 
ATOM   84   C  CD2 . HIS A 1 34  ? 10.392  6.077   -24.081 1.00 9.82  ? 15  HIS A CD2 1 
ATOM   85   C  CE1 . HIS A 1 34  ? 9.414   7.978   -24.551 1.00 13.87 ? 15  HIS A CE1 1 
ATOM   86   N  NE2 . HIS A 1 34  ? 10.239  7.065   -25.022 1.00 16.57 ? 15  HIS A NE2 1 
ATOM   87   N  N   . LEU A 1 35  ? 8.746   3.193   -19.818 1.00 5.48  ? 16  LEU A N   1 
ATOM   88   C  CA  . LEU A 1 35  ? 8.734   2.584   -18.492 1.00 0.19  ? 16  LEU A CA  1 
ATOM   89   C  C   . LEU A 1 35  ? 9.591   1.323   -18.450 1.00 0.35  ? 16  LEU A C   1 
ATOM   90   O  O   . LEU A 1 35  ? 10.255  1.054   -17.443 1.00 10.41 ? 16  LEU A O   1 
ATOM   91   C  CB  . LEU A 1 35  ? 7.298   2.299   -18.063 1.00 0.00  ? 16  LEU A CB  1 
ATOM   92   C  CG  . LEU A 1 35  ? 6.498   3.574   -17.808 1.00 0.00  ? 16  LEU A CG  1 
ATOM   93   C  CD1 . LEU A 1 35  ? 5.045   3.266   -17.548 1.00 5.93  ? 16  LEU A CD1 1 
ATOM   94   C  CD2 . LEU A 1 35  ? 7.090   4.352   -16.656 1.00 0.00  ? 16  LEU A CD2 1 
ATOM   95   N  N   . GLU A 1 36  ? 9.593   0.536   -19.530 1.00 0.00  ? 17  GLU A N   1 
ATOM   96   C  CA  . GLU A 1 36  ? 10.535  -0.581  -19.599 1.00 0.00  ? 17  GLU A CA  1 
ATOM   97   C  C   . GLU A 1 36  ? 11.976  -0.090  -19.498 1.00 3.38  ? 17  GLU A C   1 
ATOM   98   O  O   . GLU A 1 36  ? 12.796  -0.696  -18.796 1.00 12.84 ? 17  GLU A O   1 
ATOM   99   C  CB  . GLU A 1 36  ? 10.363  -1.394  -20.885 1.00 2.64  ? 17  GLU A CB  1 
ATOM   100  C  CG  . GLU A 1 36  ? 9.529   -2.671  -20.756 1.00 14.22 ? 17  GLU A CG  1 
ATOM   101  C  CD  . GLU A 1 36  ? 8.072   -2.499  -21.108 1.00 16.01 ? 17  GLU A CD  1 
ATOM   102  O  OE1 . GLU A 1 36  ? 7.247   -3.317  -20.650 1.00 12.14 ? 17  GLU A OE1 1 
ATOM   103  O  OE2 . GLU A 1 36  ? 7.752   -1.579  -21.880 1.00 15.07 ? 17  GLU A OE2 1 
ATOM   104  N  N   . VAL A 1 37  ? 12.301  0.998   -20.198 1.00 14.27 ? 18  VAL A N   1 
ATOM   105  C  CA  . VAL A 1 37  ? 13.660  1.545   -20.126 1.00 3.81  ? 18  VAL A CA  1 
ATOM   106  C  C   . VAL A 1 37  ? 13.989  1.976   -18.699 1.00 9.29  ? 18  VAL A C   1 
ATOM   107  O  O   . VAL A 1 37  ? 15.091  1.724   -18.193 1.00 12.24 ? 18  VAL A O   1 
ATOM   108  C  CB  . VAL A 1 37  ? 13.832  2.709   -21.116 1.00 0.00  ? 18  VAL A CB  1 
ATOM   109  C  CG1 . VAL A 1 37  ? 15.288  3.107   -21.200 1.00 4.30  ? 18  VAL A CG1 1 
ATOM   110  C  CG2 . VAL A 1 37  ? 13.335  2.317   -22.485 1.00 7.43  ? 18  VAL A CG2 1 
ATOM   111  N  N   . ALA A 1 38  ? 13.043  2.640   -18.034 1.00 6.74  ? 19  ALA A N   1 
ATOM   112  C  CA  . ALA A 1 38  ? 13.268  3.115   -16.674 1.00 0.00  ? 19  ALA A CA  1 
ATOM   113  C  C   . ALA A 1 38  ? 13.506  1.959   -15.713 1.00 0.00  ? 19  ALA A C   1 
ATOM   114  O  O   . ALA A 1 38  ? 14.380  2.030   -14.844 1.00 5.84  ? 19  ALA A O   1 
ATOM   115  C  CB  . ALA A 1 38  ? 12.083  3.964   -16.211 1.00 0.00  ? 19  ALA A CB  1 
ATOM   116  N  N   . ILE A 1 39  ? 12.727  0.884   -15.847 1.00 10.32 ? 20  ILE A N   1 
ATOM   117  C  CA  . ILE A 1 39  ? 12.925  -0.280  -14.983 1.00 6.67  ? 20  ILE A CA  1 
ATOM   118  C  C   . ILE A 1 39  ? 14.273  -0.931  -15.261 1.00 10.13 ? 20  ILE A C   1 
ATOM   119  O  O   . ILE A 1 39  ? 14.957  -1.389  -14.337 1.00 17.02 ? 20  ILE A O   1 
ATOM   120  C  CB  . ILE A 1 39  ? 11.768  -1.279  -15.144 1.00 0.26  ? 20  ILE A CB  1 
ATOM   121  C  CG1 . ILE A 1 39  ? 10.472  -0.671  -14.626 1.00 0.00  ? 20  ILE A CG1 1 
ATOM   122  C  CG2 . ILE A 1 39  ? 12.065  -2.563  -14.402 1.00 4.51  ? 20  ILE A CG2 1 
ATOM   123  C  CD1 . ILE A 1 39  ? 9.256   -1.121  -15.367 1.00 5.10  ? 20  ILE A CD1 1 
ATOM   124  N  N   . LYS A 1 40  ? 14.677  -0.990  -16.533 1.00 3.50  ? 21  LYS A N   1 
ATOM   125  C  CA  . LYS A 1 40  ? 15.990  -1.542  -16.853 1.00 2.24  ? 21  LYS A CA  1 
ATOM   126  C  C   . LYS A 1 40  ? 17.095  -0.733  -16.191 1.00 13.03 ? 21  LYS A C   1 
ATOM   127  O  O   . LYS A 1 40  ? 18.041  -1.293  -15.628 1.00 19.39 ? 21  LYS A O   1 
ATOM   128  C  CB  . LYS A 1 40  ? 16.197  -1.584  -18.365 1.00 9.76  ? 21  LYS A CB  1 
ATOM   129  C  CG  . LYS A 1 40  ? 17.602  -1.987  -18.770 1.00 13.07 ? 21  LYS A CG  1 
ATOM   130  C  CD  . LYS A 1 40  ? 17.758  -2.030  -20.276 1.00 15.50 ? 21  LYS A CD  1 
ATOM   131  C  CE  . LYS A 1 40  ? 17.233  -0.760  -20.923 1.00 14.81 ? 21  LYS A CE  1 
ATOM   132  N  NZ  . LYS A 1 40  ? 18.167  0.381   -20.729 1.00 13.78 ? 21  LYS A NZ  1 
ATOM   133  N  N   . TYR A 1 41  ? 16.986  0.595   -16.247 1.00 13.66 ? 22  TYR A N   1 
ATOM   134  C  CA  . TYR A 1 41  ? 17.960  1.460   -15.591 1.00 6.68  ? 22  TYR A CA  1 
ATOM   135  C  C   . TYR A 1 41  ? 17.960  1.312   -14.078 1.00 7.87  ? 22  TYR A C   1 
ATOM   136  O  O   . TYR A 1 41  ? 19.035  1.325   -13.473 1.00 7.41  ? 22  TYR A O   1 
ATOM   137  C  CB  . TYR A 1 41  ? 17.699  2.920   -15.961 1.00 9.39  ? 22  TYR A CB  1 
ATOM   138  C  CG  . TYR A 1 41  ? 18.338  3.345   -17.258 1.00 7.89  ? 22  TYR A CG  1 
ATOM   139  C  CD1 . TYR A 1 41  ? 19.622  2.945   -17.582 1.00 10.18 ? 22  TYR A CD1 1 
ATOM   140  C  CD2 . TYR A 1 41  ? 17.659  4.150   -18.157 1.00 3.90  ? 22  TYR A CD2 1 
ATOM   141  C  CE1 . TYR A 1 41  ? 20.212  3.331   -18.760 1.00 11.98 ? 22  TYR A CE1 1 
ATOM   142  C  CE2 . TYR A 1 41  ? 18.239  4.542   -19.340 1.00 10.46 ? 22  TYR A CE2 1 
ATOM   143  C  CZ  . TYR A 1 41  ? 19.518  4.128   -19.637 1.00 17.56 ? 22  TYR A CZ  1 
ATOM   144  O  OH  . TYR A 1 41  ? 20.108  4.514   -20.817 1.00 21.57 ? 22  TYR A OH  1 
ATOM   145  N  N   . LEU A 1 42  ? 16.791  1.180   -13.456 1.00 11.16 ? 23  LEU A N   1 
ATOM   146  C  CA  . LEU A 1 42  ? 16.693  0.999   -12.014 1.00 7.13  ? 23  LEU A CA  1 
ATOM   147  C  C   . LEU A 1 42  ? 17.262  -0.327  -11.541 1.00 12.15 ? 23  LEU A C   1 
ATOM   148  O  O   . LEU A 1 42  ? 17.855  -0.381  -10.461 1.00 18.06 ? 23  LEU A O   1 
ATOM   149  C  CB  . LEU A 1 42  ? 15.236  1.090   -11.562 1.00 3.00  ? 23  LEU A CB  1 
ATOM   150  C  CG  . LEU A 1 42  ? 14.651  2.486   -11.386 1.00 1.99  ? 23  LEU A CG  1 
ATOM   151  C  CD1 . LEU A 1 42  ? 13.153  2.406   -11.538 1.00 3.98  ? 23  LEU A CD1 1 
ATOM   152  C  CD2 . LEU A 1 42  ? 15.032  3.081   -10.049 1.00 0.00  ? 23  LEU A CD2 1 
ATOM   153  N  N   . LYS A 1 43  ? 17.090  -1.397  -12.312 1.00 10.47 ? 24  LYS A N   1 
ATOM   154  C  CA  . LYS A 1 43  ? 17.619  -2.703  -11.943 1.00 12.44 ? 24  LYS A CA  1 
ATOM   155  C  C   . LYS A 1 43  ? 19.125  -2.815  -12.142 1.00 18.46 ? 24  LYS A C   1 
ATOM   156  O  O   . LYS A 1 43  ? 19.672  -3.912  -12.006 1.00 23.73 ? 24  LYS A O   1 
ATOM   157  C  CB  . LYS A 1 43  ? 16.915  -3.806  -12.736 1.00 7.75  ? 24  LYS A CB  1 
ATOM   158  C  CG  . LYS A 1 43  ? 15.429  -3.924  -12.459 1.00 19.26 ? 24  LYS A CG  1 
ATOM   159  C  CD  . LYS A 1 43  ? 14.805  -5.038  -13.276 1.00 13.65 ? 24  LYS A CD  1 
ATOM   160  C  CE  . LYS A 1 43  ? 14.513  -6.249  -12.412 1.00 15.42 ? 24  LYS A CE  1 
ATOM   161  N  NZ  . LYS A 1 43  ? 14.363  -5.881  -10.978 1.00 16.27 ? 24  LYS A NZ  1 
ATOM   162  N  N   . GLU A 1 44  ? 19.807  -1.707  -12.463 1.00 17.73 ? 25  GLU A N   1 
ATOM   163  C  CA  . GLU A 1 44  ? 21.257  -1.758  -12.614 1.00 15.58 ? 25  GLU A CA  1 
ATOM   164  C  C   . GLU A 1 44  ? 21.968  -0.602  -11.915 1.00 20.07 ? 25  GLU A C   1 
ATOM   165  O  O   . GLU A 1 44  ? 23.172  -0.421  -12.128 1.00 24.19 ? 25  GLU A O   1 
ATOM   166  C  CB  . GLU A 1 44  ? 21.647  -1.784  -14.099 1.00 12.20 ? 25  GLU A CB  1 
ATOM   167  C  CG  . GLU A 1 44  ? 21.379  -0.487  -14.838 1.00 16.36 ? 25  GLU A CG  1 
ATOM   168  C  CD  . GLU A 1 44  ? 21.387  -0.667  -16.341 1.00 24.89 ? 25  GLU A CD  1 
ATOM   169  O  OE1 . GLU A 1 44  ? 21.368  -1.828  -16.802 1.00 25.17 ? 25  GLU A OE1 1 
ATOM   170  O  OE2 . GLU A 1 44  ? 21.414  0.350   -17.065 1.00 26.42 ? 25  GLU A OE2 1 
ATOM   171  N  N   . GLY A 1 45  ? 21.271  0.185   -11.098 1.00 17.52 ? 26  GLY A N   1 
ATOM   172  C  CA  . GLY A 1 45  ? 21.930  1.181   -10.279 1.00 17.33 ? 26  GLY A CA  1 
ATOM   173  C  C   . GLY A 1 45  ? 21.594  2.623   -10.592 1.00 16.72 ? 26  GLY A C   1 
ATOM   174  O  O   . GLY A 1 45  ? 21.458  3.439   -9.678  1.00 17.56 ? 26  GLY A O   1 
ATOM   175  N  N   . LYS A 1 46  ? 21.457  2.954   -11.872 1.00 10.80 ? 27  LYS A N   1 
ATOM   176  C  CA  . LYS A 1 46  ? 21.299  4.342   -12.301 1.00 10.40 ? 27  LYS A CA  1 
ATOM   177  C  C   . LYS A 1 46  ? 19.919  4.853   -11.900 1.00 9.60  ? 27  LYS A C   1 
ATOM   178  O  O   . LYS A 1 46  ? 18.911  4.516   -12.521 1.00 12.67 ? 27  LYS A O   1 
ATOM   179  C  CB  . LYS A 1 46  ? 21.516  4.458   -13.804 1.00 14.07 ? 27  LYS A CB  1 
ATOM   180  C  CG  . LYS A 1 46  ? 22.420  3.385   -14.374 1.00 13.62 ? 27  LYS A CG  1 
ATOM   181  C  CD  . LYS A 1 46  ? 22.949  3.779   -15.737 1.00 13.95 ? 27  LYS A CD  1 
ATOM   182  C  CE  . LYS A 1 46  ? 24.168  2.954   -16.113 1.00 19.00 ? 27  LYS A CE  1 
ATOM   183  N  NZ  . LYS A 1 46  ? 25.061  3.681   -17.060 1.00 18.31 ? 27  LYS A NZ  1 
ATOM   184  N  N   . VAL A 1 47  ? 19.876  5.691   -10.858 1.00 11.53 ? 28  VAL A N   1 
ATOM   185  C  CA  . VAL A 1 47  ? 18.629  6.303   -10.416 1.00 4.00  ? 28  VAL A CA  1 
ATOM   186  C  C   . VAL A 1 47  ? 18.341  7.611   -11.136 1.00 14.94 ? 28  VAL A C   1 
ATOM   187  O  O   . VAL A 1 47  ? 17.169  7.960   -11.330 1.00 13.09 ? 28  VAL A O   1 
ATOM   188  C  CB  . VAL A 1 47  ? 18.663  6.553   -8.893  1.00 1.19  ? 28  VAL A CB  1 
ATOM   189  C  CG1 . VAL A 1 47  ? 17.341  7.119   -8.409  1.00 8.08  ? 28  VAL A CG1 1 
ATOM   190  C  CG2 . VAL A 1 47  ? 19.014  5.283   -8.155  1.00 12.71 ? 28  VAL A CG2 1 
ATOM   191  N  N   . ASP A 1 48  ? 19.377  8.337   -11.554 1.00 14.10 ? 29  ASP A N   1 
ATOM   192  C  CA  . ASP A 1 48  ? 19.246  9.644   -12.183 1.00 5.25  ? 29  ASP A CA  1 
ATOM   193  C  C   . ASP A 1 48  ? 18.722  9.581   -13.611 1.00 9.65  ? 29  ASP A C   1 
ATOM   194  O  O   . ASP A 1 48  ? 17.988  10.480  -14.029 1.00 17.38 ? 29  ASP A O   1 
ATOM   195  C  CB  . ASP A 1 48  ? 20.599  10.361  -12.164 1.00 8.12  ? 29  ASP A CB  1 
ATOM   196  C  CG  . ASP A 1 48  ? 21.753  9.430   -12.481 1.00 19.89 ? 29  ASP A CG  1 
ATOM   197  O  OD1 . ASP A 1 48  ? 21.886  9.015   -13.651 1.00 19.65 ? 29  ASP A OD1 1 
ATOM   198  O  OD2 . ASP A 1 48  ? 22.524  9.102   -11.556 1.00 17.02 ? 29  ASP A OD2 1 
ATOM   199  N  N   . LEU A 1 49  ? 19.085  8.550   -14.375 1.00 6.92  ? 30  LEU A N   1 
ATOM   200  C  CA  . LEU A 1 49  ? 18.566  8.413   -15.733 1.00 3.14  ? 30  LEU A CA  1 
ATOM   201  C  C   . LEU A 1 49  ? 17.134  7.897   -15.746 1.00 11.14 ? 30  LEU A C   1 
ATOM   202  O  O   . LEU A 1 49  ? 16.347  8.282   -16.618 1.00 14.26 ? 30  LEU A O   1 
ATOM   203  C  CB  . LEU A 1 49  ? 19.475  7.498   -16.548 1.00 6.54  ? 30  LEU A CB  1 
ATOM   204  C  CG  . LEU A 1 49  ? 20.612  8.184   -17.303 1.00 10.21 ? 30  LEU A CG  1 
ATOM   205  C  CD1 . LEU A 1 49  ? 21.686  7.189   -17.684 1.00 12.28 ? 30  LEU A CD1 1 
ATOM   206  C  CD2 . LEU A 1 49  ? 20.078  8.881   -18.538 1.00 11.34 ? 30  LEU A CD2 1 
ATOM   207  N  N   . ALA A 1 50  ? 16.779  7.023   -14.801 1.00 5.92  ? 31  ALA A N   1 
ATOM   208  C  CA  . ALA A 1 50  ? 15.401  6.553   -14.696 1.00 0.00  ? 31  ALA A CA  1 
ATOM   209  C  C   . ALA A 1 50  ? 14.452  7.702   -14.384 1.00 2.44  ? 31  ALA A C   1 
ATOM   210  O  O   . ALA A 1 50  ? 13.330  7.749   -14.899 1.00 11.55 ? 31  ALA A O   1 
ATOM   211  C  CB  . ALA A 1 50  ? 15.303  5.467   -13.632 1.00 0.00  ? 31  ALA A CB  1 
ATOM   212  N  N   . ASP A 1 51  ? 14.888  8.636   -13.537 1.00 0.00  ? 32  ASP A N   1 
ATOM   213  C  CA  . ASP A 1 51  ? 14.088  9.820   -13.251 1.00 0.00  ? 32  ASP A CA  1 
ATOM   214  C  C   . ASP A 1 51  ? 13.815  10.618  -14.519 1.00 6.69  ? 32  ASP A C   1 
ATOM   215  O  O   . ASP A 1 51  ? 12.679  11.031  -14.773 1.00 11.72 ? 32  ASP A O   1 
ATOM   216  C  CB  . ASP A 1 51  ? 14.816  10.681  -12.216 1.00 0.98  ? 32  ASP A CB  1 
ATOM   217  C  CG  . ASP A 1 51  ? 13.918  11.708  -11.564 1.00 15.59 ? 32  ASP A CG  1 
ATOM   218  O  OD1 . ASP A 1 51  ? 13.482  12.656  -12.247 1.00 15.62 ? 32  ASP A OD1 1 
ATOM   219  O  OD2 . ASP A 1 51  ? 13.650  11.572  -10.354 1.00 25.72 ? 32  ASP A OD2 1 
ATOM   220  N  N   . LEU A 1 52  ? 14.849  10.829  -15.337 1.00 3.60  ? 33  LEU A N   1 
ATOM   221  C  CA  . LEU A 1 52  ? 14.683  11.591  -16.569 1.00 0.00  ? 33  LEU A CA  1 
ATOM   222  C  C   . LEU A 1 52  ? 13.769  10.866  -17.548 1.00 0.00  ? 33  LEU A C   1 
ATOM   223  O  O   . LEU A 1 52  ? 12.941  11.492  -18.219 1.00 13.48 ? 33  LEU A O   1 
ATOM   224  C  CB  . LEU A 1 52  ? 16.047  11.851  -17.198 1.00 3.81  ? 33  LEU A CB  1 
ATOM   225  C  CG  . LEU A 1 52  ? 16.827  13.052  -16.660 1.00 0.00  ? 33  LEU A CG  1 
ATOM   226  C  CD1 . LEU A 1 52  ? 18.283  12.977  -17.075 1.00 0.00  ? 33  LEU A CD1 1 
ATOM   227  C  CD2 . LEU A 1 52  ? 16.195  14.338  -17.144 1.00 0.00  ? 33  LEU A CD2 1 
ATOM   228  N  N   . VAL A 1 53  ? 13.906  9.542   -17.638 1.00 3.24  ? 34  VAL A N   1 
ATOM   229  C  CA  . VAL A 1 53  ? 13.066  8.757   -18.535 1.00 0.00  ? 34  VAL A CA  1 
ATOM   230  C  C   . VAL A 1 53  ? 11.601  8.849   -18.119 1.00 0.00  ? 34  VAL A C   1 
ATOM   231  O  O   . VAL A 1 53  ? 10.706  8.999   -18.963 1.00 0.64  ? 34  VAL A O   1 
ATOM   232  C  CB  . VAL A 1 53  ? 13.560  7.300   -18.569 1.00 0.00  ? 34  VAL A CB  1 
ATOM   233  C  CG1 . VAL A 1 53  ? 12.473  6.397   -19.058 1.00 0.37  ? 34  VAL A CG1 1 
ATOM   234  C  CG2 . VAL A 1 53  ? 14.788  7.176   -19.440 1.00 0.00  ? 34  VAL A CG2 1 
ATOM   235  N  N   . VAL A 1 54  ? 11.329  8.764   -16.814 1.00 8.77  ? 35  VAL A N   1 
ATOM   236  C  CA  . VAL A 1 54  ? 9.954   8.890   -16.334 1.00 5.23  ? 35  VAL A CA  1 
ATOM   237  C  C   . VAL A 1 54  ? 9.426   10.304  -16.557 1.00 9.65  ? 35  VAL A C   1 
ATOM   238  O  O   . VAL A 1 54  ? 8.232   10.499  -16.809 1.00 13.28 ? 35  VAL A O   1 
ATOM   239  C  CB  . VAL A 1 54  ? 9.855   8.467   -14.856 1.00 0.00  ? 35  VAL A CB  1 
ATOM   240  C  CG1 . VAL A 1 54  ? 8.442   8.644   -14.353 1.00 0.00  ? 35  VAL A CG1 1 
ATOM   241  C  CG2 . VAL A 1 54  ? 10.266  7.022   -14.702 1.00 0.00  ? 35  VAL A CG2 1 
ATOM   242  N  N   . ALA A 1 55  ? 10.296  11.313  -16.465 1.00 0.00  ? 36  ALA A N   1 
ATOM   243  C  CA  . ALA A 1 55  ? 9.871   12.671  -16.802 1.00 0.00  ? 36  ALA A CA  1 
ATOM   244  C  C   . ALA A 1 55  ? 9.470   12.777  -18.269 1.00 6.19  ? 36  ALA A C   1 
ATOM   245  O  O   . ALA A 1 55  ? 8.484   13.443  -18.611 1.00 21.66 ? 36  ALA A O   1 
ATOM   246  C  CB  . ALA A 1 55  ? 10.984  13.660  -16.480 1.00 0.00  ? 36  ALA A CB  1 
ATOM   247  N  N   . ASP A 1 56  ? 10.235  12.130  -19.156 1.00 10.76 ? 37  ASP A N   1 
ATOM   248  C  CA  . ASP A 1 56  ? 9.861   12.069  -20.569 1.00 0.00  ? 37  ASP A CA  1 
ATOM   249  C  C   . ASP A 1 56  ? 8.504   11.397  -20.749 1.00 3.94  ? 37  ASP A C   1 
ATOM   250  O  O   . ASP A 1 56  ? 7.662   11.859  -21.530 1.00 15.97 ? 37  ASP A O   1 
ATOM   251  C  CB  . ASP A 1 56  ? 10.934  11.321  -21.359 1.00 0.00  ? 37  ASP A CB  1 
ATOM   252  C  CG  . ASP A 1 56  ? 10.722  11.398  -22.855 1.00 11.24 ? 37  ASP A CG  1 
ATOM   253  O  OD1 . ASP A 1 56  ? 9.897   12.225  -23.295 1.00 12.37 ? 37  ASP A OD1 1 
ATOM   254  O  OD2 . ASP A 1 56  ? 11.370  10.625  -23.591 1.00 9.61  ? 37  ASP A OD2 1 
ATOM   255  N  N   . ALA A 1 57  ? 8.277   10.287  -20.032 1.00 0.00  ? 38  ALA A N   1 
ATOM   256  C  CA  . ALA A 1 57  ? 6.992   9.599   -20.113 1.00 0.00  ? 38  ALA A CA  1 
ATOM   257  C  C   . ALA A 1 57  ? 5.851   10.480  -19.622 1.00 0.00  ? 38  ALA A C   1 
ATOM   258  O  O   . ALA A 1 57  ? 4.751   10.433  -20.173 1.00 13.21 ? 38  ALA A O   1 
ATOM   259  C  CB  . ALA A 1 57  ? 7.040   8.297   -19.320 1.00 0.00  ? 38  ALA A CB  1 
ATOM   260  N  N   . ILE A 1 58  ? 6.092   11.287  -18.586 1.00 3.55  ? 39  ILE A N   1 
ATOM   261  C  CA  . ILE A 1 58  ? 5.066   12.210  -18.103 1.00 7.21  ? 39  ILE A CA  1 
ATOM   262  C  C   . ILE A 1 58  ? 4.762   13.272  -19.151 1.00 7.02  ? 39  ILE A C   1 
ATOM   263  O  O   . ILE A 1 58  ? 3.603   13.660  -19.349 1.00 17.54 ? 39  ILE A O   1 
ATOM   264  C  CB  . ILE A 1 58  ? 5.499   12.842  -16.768 1.00 0.00  ? 39  ILE A CB  1 
ATOM   265  C  CG1 . ILE A 1 58  ? 5.587   11.786  -15.672 1.00 0.00  ? 39  ILE A CG1 1 
ATOM   266  C  CG2 . ILE A 1 58  ? 4.536   13.928  -16.354 1.00 3.93  ? 39  ILE A CG2 1 
ATOM   267  C  CD1 . ILE A 1 58  ? 6.390   12.229  -14.492 1.00 0.00  ? 39  ILE A CD1 1 
ATOM   268  N  N   . GLU A 1 59  ? 5.798   13.782  -19.820 1.00 0.52  ? 40  GLU A N   1 
ATOM   269  C  CA  . GLU A 1 59  ? 5.567   14.762  -20.879 1.00 0.00  ? 40  GLU A CA  1 
ATOM   270  C  C   . GLU A 1 59  ? 4.759   14.161  -22.019 1.00 4.60  ? 40  GLU A C   1 
ATOM   271  O  O   . GLU A 1 59  ? 3.912   14.839  -22.609 1.00 16.06 ? 40  GLU A O   1 
ATOM   272  C  CB  . GLU A 1 59  ? 6.893   15.321  -21.388 1.00 11.57 ? 40  GLU A CB  1 
ATOM   273  C  CG  . GLU A 1 59  ? 7.624   16.171  -20.368 1.00 15.20 ? 40  GLU A CG  1 
ATOM   274  C  CD  . GLU A 1 59  ? 6.799   17.356  -19.904 1.00 20.86 ? 40  GLU A CD  1 
ATOM   275  O  OE1 . GLU A 1 59  ? 6.322   18.122  -20.766 1.00 22.85 ? 40  GLU A OE1 1 
ATOM   276  O  OE2 . GLU A 1 59  ? 6.617   17.515  -18.680 1.00 12.49 ? 40  GLU A OE2 1 
ATOM   277  N  N   . LEU A 1 60  ? 5.018   12.894  -22.355 1.00 14.05 ? 41  LEU A N   1 
ATOM   278  C  CA  . LEU A 1 60  ? 4.173   12.202  -23.328 1.00 8.55  ? 41  LEU A CA  1 
ATOM   279  C  C   . LEU A 1 60  ? 2.740   12.056  -22.836 1.00 4.56  ? 41  LEU A C   1 
ATOM   280  O  O   . LEU A 1 60  ? 1.793   12.246  -23.607 1.00 7.11  ? 41  LEU A O   1 
ATOM   281  C  CB  . LEU A 1 60  ? 4.735   10.819  -23.644 1.00 3.26  ? 41  LEU A CB  1 
ATOM   282  C  CG  . LEU A 1 60  ? 5.855   10.709  -24.665 1.00 0.00  ? 41  LEU A CG  1 
ATOM   283  C  CD1 . LEU A 1 60  ? 6.389   9.309   -24.641 1.00 0.00  ? 41  LEU A CD1 1 
ATOM   284  C  CD2 . LEU A 1 60  ? 5.347   11.058  -26.039 1.00 11.19 ? 41  LEU A CD2 1 
ATOM   285  N  N   . ALA A 1 61  ? 2.560   11.710  -21.562 1.00 12.87 ? 42  ALA A N   1 
ATOM   286  C  CA  . ALA A 1 61  ? 1.234   11.504  -20.993 1.00 5.07  ? 42  ALA A CA  1 
ATOM   287  C  C   . ALA A 1 61  ? 0.406   12.776  -20.936 1.00 10.28 ? 42  ALA A C   1 
ATOM   288  O  O   . ALA A 1 61  ? -0.824  12.702  -21.004 1.00 18.94 ? 42  ALA A O   1 
ATOM   289  C  CB  . ALA A 1 61  ? 1.345   10.913  -19.592 1.00 0.00  ? 42  ALA A CB  1 
ATOM   290  N  N   . LYS A 1 62  ? 1.044   13.936  -20.798 1.00 12.83 ? 43  LYS A N   1 
ATOM   291  C  CA  . LYS A 1 62  ? 0.310   15.195  -20.897 1.00 10.85 ? 43  LYS A CA  1 
ATOM   292  C  C   . LYS A 1 62  ? -0.173  15.484  -22.313 1.00 18.36 ? 43  LYS A C   1 
ATOM   293  O  O   . LYS A 1 62  ? -0.830  16.507  -22.537 1.00 21.17 ? 43  LYS A O   1 
ATOM   294  C  CB  . LYS A 1 62  ? 1.163   16.365  -20.401 1.00 13.50 ? 43  LYS A CB  1 
ATOM   295  C  CG  . LYS A 1 62  ? 1.572   16.281  -18.950 1.00 14.31 ? 43  LYS A CG  1 
ATOM   296  C  CD  . LYS A 1 62  ? 1.818   17.660  -18.368 1.00 13.16 ? 43  LYS A CD  1 
ATOM   297  C  CE  . LYS A 1 62  ? 3.284   17.868  -18.043 1.00 13.54 ? 43  LYS A CE  1 
ATOM   298  N  NZ  . LYS A 1 62  ? 3.578   17.594  -16.612 1.00 17.09 ? 43  LYS A NZ  1 
ATOM   299  N  N   . GLU A 1 63  ? 0.138   14.606  -23.271 1.00 24.98 ? 44  GLU A N   1 
ATOM   300  C  CA  . GLU A 1 63  ? -0.268  14.774  -24.661 1.00 21.73 ? 44  GLU A CA  1 
ATOM   301  C  C   . GLU A 1 63  ? -1.268  13.706  -25.079 1.00 21.49 ? 44  GLU A C   1 
ATOM   302  O  O   . GLU A 1 63  ? -1.563  13.558  -26.268 1.00 21.77 ? 44  GLU A O   1 
ATOM   303  C  CB  . GLU A 1 63  ? 0.943   14.734  -25.593 1.00 14.89 ? 44  GLU A CB  1 
ATOM   304  C  CG  . GLU A 1 63  ? 1.709   16.036  -25.683 1.00 21.16 ? 44  GLU A CG  1 
ATOM   305  C  CD  . GLU A 1 63  ? 2.668   16.053  -26.851 1.00 30.07 ? 44  GLU A CD  1 
ATOM   306  O  OE1 . GLU A 1 63  ? 3.315   15.015  -27.102 1.00 29.34 ? 44  GLU A OE1 1 
ATOM   307  O  OE2 . GLU A 1 63  ? 2.773   17.100  -27.522 1.00 29.72 ? 44  GLU A OE2 1 
ATOM   308  N  N   . ALA A 1 64  ? -1.796  12.942  -24.114 1.00 20.24 ? 45  ALA A N   1 
ATOM   309  C  CA  . ALA A 1 64  ? -2.732  11.879  -24.457 1.00 23.04 ? 45  ALA A CA  1 
ATOM   310  C  C   . ALA A 1 64  ? -4.074  12.022  -23.744 1.00 28.34 ? 45  ALA A C   1 
ATOM   311  O  O   . ALA A 1 64  ? -4.918  11.128  -23.870 1.00 30.84 ? 45  ALA A O   1 
ATOM   312  C  CB  . ALA A 1 64  ? -2.124  10.507  -24.137 1.00 21.49 ? 45  ALA A CB  1 
ATOM   313  N  N   . GLY A 1 65  ? -4.295  13.115  -23.015 1.00 29.00 ? 46  GLY A N   1 
ATOM   314  C  CA  . GLY A 1 65  ? -5.569  13.392  -22.377 1.00 30.08 ? 46  GLY A CA  1 
ATOM   315  C  C   . GLY A 1 65  ? -6.192  12.231  -21.626 1.00 31.65 ? 46  GLY A C   1 
ATOM   316  O  O   . GLY A 1 65  ? -7.310  11.815  -21.940 1.00 29.01 ? 46  GLY A O   1 
ATOM   317  N  N   . ASP A 1 66  ? -5.479  11.698  -20.633 1.00 30.03 ? 47  ASP A N   1 
ATOM   318  C  CA  . ASP A 1 66  ? -5.978  10.582  -19.844 1.00 31.02 ? 47  ASP A CA  1 
ATOM   319  C  C   . ASP A 1 66  ? -6.257  10.936  -18.389 1.00 31.49 ? 47  ASP A C   1 
ATOM   320  O  O   . ASP A 1 66  ? -7.273  10.480  -17.849 1.00 29.10 ? 47  ASP A O   1 
ATOM   321  C  CB  . ASP A 1 66  ? -4.995  9.406   -19.899 1.00 28.19 ? 47  ASP A CB  1 
ATOM   322  C  CG  . ASP A 1 66  ? -5.610  8.110   -19.412 1.00 32.09 ? 47  ASP A CG  1 
ATOM   323  O  OD1 . ASP A 1 66  ? -6.853  8.020   -19.374 1.00 30.39 ? 47  ASP A OD1 1 
ATOM   324  O  OD2 . ASP A 1 66  ? -4.852  7.176   -19.075 1.00 33.96 ? 47  ASP A OD2 1 
ATOM   325  N  N   . LYS A 1 67  ? -5.383  11.706  -17.736 1.00 24.64 ? 48  LYS A N   1 
ATOM   326  C  CA  . LYS A 1 67  ? -5.593  12.210  -16.382 1.00 20.55 ? 48  LYS A CA  1 
ATOM   327  C  C   . LYS A 1 67  ? -5.671  11.092  -15.345 1.00 20.50 ? 48  LYS A C   1 
ATOM   328  O  O   . LYS A 1 67  ? -5.891  11.355  -14.158 1.00 27.86 ? 48  LYS A O   1 
ATOM   329  C  CB  . LYS A 1 67  ? -6.857  13.076  -16.318 1.00 24.01 ? 48  LYS A CB  1 
ATOM   330  C  CG  . LYS A 1 67  ? -6.844  14.119  -15.210 1.00 28.76 ? 48  LYS A CG  1 
ATOM   331  C  CD  . LYS A 1 67  ? -7.721  15.314  -15.547 1.00 29.08 ? 48  LYS A CD  1 
ATOM   332  C  CE  . LYS A 1 67  ? -7.259  16.013  -16.813 1.00 24.95 ? 48  LYS A CE  1 
ATOM   333  N  NZ  . LYS A 1 67  ? -8.214  17.077  -17.225 1.00 24.75 ? 48  LYS A NZ  1 
ATOM   334  N  N   . ALA A 1 68  ? -5.491  9.843   -15.774 1.00 17.35 ? 49  ALA A N   1 
ATOM   335  C  CA  . ALA A 1 68  ? -5.422  8.713   -14.855 1.00 16.12 ? 49  ALA A CA  1 
ATOM   336  C  C   . ALA A 1 68  ? -4.113  7.957   -15.013 1.00 22.76 ? 49  ALA A C   1 
ATOM   337  O  O   . ALA A 1 68  ? -3.709  7.228   -14.103 1.00 18.81 ? 49  ALA A O   1 
ATOM   338  C  CB  . ALA A 1 68  ? -6.609  7.770   -15.055 1.00 24.82 ? 49  ALA A CB  1 
ATOM   339  N  N   . SER A 1 69  ? -3.444  8.119   -16.151 1.00 23.99 ? 50  SER A N   1 
ATOM   340  C  CA  . SER A 1 69  ? -2.075  7.664   -16.351 1.00 15.65 ? 50  SER A CA  1 
ATOM   341  C  C   . SER A 1 69  ? -1.052  8.730   -16.008 1.00 9.62  ? 50  SER A C   1 
ATOM   342  O  O   . SER A 1 69  ? 0.045   8.406   -15.553 1.00 21.63 ? 50  SER A O   1 
ATOM   343  C  CB  . SER A 1 69  ? -1.874  7.219   -17.803 1.00 10.83 ? 50  SER A CB  1 
ATOM   344  O  OG  . SER A 1 69  ? -0.503  7.019   -18.088 1.00 18.44 ? 50  SER A OG  1 
ATOM   345  N  N   . LEU A 1 70  ? -1.407  10.002  -16.196 1.00 6.08  ? 51  LEU A N   1 
ATOM   346  C  CA  . LEU A 1 70  ? -0.537  11.095  -15.786 1.00 14.68 ? 51  LEU A CA  1 
ATOM   347  C  C   . LEU A 1 70  ? -0.304  11.076  -14.279 1.00 20.43 ? 51  LEU A C   1 
ATOM   348  O  O   . LEU A 1 70  ? 0.827   11.258  -13.811 1.00 20.13 ? 51  LEU A O   1 
ATOM   349  C  CB  . LEU A 1 70  ? -1.147  12.423  -16.225 1.00 9.89  ? 51  LEU A CB  1 
ATOM   350  C  CG  . LEU A 1 70  ? -0.438  13.708  -15.815 1.00 7.67  ? 51  LEU A CG  1 
ATOM   351  C  CD1 . LEU A 1 70  ? 0.903   13.798  -16.501 1.00 8.73  ? 51  LEU A CD1 1 
ATOM   352  C  CD2 . LEU A 1 70  ? -1.299  14.901  -16.166 1.00 8.31  ? 51  LEU A CD2 1 
ATOM   353  N  N   . GLU A 1 71  ? -1.364  10.844  -13.505 1.00 6.79  ? 52  GLU A N   1 
ATOM   354  C  CA  . GLU A 1 71  ? -1.226  10.787  -12.054 1.00 0.92  ? 52  GLU A CA  1 
ATOM   355  C  C   . GLU A 1 71  ? -0.353  9.618   -11.618 1.00 4.80  ? 52  GLU A C   1 
ATOM   356  O  O   . GLU A 1 71  ? 0.476   9.754   -10.711 1.00 15.66 ? 52  GLU A O   1 
ATOM   357  C  CB  . GLU A 1 71  ? -2.604  10.699  -11.405 1.00 10.81 ? 52  GLU A CB  1 
ATOM   358  C  CG  . GLU A 1 71  ? -3.176  12.041  -10.994 1.00 21.00 ? 52  GLU A CG  1 
ATOM   359  C  CD  . GLU A 1 71  ? -3.226  13.027  -12.140 1.00 21.38 ? 52  GLU A CD  1 
ATOM   360  O  OE1 . GLU A 1 71  ? -2.893  14.210  -11.922 1.00 20.28 ? 52  GLU A OE1 1 
ATOM   361  O  OE2 . GLU A 1 71  ? -3.605  12.625  -13.257 1.00 17.85 ? 52  GLU A OE2 1 
ATOM   362  N  N   . ILE A 1 72  ? -0.518  8.462   -12.258 1.00 1.52  ? 53  ILE A N   1 
ATOM   363  C  CA  . ILE A 1 72  ? 0.261   7.294   -11.857 1.00 4.94  ? 53  ILE A CA  1 
ATOM   364  C  C   . ILE A 1 72  ? 1.725   7.465   -12.256 1.00 5.72  ? 53  ILE A C   1 
ATOM   365  O  O   . ILE A 1 72  ? 2.630   7.020   -11.542 1.00 14.04 ? 53  ILE A O   1 
ATOM   366  C  CB  . ILE A 1 72  ? -0.370  6.009   -12.424 1.00 9.50  ? 53  ILE A CB  1 
ATOM   367  C  CG1 . ILE A 1 72  ? -0.236  4.869   -11.416 1.00 9.50  ? 53  ILE A CG1 1 
ATOM   368  C  CG2 . ILE A 1 72  ? 0.250   5.618   -13.754 1.00 4.12  ? 53  ILE A CG2 1 
ATOM   369  C  CD1 . ILE A 1 72  ? -1.247  3.766   -11.604 1.00 10.03 ? 53  ILE A CD1 1 
ATOM   370  N  N   . LEU A 1 73  ? 1.991   8.147   -13.376 1.00 6.44  ? 54  LEU A N   1 
ATOM   371  C  CA  . LEU A 1 73  ? 3.379   8.426   -13.731 1.00 5.34  ? 54  LEU A CA  1 
ATOM   372  C  C   . LEU A 1 73  ? 4.002   9.464   -12.812 1.00 11.15 ? 54  LEU A C   1 
ATOM   373  O  O   . LEU A 1 73  ? 5.198   9.387   -12.518 1.00 8.96  ? 54  LEU A O   1 
ATOM   374  C  CB  . LEU A 1 73  ? 3.488   8.868   -15.187 1.00 0.00  ? 54  LEU A CB  1 
ATOM   375  C  CG  . LEU A 1 73  ? 3.169   7.800   -16.226 1.00 0.00  ? 54  LEU A CG  1 
ATOM   376  C  CD1 . LEU A 1 73  ? 2.718   8.439   -17.511 1.00 2.87  ? 54  LEU A CD1 1 
ATOM   377  C  CD2 . LEU A 1 73  ? 4.378   6.926   -16.464 1.00 2.66  ? 54  LEU A CD2 1 
ATOM   378  N  N   . LYS A 1 74  ? 3.223   10.442  -12.347 1.00 12.87 ? 55  LYS A N   1 
ATOM   379  C  CA  . LYS A 1 74  ? 3.749   11.377  -11.357 1.00 2.18  ? 55  LYS A CA  1 
ATOM   380  C  C   . LYS A 1 74  ? 4.070   10.663  -10.048 1.00 4.17  ? 55  LYS A C   1 
ATOM   381  O  O   . LYS A 1 74  ? 5.082   10.963  -9.398  1.00 16.36 ? 55  LYS A O   1 
ATOM   382  C  CB  . LYS A 1 74  ? 2.751   12.509  -11.127 1.00 0.81  ? 55  LYS A CB  1 
ATOM   383  C  CG  . LYS A 1 74  ? 2.676   13.492  -12.275 1.00 0.25  ? 55  LYS A CG  1 
ATOM   384  C  CD  . LYS A 1 74  ? 1.331   14.185  -12.313 1.00 8.75  ? 55  LYS A CD  1 
ATOM   385  C  CE  . LYS A 1 74  ? 1.445   15.576  -12.900 1.00 15.74 ? 55  LYS A CE  1 
ATOM   386  N  NZ  . LYS A 1 74  ? 0.107   16.188  -13.110 1.00 16.36 ? 55  LYS A NZ  1 
ATOM   387  N  N   . VAL A 1 75  ? 3.224   9.710   -9.654  1.00 10.46 ? 56  VAL A N   1 
ATOM   388  C  CA  . VAL A 1 75  ? 3.508   8.888   -8.482  1.00 11.51 ? 56  VAL A CA  1 
ATOM   389  C  C   . VAL A 1 75  ? 4.802   8.105   -8.683  1.00 12.30 ? 56  VAL A C   1 
ATOM   390  O  O   . VAL A 1 75  ? 5.631   8.008   -7.773  1.00 15.63 ? 56  VAL A O   1 
ATOM   391  C  CB  . VAL A 1 75  ? 2.321   7.953   -8.182  1.00 8.89  ? 56  VAL A CB  1 
ATOM   392  C  CG1 . VAL A 1 75  ? 2.713   6.906   -7.163  1.00 9.58  ? 56  VAL A CG1 1 
ATOM   393  C  CG2 . VAL A 1 75  ? 1.132   8.751   -7.690  1.00 7.64  ? 56  VAL A CG2 1 
ATOM   394  N  N   . ALA A 1 76  ? 4.995   7.536   -9.877  1.00 6.53  ? 57  ALA A N   1 
ATOM   395  C  CA  . ALA A 1 76  ? 6.228   6.804   -10.162 1.00 0.00  ? 57  ALA A CA  1 
ATOM   396  C  C   . ALA A 1 76  ? 7.449   7.715   -10.108 1.00 4.40  ? 57  ALA A C   1 
ATOM   397  O  O   . ALA A 1 76  ? 8.508   7.315   -9.616  1.00 21.21 ? 57  ALA A O   1 
ATOM   398  C  CB  . ALA A 1 76  ? 6.134   6.121   -11.522 1.00 0.00  ? 57  ALA A CB  1 
ATOM   399  N  N   . HIS A 1 77  ? 7.325   8.938   -10.625 1.00 6.99  ? 58  HIS A N   1 
ATOM   400  C  CA  . HIS A 1 77  ? 8.427   9.894   -10.585 1.00 3.44  ? 58  HIS A CA  1 
ATOM   401  C  C   . HIS A 1 77  ? 8.818   10.214  -9.147  1.00 13.09 ? 58  HIS A C   1 
ATOM   402  O  O   . HIS A 1 77  ? 10.001  10.158  -8.773  1.00 17.79 ? 58  HIS A O   1 
ATOM   403  C  CB  . HIS A 1 77  ? 8.022   11.165  -11.332 1.00 1.51  ? 58  HIS A CB  1 
ATOM   404  C  CG  . HIS A 1 77  ? 9.162   12.077  -11.655 1.00 4.58  ? 58  HIS A CG  1 
ATOM   405  N  ND1 . HIS A 1 77  ? 8.980   13.393  -12.021 1.00 8.76  ? 58  HIS A ND1 1 
ATOM   406  C  CD2 . HIS A 1 77  ? 10.497  11.863  -11.675 1.00 9.98  ? 58  HIS A CD2 1 
ATOM   407  C  CE1 . HIS A 1 77  ? 10.155  13.951  -12.246 1.00 9.93  ? 58  HIS A CE1 1 
ATOM   408  N  NE2 . HIS A 1 77  ? 11.091  13.045  -12.046 1.00 7.97  ? 58  HIS A NE2 1 
ATOM   409  N  N   . LYS A 1 78  ? 7.827   10.543  -8.316  1.00 6.98  ? 59  LYS A N   1 
ATOM   410  C  CA  . LYS A 1 78  ? 8.124   10.848  -6.922  1.00 0.00  ? 59  LYS A CA  1 
ATOM   411  C  C   . LYS A 1 78  ? 8.646   9.619   -6.187  1.00 1.84  ? 59  LYS A C   1 
ATOM   412  O  O   . LYS A 1 78  ? 9.422   9.743   -5.233  1.00 7.62  ? 59  LYS A O   1 
ATOM   413  C  CB  . LYS A 1 78  ? 6.890   11.411  -6.226  1.00 4.25  ? 59  LYS A CB  1 
ATOM   414  C  CG  . LYS A 1 78  ? 7.212   12.557  -5.290  1.00 13.12 ? 59  LYS A CG  1 
ATOM   415  C  CD  . LYS A 1 78  ? 6.045   12.894  -4.387  1.00 10.84 ? 59  LYS A CD  1 
ATOM   416  C  CE  . LYS A 1 78  ? 6.508   13.725  -3.209  1.00 10.65 ? 59  LYS A CE  1 
ATOM   417  N  NZ  . LYS A 1 78  ? 7.600   13.038  -2.465  1.00 8.47  ? 59  LYS A NZ  1 
ATOM   418  N  N   . ALA A 1 79  ? 8.234   8.428   -6.609  1.00 6.69  ? 60  ALA A N   1 
ATOM   419  C  CA  . ALA A 1 79  ? 8.760   7.195   -6.043  1.00 4.81  ? 60  ALA A CA  1 
ATOM   420  C  C   . ALA A 1 79  ? 10.238  7.039   -6.363  1.00 0.00  ? 60  ALA A C   1 
ATOM   421  O  O   . ALA A 1 79  ? 11.024  6.657   -5.494  1.00 5.01  ? 60  ALA A O   1 
ATOM   422  C  CB  . ALA A 1 79  ? 7.981   5.986   -6.558  1.00 11.33 ? 60  ALA A CB  1 
ATOM   423  N  N   . ILE A 1 80  ? 10.627  7.338   -7.604  1.00 2.07  ? 61  ILE A N   1 
ATOM   424  C  CA  . ILE A 1 80  ? 12.041  7.337   -7.976  1.00 7.43  ? 61  ILE A CA  1 
ATOM   425  C  C   . ILE A 1 80  ? 12.766  8.268   -7.019  1.00 16.13 ? 61  ILE A C   1 
ATOM   426  O  O   . ILE A 1 80  ? 13.740  7.873   -6.369  1.00 14.58 ? 61  ILE A O   1 
ATOM   427  C  CB  . ILE A 1 80  ? 12.272  7.787   -9.430  1.00 2.77  ? 61  ILE A CB  1 
ATOM   428  C  CG1 . ILE A 1 80  ? 11.465  6.952   -10.417 1.00 0.00  ? 61  ILE A CG1 1 
ATOM   429  C  CG2 . ILE A 1 80  ? 13.747  7.708   -9.769  1.00 8.05  ? 61  ILE A CG2 1 
ATOM   430  C  CD1 . ILE A 1 80  ? 11.978  5.564   -10.584 1.00 0.00  ? 61  ILE A CD1 1 
ATOM   431  N  N   . ASP A 1 81  ? 12.244  9.489   -6.888  1.00 15.43 ? 62  ASP A N   1 
ATOM   432  C  CA  . ASP A 1 81  ? 12.844  10.516  -6.036  1.00 8.03  ? 62  ASP A CA  1 
ATOM   433  C  C   . ASP A 1 81  ? 13.081  10.000  -4.622  1.00 9.82  ? 62  ASP A C   1 
ATOM   434  O  O   . ASP A 1 81  ? 14.224  9.943   -4.162  1.00 8.06  ? 62  ASP A O   1 
ATOM   435  C  CB  . ASP A 1 81  ? 11.945  11.756  -6.010  1.00 10.39 ? 62  ASP A CB  1 
ATOM   436  C  CG  . ASP A 1 81  ? 12.364  12.784  -4.964  1.00 20.80 ? 62  ASP A CG  1 
ATOM   437  O  OD1 . ASP A 1 81  ? 13.505  12.731  -4.458  1.00 20.81 ? 62  ASP A OD1 1 
ATOM   438  O  OD2 . ASP A 1 81  ? 11.533  13.659  -4.640  1.00 19.65 ? 62  ASP A OD2 1 
ATOM   439  N  N   . THR A 1 82  ? 12.010  9.621   -3.922  1.00 15.22 ? 63  THR A N   1 
ATOM   440  C  CA  . THR A 1 82  ? 12.112  9.235   -2.519  1.00 6.45  ? 63  THR A CA  1 
ATOM   441  C  C   . THR A 1 82  ? 12.798  7.887   -2.326  1.00 6.74  ? 63  THR A C   1 
ATOM   442  O  O   . THR A 1 82  ? 13.847  7.815   -1.681  1.00 11.93 ? 63  THR A O   1 
ATOM   443  C  CB  . THR A 1 82  ? 10.731  9.204   -1.863  1.00 1.09  ? 63  THR A CB  1 
ATOM   444  O  OG1 . THR A 1 82  ? 9.991   8.084   -2.357  1.00 17.16 ? 63  THR A OG1 1 
ATOM   445  C  CG2 . THR A 1 82  ? 9.970   10.482  -2.154  1.00 3.85  ? 63  THR A CG2 1 
ATOM   446  N  N   . LEU A 1 83  ? 12.215  6.813   -2.866  1.00 14.23 ? 64  LEU A N   1 
ATOM   447  C  CA  . LEU A 1 83  ? 12.746  5.481   -2.600  1.00 14.31 ? 64  LEU A CA  1 
ATOM   448  C  C   . LEU A 1 83  ? 14.046  5.210   -3.344  1.00 16.11 ? 64  LEU A C   1 
ATOM   449  O  O   . LEU A 1 83  ? 14.994  4.683   -2.756  1.00 16.81 ? 64  LEU A O   1 
ATOM   450  C  CB  . LEU A 1 83  ? 11.712  4.423   -2.980  1.00 9.46  ? 64  LEU A CB  1 
ATOM   451  C  CG  . LEU A 1 83  ? 10.501  4.266   -2.068  1.00 7.61  ? 64  LEU A CG  1 
ATOM   452  C  CD1 . LEU A 1 83  ? 9.262   4.032   -2.903  1.00 3.69  ? 64  LEU A CD1 1 
ATOM   453  C  CD2 . LEU A 1 83  ? 10.724  3.125   -1.106  1.00 20.87 ? 64  LEU A CD2 1 
ATOM   454  N  N   . GLY A 1 84  ? 14.111  5.544   -4.631  1.00 16.07 ? 65  GLY A N   1 
ATOM   455  C  CA  . GLY A 1 84  ? 15.240  5.140   -5.441  1.00 15.12 ? 65  GLY A CA  1 
ATOM   456  C  C   . GLY A 1 84  ? 16.547  5.805   -5.074  1.00 12.65 ? 65  GLY A C   1 
ATOM   457  O  O   . GLY A 1 84  ? 17.598  5.159   -5.077  1.00 12.58 ? 65  GLY A O   1 
ATOM   458  N  N   . ARG A 1 85  ? 16.499  7.099   -4.762  1.00 11.77 ? 66  ARG A N   1 
ATOM   459  C  CA  . ARG A 1 85  ? 17.732  7.831   -4.495  1.00 14.42 ? 66  ARG A CA  1 
ATOM   460  C  C   . ARG A 1 85  ? 18.377  7.366   -3.194  1.00 19.42 ? 66  ARG A C   1 
ATOM   461  O  O   . ARG A 1 85  ? 19.608  7.341   -3.080  1.00 16.31 ? 66  ARG A O   1 
ATOM   462  C  CB  . ARG A 1 85  ? 17.458  9.330   -4.461  1.00 16.27 ? 66  ARG A CB  1 
ATOM   463  C  CG  . ARG A 1 85  ? 18.656  10.164  -4.855  1.00 19.90 ? 66  ARG A CG  1 
ATOM   464  C  CD  . ARG A 1 85  ? 18.653  10.451  -6.345  1.00 15.43 ? 66  ARG A CD  1 
ATOM   465  N  NE  . ARG A 1 85  ? 17.456  11.169  -6.760  1.00 18.08 ? 66  ARG A NE  1 
ATOM   466  C  CZ  . ARG A 1 85  ? 17.186  11.508  -8.010  1.00 13.85 ? 66  ARG A CZ  1 
ATOM   467  N  NH1 . ARG A 1 85  ? 18.009  11.204  -9.000  1.00 18.82 ? 66  ARG A NH1 1 
ATOM   468  N  NH2 . ARG A 1 85  ? 16.068  12.174  -8.277  1.00 5.23  ? 66  ARG A NH2 1 
ATOM   469  N  N   . GLU A 1 86  ? 17.565  6.996   -2.207  1.00 28.89 ? 67  GLU A N   1 
ATOM   470  C  CA  . GLU A 1 86  ? 18.072  6.376   -0.988  1.00 24.52 ? 67  GLU A CA  1 
ATOM   471  C  C   . GLU A 1 86  ? 18.335  4.896   -1.245  1.00 24.72 ? 67  GLU A C   1 
ATOM   472  O  O   . GLU A 1 86  ? 18.362  4.461   -2.399  1.00 27.54 ? 67  GLU A O   1 
ATOM   473  C  CB  . GLU A 1 86  ? 17.097  6.593   0.171   1.00 16.50 ? 67  GLU A CB  1 
ATOM   474  C  CG  . GLU A 1 86  ? 15.785  5.850   0.043   1.00 18.82 ? 67  GLU A CG  1 
ATOM   475  C  CD  . GLU A 1 86  ? 14.881  6.041   1.243   1.00 30.99 ? 67  GLU A CD  1 
ATOM   476  O  OE1 . GLU A 1 86  ? 15.096  5.364   2.269   1.00 30.36 ? 67  GLU A OE1 1 
ATOM   477  O  OE2 . GLU A 1 86  ? 13.956  6.871   1.161   1.00 39.60 ? 67  GLU A OE2 1 
ATOM   478  N  N   . GLY A 1 87  ? 18.543  4.115   -0.189  1.00 21.33 ? 68  GLY A N   1 
ATOM   479  C  CA  . GLY A 1 87  ? 19.023  2.756   -0.351  1.00 24.50 ? 68  GLY A CA  1 
ATOM   480  C  C   . GLY A 1 87  ? 18.088  1.760   -1.012  1.00 26.07 ? 68  GLY A C   1 
ATOM   481  O  O   . GLY A 1 87  ? 18.536  0.694   -1.444  1.00 24.56 ? 68  GLY A O   1 
ATOM   482  N  N   . LYS A 1 88  ? 16.798  2.080   -1.113  1.00 24.53 ? 69  LYS A N   1 
ATOM   483  C  CA  . LYS A 1 88  ? 15.796  1.119   -1.565  1.00 21.41 ? 69  LYS A CA  1 
ATOM   484  C  C   . LYS A 1 88  ? 15.595  1.244   -3.072  1.00 22.45 ? 69  LYS A C   1 
ATOM   485  O  O   . LYS A 1 88  ? 14.782  2.052   -3.531  1.00 26.70 ? 69  LYS A O   1 
ATOM   486  C  CB  . LYS A 1 88  ? 14.484  1.327   -0.817  1.00 14.02 ? 69  LYS A CB  1 
ATOM   487  C  CG  . LYS A 1 88  ? 14.649  1.926   0.566   1.00 17.73 ? 69  LYS A CG  1 
ATOM   488  C  CD  . LYS A 1 88  ? 13.418  1.673   1.420   1.00 14.46 ? 69  LYS A CD  1 
ATOM   489  C  CE  . LYS A 1 88  ? 13.464  2.452   2.720   1.00 21.23 ? 69  LYS A CE  1 
ATOM   490  N  NZ  . LYS A 1 88  ? 13.165  3.891   2.517   1.00 22.05 ? 69  LYS A NZ  1 
ATOM   491  N  N   . LEU A 1 89  ? 16.322  0.430   -3.840  1.00 20.04 ? 70  LEU A N   1 
ATOM   492  C  CA  . LEU A 1 89  ? 16.185  0.385   -5.291  1.00 13.59 ? 70  LEU A CA  1 
ATOM   493  C  C   . LEU A 1 89  ? 15.257  -0.731  -5.749  1.00 15.45 ? 70  LEU A C   1 
ATOM   494  O  O   . LEU A 1 89  ? 14.925  -0.806  -6.937  1.00 20.43 ? 70  LEU A O   1 
ATOM   495  C  CB  . LEU A 1 89  ? 17.552  0.226   -5.958  1.00 17.25 ? 70  LEU A CB  1 
ATOM   496  C  CG  . LEU A 1 89  ? 18.254  1.499   -6.420  1.00 20.63 ? 70  LEU A CG  1 
ATOM   497  C  CD1 . LEU A 1 89  ? 19.656  1.185   -6.906  1.00 17.77 ? 70  LEU A CD1 1 
ATOM   498  C  CD2 . LEU A 1 89  ? 17.445  2.142   -7.519  1.00 13.86 ? 70  LEU A CD2 1 
ATOM   499  N  N   . GLU A 1 90  ? 14.836  -1.606  -4.841  1.00 18.38 ? 71  GLU A N   1 
ATOM   500  C  CA  . GLU A 1 90  ? 13.915  -2.682  -5.170  1.00 16.72 ? 71  GLU A CA  1 
ATOM   501  C  C   . GLU A 1 90  ? 12.465  -2.306  -4.928  1.00 12.74 ? 71  GLU A C   1 
ATOM   502  O  O   . GLU A 1 90  ? 11.569  -3.066  -5.310  1.00 11.78 ? 71  GLU A O   1 
ATOM   503  C  CB  . GLU A 1 90  ? 14.262  -3.939  -4.363  1.00 16.62 ? 71  GLU A CB  1 
ATOM   504  C  CG  . GLU A 1 90  ? 14.801  -5.081  -5.199  1.00 22.24 ? 71  GLU A CG  1 
ATOM   505  C  CD  . GLU A 1 90  ? 14.500  -6.436  -4.592  1.00 27.07 ? 71  GLU A CD  1 
ATOM   506  O  OE1 . GLU A 1 90  ? 14.715  -6.601  -3.374  1.00 24.83 ? 71  GLU A OE1 1 
ATOM   507  O  OE2 . GLU A 1 90  ? 14.049  -7.333  -5.334  1.00 26.17 ? 71  GLU A OE2 1 
ATOM   508  N  N   . GLU A 1 91  ? 12.209  -1.154  -4.312  1.00 12.97 ? 72  GLU A N   1 
ATOM   509  C  CA  . GLU A 1 91  ? 10.851  -0.696  -4.040  1.00 14.47 ? 72  GLU A CA  1 
ATOM   510  C  C   . GLU A 1 91  ? 10.488  0.521   -4.877  1.00 12.99 ? 72  GLU A C   1 
ATOM   511  O  O   . GLU A 1 91  ? 9.381   1.049   -4.747  1.00 18.50 ? 72  GLU A O   1 
ATOM   512  C  CB  . GLU A 1 91  ? 10.683  -0.400  -2.552  1.00 15.16 ? 72  GLU A CB  1 
ATOM   513  C  CG  . GLU A 1 91  ? 11.391  -1.404  -1.670  1.00 18.15 ? 72  GLU A CG  1 
ATOM   514  C  CD  . GLU A 1 91  ? 11.219  -1.111  -0.202  1.00 21.09 ? 72  GLU A CD  1 
ATOM   515  O  OE1 . GLU A 1 91  ? 11.272  -2.061  0.603   1.00 22.03 ? 72  GLU A OE1 1 
ATOM   516  O  OE2 . GLU A 1 91  ? 11.016  0.068   0.143   1.00 25.71 ? 72  GLU A OE2 1 
ATOM   517  N  N   . ALA A 1 92  ? 11.400  0.982   -5.723  1.00 8.50  ? 73  ALA A N   1 
ATOM   518  C  CA  . ALA A 1 92  ? 11.087  1.935   -6.773  1.00 0.61  ? 73  ALA A CA  1 
ATOM   519  C  C   . ALA A 1 92  ? 10.806  1.264   -8.103  1.00 11.94 ? 73  ALA A C   1 
ATOM   520  O  O   . ALA A 1 92  ? 9.913   1.711   -8.835  1.00 17.80 ? 73  ALA A O   1 
ATOM   521  C  CB  . ALA A 1 92  ? 12.235  2.937   -6.951  1.00 2.29  ? 73  ALA A CB  1 
ATOM   522  N  N   . ALA A 1 93  ? 11.526  0.189   -8.423  1.00 11.91 ? 74  ALA A N   1 
ATOM   523  C  CA  . ALA A 1 93  ? 11.167  -0.637  -9.562  1.00 5.19  ? 74  ALA A CA  1 
ATOM   524  C  C   . ALA A 1 93  ? 9.781   -1.247  -9.398  1.00 12.74 ? 74  ALA A C   1 
ATOM   525  O  O   . ALA A 1 93  ? 9.080   -1.435  -10.393 1.00 16.26 ? 74  ALA A O   1 
ATOM   526  C  CB  . ALA A 1 93  ? 12.208  -1.738  -9.765  1.00 7.83  ? 74  ALA A CB  1 
ATOM   527  N  N   . LYS A 1 94  ? 9.361   -1.534  -8.164  1.00 12.98 ? 75  LYS A N   1 
ATOM   528  C  CA  . LYS A 1 94  ? 8.003   -2.025  -7.936  1.00 1.99  ? 75  LYS A CA  1 
ATOM   529  C  C   . LYS A 1 94  ? 6.962   -0.973  -8.294  1.00 3.93  ? 75  LYS A C   1 
ATOM   530  O  O   . LYS A 1 94  ? 5.956   -1.286  -8.937  1.00 18.88 ? 75  LYS A O   1 
ATOM   531  C  CB  . LYS A 1 94  ? 7.830   -2.461  -6.485  1.00 4.11  ? 75  LYS A CB  1 
ATOM   532  C  CG  . LYS A 1 94  ? 8.404   -3.822  -6.156  1.00 13.60 ? 75  LYS A CG  1 
ATOM   533  C  CD  . LYS A 1 94  ? 8.127   -4.185  -4.707  1.00 17.54 ? 75  LYS A CD  1 
ATOM   534  C  CE  . LYS A 1 94  ? 8.837   -5.463  -4.308  1.00 17.64 ? 75  LYS A CE  1 
ATOM   535  N  NZ  . LYS A 1 94  ? 9.625   -5.292  -3.058  1.00 8.43  ? 75  LYS A NZ  1 
ATOM   536  N  N   . ILE A 1 95  ? 7.175   0.274   -7.874  1.00 11.23 ? 76  ILE A N   1 
ATOM   537  C  CA  . ILE A 1 95  ? 6.234   1.337   -8.221  1.00 4.79  ? 76  ILE A CA  1 
ATOM   538  C  C   . ILE A 1 95  ? 6.201   1.556   -9.727  1.00 0.40  ? 76  ILE A C   1 
ATOM   539  O  O   . ILE A 1 95  ? 5.129   1.740   -10.318 1.00 4.45  ? 76  ILE A O   1 
ATOM   540  C  CB  . ILE A 1 95  ? 6.582   2.634   -7.471  1.00 13.35 ? 76  ILE A CB  1 
ATOM   541  C  CG1 . ILE A 1 95  ? 6.779   2.365   -5.982  1.00 7.05  ? 76  ILE A CG1 1 
ATOM   542  C  CG2 . ILE A 1 95  ? 5.496   3.666   -7.676  1.00 7.92  ? 76  ILE A CG2 1 
ATOM   543  C  CD1 . ILE A 1 95  ? 5.520   1.983   -5.272  1.00 4.45  ? 76  ILE A CD1 1 
ATOM   544  N  N   . VAL A 1 96  ? 7.370   1.548   -10.373 1.00 2.40  ? 77  VAL A N   1 
ATOM   545  C  CA  . VAL A 1 96  ? 7.381   1.747   -11.819 1.00 10.25 ? 77  VAL A CA  1 
ATOM   546  C  C   . VAL A 1 96  ? 6.712   0.578   -12.532 1.00 14.86 ? 77  VAL A C   1 
ATOM   547  O  O   . VAL A 1 96  ? 6.029   0.771   -13.544 1.00 9.44  ? 77  VAL A O   1 
ATOM   548  C  CB  . VAL A 1 96  ? 8.813   1.986   -12.332 1.00 3.34  ? 77  VAL A CB  1 
ATOM   549  C  CG1 . VAL A 1 96  ? 8.785   2.300   -13.812 1.00 5.28  ? 77  VAL A CG1 1 
ATOM   550  C  CG2 . VAL A 1 96  ? 9.449   3.131   -11.583 1.00 0.00  ? 77  VAL A CG2 1 
ATOM   551  N  N   . LYS A 1 97  ? 6.875   -0.645  -12.020 1.00 12.19 ? 78  LYS A N   1 
ATOM   552  C  CA  . LYS A 1 97  ? 6.205   -1.795  -12.618 1.00 3.73  ? 78  LYS A CA  1 
ATOM   553  C  C   . LYS A 1 97  ? 4.697   -1.704  -12.455 1.00 4.84  ? 78  LYS A C   1 
ATOM   554  O  O   . LYS A 1 97  ? 3.945   -2.045  -13.372 1.00 21.26 ? 78  LYS A O   1 
ATOM   555  C  CB  . LYS A 1 97  ? 6.731   -3.090  -12.008 1.00 0.15  ? 78  LYS A CB  1 
ATOM   556  C  CG  . LYS A 1 97  ? 7.858   -3.723  -12.796 1.00 9.61  ? 78  LYS A CG  1 
ATOM   557  C  CD  . LYS A 1 97  ? 8.471   -4.883  -12.036 1.00 12.76 ? 78  LYS A CD  1 
ATOM   558  C  CE  . LYS A 1 97  ? 9.860   -4.537  -11.531 1.00 16.67 ? 78  LYS A CE  1 
ATOM   559  N  NZ  . LYS A 1 97  ? 10.822  -5.646  -11.766 1.00 15.86 ? 78  LYS A NZ  1 
ATOM   560  N  N   . TYR A 1 98  ? 4.228   -1.258  -11.288 1.00 0.00  ? 79  TYR A N   1 
ATOM   561  C  CA  . TYR A 1 98  ? 2.789   -1.083  -11.108 1.00 2.76  ? 79  TYR A CA  1 
ATOM   562  C  C   . TYR A 1 98  ? 2.242   -0.033  -12.064 1.00 11.34 ? 79  TYR A C   1 
ATOM   563  O  O   . TYR A 1 98  ? 1.166   -0.211  -12.646 1.00 12.88 ? 79  TYR A O   1 
ATOM   564  C  CB  . TYR A 1 98  ? 2.468   -0.706  -9.663  1.00 7.68  ? 79  TYR A CB  1 
ATOM   565  C  CG  . TYR A 1 98  ? 2.708   -1.823  -8.676  1.00 13.00 ? 79  TYR A CG  1 
ATOM   566  C  CD1 . TYR A 1 98  ? 2.521   -3.147  -9.041  1.00 9.71  ? 79  TYR A CD1 1 
ATOM   567  C  CD2 . TYR A 1 98  ? 3.113   -1.553  -7.376  1.00 7.77  ? 79  TYR A CD2 1 
ATOM   568  C  CE1 . TYR A 1 98  ? 2.741   -4.165  -8.148  1.00 6.56  ? 79  TYR A CE1 1 
ATOM   569  C  CE2 . TYR A 1 98  ? 3.332   -2.571  -6.476  1.00 1.65  ? 79  TYR A CE2 1 
ATOM   570  C  CZ  . TYR A 1 98  ? 3.143   -3.873  -6.869  1.00 5.53  ? 79  TYR A CZ  1 
ATOM   571  O  OH  . TYR A 1 98  ? 3.359   -4.895  -5.980  1.00 15.63 ? 79  TYR A OH  1 
ATOM   572  N  N   . ALA A 1 99  ? 2.972   1.070   -12.245 1.00 6.86  ? 80  ALA A N   1 
ATOM   573  C  CA  . ALA A 1 99  ? 2.539   2.096   -13.192 1.00 2.32  ? 80  ALA A CA  1 
ATOM   574  C  C   . ALA A 1 99  ? 2.511   1.554   -14.618 1.00 9.97  ? 80  ALA A C   1 
ATOM   575  O  O   . ALA A 1 99  ? 1.562   1.804   -15.373 1.00 21.45 ? 80  ALA A O   1 
ATOM   576  C  CB  . ALA A 1 99  ? 3.452   3.316   -13.095 1.00 1.07  ? 80  ALA A CB  1 
ATOM   577  N  N   . LYS A 1 100 ? 3.544   0.800   -14.998 1.00 9.07  ? 81  LYS A N   1 
ATOM   578  C  CA  . LYS A 1 100 ? 3.605   0.224   -16.338 1.00 7.81  ? 81  LYS A CA  1 
ATOM   579  C  C   . LYS A 1 100 ? 2.456   -0.742  -16.579 1.00 14.10 ? 81  LYS A C   1 
ATOM   580  O  O   . LYS A 1 100 ? 1.848   -0.745  -17.652 1.00 17.62 ? 81  LYS A O   1 
ATOM   581  C  CB  . LYS A 1 100 ? 4.938   -0.489  -16.539 1.00 3.11  ? 81  LYS A CB  1 
ATOM   582  C  CG  . LYS A 1 100 ? 5.080   -1.123  -17.899 1.00 1.20  ? 81  LYS A CG  1 
ATOM   583  C  CD  . LYS A 1 100 ? 6.410   -1.822  -18.038 1.00 4.50  ? 81  LYS A CD  1 
ATOM   584  C  CE  . LYS A 1 100 ? 6.606   -2.832  -16.933 1.00 5.00  ? 81  LYS A CE  1 
ATOM   585  N  NZ  . LYS A 1 100 ? 5.976   -4.136  -17.259 1.00 13.55 ? 81  LYS A NZ  1 
ATOM   586  N  N   . GLU A 1 101 ? 2.155   -1.588  -15.592 1.00 13.77 ? 82  GLU A N   1 
ATOM   587  C  CA  . GLU A 1 101 ? 1.075   -2.552  -15.756 1.00 1.38  ? 82  GLU A CA  1 
ATOM   588  C  C   . GLU A 1 101 ? -0.284  -1.874  -15.768 1.00 5.27  ? 82  GLU A C   1 
ATOM   589  O  O   . GLU A 1 101 ? -1.176  -2.307  -16.502 1.00 18.82 ? 82  GLU A O   1 
ATOM   590  C  CB  . GLU A 1 101 ? 1.155   -3.619  -14.668 1.00 2.15  ? 82  GLU A CB  1 
ATOM   591  C  CG  . GLU A 1 101 ? 2.422   -4.453  -14.760 1.00 4.43  ? 82  GLU A CG  1 
ATOM   592  C  CD  . GLU A 1 101 ? 2.540   -5.478  -13.655 1.00 16.70 ? 82  GLU A CD  1 
ATOM   593  O  OE1 . GLU A 1 101 ? 1.786   -5.386  -12.668 1.00 18.86 ? 82  GLU A OE1 1 
ATOM   594  O  OE2 . GLU A 1 101 ? 3.396   -6.381  -13.772 1.00 19.10 ? 82  GLU A OE2 1 
ATOM   595  N  N   . TYR A 1 102 ? -0.464  -0.797  -15.002 1.00 4.47  ? 83  TYR A N   1 
ATOM   596  C  CA  . TYR A 1 102 ? -1.701  -0.034  -15.111 1.00 10.66 ? 83  TYR A CA  1 
ATOM   597  C  C   . TYR A 1 102 ? -1.859  0.558   -16.503 1.00 11.83 ? 83  TYR A C   1 
ATOM   598  O  O   . TYR A 1 102 ? -2.946  0.509   -17.088 1.00 19.14 ? 83  TYR A O   1 
ATOM   599  C  CB  . TYR A 1 102 ? -1.752  1.069   -14.058 1.00 10.49 ? 83  TYR A CB  1 
ATOM   600  C  CG  . TYR A 1 102 ? -2.967  1.958   -14.187 1.00 12.53 ? 83  TYR A CG  1 
ATOM   601  C  CD1 . TYR A 1 102 ? -4.156  1.630   -13.560 1.00 11.05 ? 83  TYR A CD1 1 
ATOM   602  C  CD2 . TYR A 1 102 ? -2.924  3.133   -14.928 1.00 12.45 ? 83  TYR A CD2 1 
ATOM   603  C  CE1 . TYR A 1 102 ? -5.269  2.432   -13.672 1.00 10.08 ? 83  TYR A CE1 1 
ATOM   604  C  CE2 . TYR A 1 102 ? -4.033  3.941   -15.047 1.00 11.00 ? 83  TYR A CE2 1 
ATOM   605  C  CZ  . TYR A 1 102 ? -5.201  3.586   -14.414 1.00 13.19 ? 83  TYR A CZ  1 
ATOM   606  O  OH  . TYR A 1 102 ? -6.310  4.388   -14.523 1.00 19.32 ? 83  TYR A OH  1 
ATOM   607  N  N   . VAL A 1 103 ? -0.785  1.132   -17.050 1.00 9.06  ? 84  VAL A N   1 
ATOM   608  C  CA  . VAL A 1 103 ? -0.881  1.720   -18.384 1.00 9.28  ? 84  VAL A CA  1 
ATOM   609  C  C   . VAL A 1 103 ? -1.147  0.650   -19.433 1.00 11.50 ? 84  VAL A C   1 
ATOM   610  O  O   . VAL A 1 103 ? -1.982  0.841   -20.324 1.00 18.39 ? 84  VAL A O   1 
ATOM   611  C  CB  . VAL A 1 103 ? 0.384   2.529   -18.718 1.00 8.38  ? 84  VAL A CB  1 
ATOM   612  C  CG1 . VAL A 1 103 ? 0.289   3.084   -20.120 1.00 9.53  ? 84  VAL A CG1 1 
ATOM   613  C  CG2 . VAL A 1 103 ? 0.551   3.662   -17.732 1.00 10.73 ? 84  VAL A CG2 1 
ATOM   614  N  N   . GLU A 1 104 ? -0.462  -0.492  -19.346 1.00 9.15  ? 85  GLU A N   1 
ATOM   615  C  CA  . GLU A 1 104 ? -0.613  -1.514  -20.373 1.00 7.18  ? 85  GLU A CA  1 
ATOM   616  C  C   . GLU A 1 104 ? -1.901  -2.309  -20.206 1.00 14.48 ? 85  GLU A C   1 
ATOM   617  O  O   . GLU A 1 104 ? -2.309  -3.020  -21.128 1.00 17.13 ? 85  GLU A O   1 
ATOM   618  C  CB  . GLU A 1 104 ? 0.601   -2.440  -20.374 1.00 5.51  ? 85  GLU A CB  1 
ATOM   619  C  CG  . GLU A 1 104 ? 0.560   -3.527  -19.334 1.00 8.86  ? 85  GLU A CG  1 
ATOM   620  C  CD  . GLU A 1 104 ? 1.830   -4.346  -19.299 1.00 14.82 ? 85  GLU A CD  1 
ATOM   621  O  OE1 . GLU A 1 104 ? 1.737   -5.591  -19.264 1.00 22.88 ? 85  GLU A OE1 1 
ATOM   622  O  OE2 . GLU A 1 104 ? 2.924   -3.749  -19.313 1.00 13.27 ? 85  GLU A OE2 1 
ATOM   623  N  N   . ALA A 1 105 ? -2.556  -2.206  -19.056 1.00 25.89 ? 86  ALA A N   1 
ATOM   624  C  CA  . ALA A 1 105 ? -3.900  -2.754  -18.885 1.00 19.25 ? 86  ALA A CA  1 
ATOM   625  C  C   . ALA A 1 105 ? -4.953  -1.712  -19.237 1.00 17.97 ? 86  ALA A C   1 
ATOM   626  O  O   . ALA A 1 105 ? -6.099  -1.764  -18.799 1.00 22.24 ? 86  ALA A O   1 
ATOM   627  C  CB  . ALA A 1 105 ? -4.082  -3.260  -17.461 1.00 12.57 ? 86  ALA A CB  1 
ATOM   628  N  N   . LYS A 1 106 ? -4.540  -0.737  -20.042 1.00 18.90 ? 87  LYS A N   1 
ATOM   629  C  CA  . LYS A 1 106 ? -5.417  0.322   -20.523 1.00 24.25 ? 87  LYS A CA  1 
ATOM   630  C  C   . LYS A 1 106 ? -5.285  0.428   -22.037 1.00 23.43 ? 87  LYS A C   1 
ATOM   631  O  O   . LYS A 1 106 ? -6.062  1.126   -22.694 1.00 31.01 ? 87  LYS A O   1 
ATOM   632  C  CB  . LYS A 1 106 ? -5.080  1.646   -19.837 1.00 21.80 ? 87  LYS A CB  1 
ATOM   633  C  CG  . LYS A 1 106 ? -6.093  2.752   -20.051 1.00 21.87 ? 87  LYS A CG  1 
ATOM   634  C  CD  . LYS A 1 106 ? -6.125  3.708   -18.875 1.00 19.37 ? 87  LYS A CD  1 
ATOM   635  C  CE  . LYS A 1 106 ? -6.506  2.988   -17.590 1.00 20.02 ? 87  LYS A CE  1 
ATOM   636  N  NZ  . LYS A 1 106 ? -7.976  2.770   -17.482 1.00 13.47 ? 87  LYS A NZ  1 
ATOM   637  N  N   . ILE A 1 107 ? -4.307  -0.277  -22.600 1.00 20.41 ? 88  ILE A N   1 
ATOM   638  C  CA  . ILE A 1 107 ? -4.140  -0.361  -24.045 1.00 24.04 ? 88  ILE A CA  1 
ATOM   639  C  C   . ILE A 1 107 ? -4.658  -1.717  -24.494 1.00 22.48 ? 88  ILE A C   1 
ATOM   640  O  O   . ILE A 1 107 ? -4.542  -2.086  -25.666 1.00 21.55 ? 88  ILE A O   1 
ATOM   641  C  CB  . ILE A 1 107 ? -2.676  -0.150  -24.469 1.00 24.32 ? 88  ILE A CB  1 
ATOM   642  C  CG1 . ILE A 1 107 ? -1.810  -1.329  -24.029 1.00 23.80 ? 88  ILE A CG1 1 
ATOM   643  C  CG2 . ILE A 1 107 ? -2.137  1.123   -23.878 1.00 16.88 ? 88  ILE A CG2 1 
ATOM   644  C  CD1 . ILE A 1 107 ? -0.339  -1.123  -24.288 1.00 15.64 ? 88  ILE A CD1 1 
ATOM   645  N  N   . LYS A 1 108 ? -5.230  -2.472  -23.548 1.00 26.74 ? 89  LYS A N   1 
ATOM   646  C  CA  . LYS A 1 108 ? -5.901  -3.720  -23.893 1.00 30.14 ? 89  LYS A CA  1 
ATOM   647  C  C   . LYS A 1 108 ? -7.369  -3.702  -23.483 1.00 27.90 ? 89  LYS A C   1 
ATOM   648  O  O   . LYS A 1 108 ? -8.067  -4.702  -23.690 1.00 30.20 ? 89  LYS A O   1 
ATOM   649  C  CB  . LYS A 1 108 ? -5.204  -4.921  -23.241 1.00 28.62 ? 89  LYS A CB  1 
ATOM   650  C  CG  . LYS A 1 108 ? -3.781  -5.145  -23.716 1.00 29.91 ? 89  LYS A CG  1 
ATOM   651  C  CD  . LYS A 1 108 ? -2.921  -5.764  -22.629 1.00 32.46 ? 89  LYS A CD  1 
ATOM   652  C  CE  . LYS A 1 108 ? -1.441  -5.611  -22.943 1.00 28.99 ? 89  LYS A CE  1 
ATOM   653  N  NZ  . LYS A 1 108 ? -0.632  -6.744  -22.411 1.00 27.01 ? 89  LYS A NZ  1 
ATOM   654  N  N   . GLY A 1 109 ? -7.855  -2.602  -22.908 1.00 26.54 ? 90  GLY A N   1 
ATOM   655  C  CA  . GLY A 1 109 ? -9.238  -2.485  -22.502 1.00 29.93 ? 90  GLY A CA  1 
ATOM   656  C  C   . GLY A 1 109 ? -9.667  -3.578  -21.546 1.00 35.78 ? 90  GLY A C   1 
ATOM   657  O  O   . GLY A 1 109 ? -10.759 -4.135  -21.677 1.00 35.52 ? 90  GLY A O   1 
ATOM   658  N  N   . ASP A 1 110 ? -8.816  -3.888  -20.573 1.00 32.10 ? 91  ASP A N   1 
ATOM   659  C  CA  . ASP A 1 110 ? -9.053  -4.974  -19.641 1.00 31.29 ? 91  ASP A CA  1 
ATOM   660  C  C   . ASP A 1 110 ? -9.362  -4.412  -18.264 1.00 36.68 ? 91  ASP A C   1 
ATOM   661  O  O   . ASP A 1 110 ? -8.584  -3.624  -17.715 1.00 39.40 ? 91  ASP A O   1 
ATOM   662  C  CB  . ASP A 1 110 ? -7.843  -5.910  -19.559 1.00 31.31 ? 91  ASP A CB  1 
ATOM   663  C  CG  . ASP A 1 110 ? -8.225  -7.367  -19.720 1.00 37.59 ? 91  ASP A CG  1 
ATOM   664  O  OD1 . ASP A 1 110 ? -9.423  -7.688  -19.580 1.00 38.50 ? 91  ASP A OD1 1 
ATOM   665  O  OD2 . ASP A 1 110 ? -7.326  -8.191  -19.985 1.00 37.12 ? 91  ASP A OD2 1 
ATOM   666  N  N   . ARG A 1 111 ? -10.506 -4.812  -17.717 1.00 37.60 ? 92  ARG A N   1 
ATOM   667  C  CA  . ARG A 1 111 ? -10.913 -4.471  -16.361 1.00 36.96 ? 92  ARG A CA  1 
ATOM   668  C  C   . ARG A 1 111 ? -10.839 -5.710  -15.475 1.00 34.79 ? 92  ARG A C   1 
ATOM   669  O  O   . ARG A 1 111 ? -11.099 -5.667  -14.272 1.00 35.30 ? 92  ARG A O   1 
ATOM   670  C  CB  . ARG A 1 111 ? -12.305 -3.837  -16.370 1.00 34.00 ? 92  ARG A CB  1 
ATOM   671  C  CG  . ARG A 1 111 ? -12.889 -3.478  -15.010 1.00 37.48 ? 92  ARG A CG  1 
ATOM   672  C  CD  . ARG A 1 111 ? -13.580 -2.127  -15.014 1.00 36.36 ? 92  ARG A CD  1 
ATOM   673  N  NE  . ARG A 1 111 ? -12.880 -1.157  -15.845 1.00 37.52 ? 92  ARG A NE  1 
ATOM   674  C  CZ  . ARG A 1 111 ? -13.228 0.117   -15.959 1.00 38.45 ? 92  ARG A CZ  1 
ATOM   675  N  NH1 . ARG A 1 111 ? -14.259 0.613   -15.296 1.00 36.61 ? 92  ARG A NH1 1 
ATOM   676  N  NH2 . ARG A 1 111 ? -12.515 0.916   -16.748 1.00 37.83 ? 92  ARG A NH2 1 
ATOM   677  N  N   . GLU A 1 112 ? -10.427 -6.832  -16.063 1.00 37.48 ? 93  GLU A N   1 
ATOM   678  C  CA  . GLU A 1 112 ? -10.171 -8.037  -15.286 1.00 36.02 ? 93  GLU A CA  1 
ATOM   679  C  C   . GLU A 1 112 ? -8.700  -8.164  -14.921 1.00 36.52 ? 93  GLU A C   1 
ATOM   680  O  O   . GLU A 1 112 ? -8.345  -9.065  -14.152 1.00 39.36 ? 93  GLU A O   1 
ATOM   681  C  CB  . GLU A 1 112 ? -10.627 -9.286  -16.048 1.00 41.34 ? 93  GLU A CB  1 
ATOM   682  C  CG  . GLU A 1 112 ? -12.130 -9.522  -16.016 1.00 44.09 ? 93  GLU A CG  1 
ATOM   683  C  CD  . GLU A 1 112 ? -12.691 -9.550  -14.608 1.00 48.05 ? 93  GLU A CD  1 
ATOM   684  O  OE1 . GLU A 1 112 ? -13.409 -8.598  -14.235 1.00 48.46 ? 93  GLU A OE1 1 
ATOM   685  O  OE2 . GLU A 1 112 ? -12.417 -10.524 -13.875 1.00 46.70 ? 93  GLU A OE2 1 
ATOM   686  N  N   . LYS A 1 113 ? -7.838  -7.299  -15.450 1.00 33.75 ? 94  LYS A N   1 
ATOM   687  C  CA  . LYS A 1 113 ? -6.454  -7.187  -15.019 1.00 34.83 ? 94  LYS A CA  1 
ATOM   688  C  C   . LYS A 1 113 ? -6.231  -6.035  -14.053 1.00 29.77 ? 94  LYS A C   1 
ATOM   689  O  O   . LYS A 1 113 ? -5.332  -6.116  -13.211 1.00 29.20 ? 94  LYS A O   1 
ATOM   690  C  CB  . LYS A 1 113 ? -5.526  -7.008  -16.229 1.00 35.51 ? 94  LYS A CB  1 
ATOM   691  C  CG  . LYS A 1 113 ? -5.241  -8.297  -16.979 1.00 35.61 ? 94  LYS A CG  1 
ATOM   692  C  CD  . LYS A 1 113 ? -4.285  -8.069  -18.136 1.00 36.67 ? 94  LYS A CD  1 
ATOM   693  C  CE  . LYS A 1 113 ? -3.521  -9.339  -18.468 1.00 37.54 ? 94  LYS A CE  1 
ATOM   694  N  NZ  . LYS A 1 113 ? -2.492  -9.118  -19.522 1.00 36.41 ? 94  LYS A NZ  1 
ATOM   695  N  N   . LEU A 1 114 ? -7.039  -4.978  -14.140 1.00 21.42 ? 95  LEU A N   1 
ATOM   696  C  CA  . LEU A 1 114 ? -6.987  -3.913  -13.149 1.00 25.14 ? 95  LEU A CA  1 
ATOM   697  C  C   . LEU A 1 114 ? -7.316  -4.435  -11.756 1.00 28.40 ? 95  LEU A C   1 
ATOM   698  O  O   . LEU A 1 114 ? -6.749  -3.963  -10.767 1.00 28.42 ? 95  LEU A O   1 
ATOM   699  C  CB  . LEU A 1 114 ? -7.948  -2.794  -13.537 1.00 24.95 ? 95  LEU A CB  1 
ATOM   700  C  CG  . LEU A 1 114 ? -7.401  -1.724  -14.475 1.00 21.77 ? 95  LEU A CG  1 
ATOM   701  C  CD1 . LEU A 1 114 ? -8.369  -0.560  -14.584 1.00 24.11 ? 95  LEU A CD1 1 
ATOM   702  C  CD2 . LEU A 1 114 ? -6.042  -1.249  -14.009 1.00 24.40 ? 95  LEU A CD2 1 
ATOM   703  N  N   . ARG A 1 115 ? -8.225  -5.408  -11.656 1.00 27.61 ? 96  ARG A N   1 
ATOM   704  C  CA  . ARG A 1 115 ? -8.580  -5.965  -10.356 1.00 24.86 ? 96  ARG A CA  1 
ATOM   705  C  C   . ARG A 1 115 ? -7.431  -6.759  -9.744  1.00 31.18 ? 96  ARG A C   1 
ATOM   706  O  O   . ARG A 1 115 ? -7.175  -6.659  -8.540  1.00 41.41 ? 96  ARG A O   1 
ATOM   707  C  CB  . ARG A 1 115 ? -9.829  -6.829  -10.486 1.00 23.01 ? 96  ARG A CB  1 
ATOM   708  C  CG  . ARG A 1 115 ? -11.037 -6.050  -10.966 1.00 28.83 ? 96  ARG A CG  1 
ATOM   709  C  CD  . ARG A 1 115 ? -12.340 -6.692  -10.535 1.00 36.43 ? 96  ARG A CD  1 
ATOM   710  N  NE  . ARG A 1 115 ? -13.466 -5.794  -10.756 1.00 37.32 ? 96  ARG A NE  1 
ATOM   711  C  CZ  . ARG A 1 115 ? -13.995 -5.014  -9.824  1.00 34.35 ? 96  ARG A CZ  1 
ATOM   712  N  NH1 . ARG A 1 115 ? -13.530 -5.004  -8.586  1.00 28.22 ? 96  ARG A NH1 1 
ATOM   713  N  NH2 . ARG A 1 115 ? -15.015 -4.221  -10.141 1.00 30.26 ? 96  ARG A NH2 1 
ATOM   714  N  N   . GLU A 1 116 ? -6.720  -7.548  -10.548 1.00 17.43 ? 97  GLU A N   1 
ATOM   715  C  CA  . GLU A 1 116 ? -5.543  -8.228  -10.028 1.00 22.37 ? 97  GLU A CA  1 
ATOM   716  C  C   . GLU A 1 116 ? -4.420  -7.251  -9.698  1.00 29.01 ? 97  GLU A C   1 
ATOM   717  O  O   . GLU A 1 116 ? -3.681  -7.472  -8.727  1.00 28.68 ? 97  GLU A O   1 
ATOM   718  C  CB  . GLU A 1 116 ? -5.057  -9.284  -11.025 1.00 23.36 ? 97  GLU A CB  1 
ATOM   719  C  CG  . GLU A 1 116 ? -3.647  -9.782  -10.766 1.00 30.92 ? 97  GLU A CG  1 
ATOM   720  C  CD  . GLU A 1 116 ? -3.580  -10.752 -9.602  1.00 33.85 ? 97  GLU A CD  1 
ATOM   721  O  OE1 . GLU A 1 116 ? -4.636  -11.281 -9.204  1.00 32.75 ? 97  GLU A OE1 1 
ATOM   722  O  OE2 . GLU A 1 116 ? -2.466  -10.979 -9.082  1.00 32.55 ? 97  GLU A OE2 1 
ATOM   723  N  N   . LEU A 1 117 ? -4.294  -6.165  -10.461 1.00 25.74 ? 98  LEU A N   1 
ATOM   724  C  CA  . LEU A 1 117 ? -3.369  -5.103  -10.086 1.00 18.04 ? 98  LEU A CA  1 
ATOM   725  C  C   . LEU A 1 117 ? -3.721  -4.531  -8.720  1.00 20.78 ? 98  LEU A C   1 
ATOM   726  O  O   . LEU A 1 117 ? -2.841  -4.315  -7.880  1.00 28.18 ? 98  LEU A O   1 
ATOM   727  C  CB  . LEU A 1 117 ? -3.378  -4.001  -11.139 1.00 16.38 ? 98  LEU A CB  1 
ATOM   728  C  CG  . LEU A 1 117 ? -2.083  -3.208  -11.264 1.00 15.06 ? 98  LEU A CG  1 
ATOM   729  C  CD1 . LEU A 1 117 ? -0.940  -4.117  -11.647 1.00 19.42 ? 98  LEU A CD1 1 
ATOM   730  C  CD2 . LEU A 1 117 ? -2.257  -2.112  -12.277 1.00 16.41 ? 98  LEU A CD2 1 
ATOM   731  N  N   . LEU A 1 118 ? -5.009  -4.273  -8.483  1.00 15.74 ? 99  LEU A N   1 
ATOM   732  C  CA  . LEU A 1 118 ? -5.448  -3.779  -7.184  1.00 9.08  ? 99  LEU A CA  1 
ATOM   733  C  C   . LEU A 1 118 ? -5.123  -4.774  -6.081  1.00 12.28 ? 99  LEU A C   1 
ATOM   734  O  O   . LEU A 1 118 ? -4.698  -4.381  -4.989  1.00 21.06 ? 99  LEU A O   1 
ATOM   735  C  CB  . LEU A 1 118 ? -6.946  -3.487  -7.212  1.00 11.50 ? 99  LEU A CB  1 
ATOM   736  C  CG  . LEU A 1 118 ? -7.508  -2.549  -6.143  1.00 15.74 ? 99  LEU A CG  1 
ATOM   737  C  CD1 . LEU A 1 118 ? -6.590  -1.365  -5.916  1.00 14.27 ? 99  LEU A CD1 1 
ATOM   738  C  CD2 . LEU A 1 118 ? -8.903  -2.083  -6.519  1.00 18.39 ? 99  LEU A CD2 1 
ATOM   739  N  N   . GLU A 1 119 ? -5.321  -6.063  -6.346  1.00 9.94  ? 100 GLU A N   1 
ATOM   740  C  CA  . GLU A 1 119 ? -5.011  -7.082  -5.349  1.00 18.94 ? 100 GLU A CA  1 
ATOM   741  C  C   . GLU A 1 119 ? -3.528  -7.073  -4.988  1.00 23.51 ? 100 GLU A C   1 
ATOM   742  O  O   . GLU A 1 119 ? -3.163  -7.120  -3.804  1.00 24.38 ? 100 GLU A O   1 
ATOM   743  C  CB  . GLU A 1 119 ? -5.426  -8.460  -5.858  1.00 21.69 ? 100 GLU A CB  1 
ATOM   744  C  CG  . GLU A 1 119 ? -5.175  -9.574  -4.866  1.00 27.44 ? 100 GLU A CG  1 
ATOM   745  C  CD  . GLU A 1 119 ? -4.889  -10.898 -5.539  1.00 33.54 ? 100 GLU A CD  1 
ATOM   746  O  OE1 . GLU A 1 119 ? -5.753  -11.383 -6.300  1.00 32.04 ? 100 GLU A OE1 1 
ATOM   747  O  OE2 . GLU A 1 119 ? -3.797  -11.458 -5.303  1.00 29.67 ? 100 GLU A OE2 1 
ATOM   748  N  N   . LYS A 1 120 ? -2.654  -7.013  -5.997  1.00 23.63 ? 101 LYS A N   1 
ATOM   749  C  CA  . LYS A 1 120 ? -1.217  -7.003  -5.723  1.00 15.92 ? 101 LYS A CA  1 
ATOM   750  C  C   . LYS A 1 120 ? -0.793  -5.731  -4.999  1.00 9.26  ? 101 LYS A C   1 
ATOM   751  O  O   . LYS A 1 120 ? 0.039   -5.779  -4.082  1.00 12.06 ? 101 LYS A O   1 
ATOM   752  C  CB  . LYS A 1 120 ? -0.428  -7.171  -7.021  1.00 21.61 ? 101 LYS A CB  1 
ATOM   753  C  CG  . LYS A 1 120 ? -0.767  -8.435  -7.791  1.00 26.91 ? 101 LYS A CG  1 
ATOM   754  C  CD  . LYS A 1 120 ? 0.446   -8.986  -8.523  1.00 23.45 ? 101 LYS A CD  1 
ATOM   755  C  CE  . LYS A 1 120 ? 1.005   -7.982  -9.510  1.00 22.02 ? 101 LYS A CE  1 
ATOM   756  N  NZ  . LYS A 1 120 ? 0.339   -8.089  -10.835 1.00 21.96 ? 101 LYS A NZ  1 
ATOM   757  N  N   . VAL A 1 121 ? -1.358  -4.585  -5.385  1.00 6.12  ? 102 VAL A N   1 
ATOM   758  C  CA  . VAL A 1 121 ? -1.019  -3.330  -4.728  1.00 2.61  ? 102 VAL A CA  1 
ATOM   759  C  C   . VAL A 1 121 ? -1.463  -3.349  -3.272  1.00 18.28 ? 102 VAL A C   1 
ATOM   760  O  O   . VAL A 1 121 ? -0.745  -2.879  -2.384  1.00 16.32 ? 102 VAL A O   1 
ATOM   761  C  CB  . VAL A 1 121 ? -1.632  -2.145  -5.500  1.00 3.65  ? 102 VAL A CB  1 
ATOM   762  C  CG1 . VAL A 1 121 ? -1.530  -0.876  -4.689  1.00 4.77  ? 102 VAL A CG1 1 
ATOM   763  C  CG2 . VAL A 1 121 ? -0.938  -1.968  -6.832  1.00 9.38  ? 102 VAL A CG2 1 
ATOM   764  N  N   . LYS A 1 122 ? -2.648  -3.904  -2.995  1.00 20.66 ? 103 LYS A N   1 
ATOM   765  C  CA  . LYS A 1 122 ? -3.119  -3.983  -1.614  1.00 3.49  ? 103 LYS A CA  1 
ATOM   766  C  C   . LYS A 1 122 ? -2.291  -4.957  -0.782  1.00 4.94  ? 103 LYS A C   1 
ATOM   767  O  O   . LYS A 1 122 ? -2.036  -4.695  0.399   1.00 21.68 ? 103 LYS A O   1 
ATOM   768  C  CB  . LYS A 1 122 ? -4.595  -4.368  -1.581  1.00 0.00  ? 103 LYS A CB  1 
ATOM   769  C  CG  . LYS A 1 122 ? -5.530  -3.174  -1.500  1.00 8.69  ? 103 LYS A CG  1 
ATOM   770  C  CD  . LYS A 1 122 ? -6.892  -3.482  -2.093  1.00 15.85 ? 103 LYS A CD  1 
ATOM   771  C  CE  . LYS A 1 122 ? -7.559  -4.646  -1.381  1.00 20.04 ? 103 LYS A CE  1 
ATOM   772  N  NZ  . LYS A 1 122 ? -8.632  -5.260  -2.210  1.00 13.12 ? 103 LYS A NZ  1 
ATOM   773  N  N   . LYS A 1 123 ? -1.862  -6.076  -1.367  1.00 5.59  ? 104 LYS A N   1 
ATOM   774  C  CA  . LYS A 1 123 ? -0.965  -6.964  -0.634  1.00 3.64  ? 104 LYS A CA  1 
ATOM   775  C  C   . LYS A 1 123 ? 0.355   -6.278  -0.308  1.00 12.30 ? 104 LYS A C   1 
ATOM   776  O  O   . LYS A 1 123 ? 0.880   -6.437  0.802   1.00 22.95 ? 104 LYS A O   1 
ATOM   777  C  CB  . LYS A 1 123 ? -0.716  -8.243  -1.426  1.00 11.16 ? 104 LYS A CB  1 
ATOM   778  C  CG  . LYS A 1 123 ? -1.857  -9.241  -1.368  1.00 16.40 ? 104 LYS A CG  1 
ATOM   779  C  CD  . LYS A 1 123 ? -1.704  -10.306 -2.441  1.00 20.42 ? 104 LYS A CD  1 
ATOM   780  C  CE  . LYS A 1 123 ? -0.265  -10.774 -2.553  1.00 19.49 ? 104 LYS A CE  1 
ATOM   781  N  NZ  . LYS A 1 123 ? 0.102   -11.107 -3.955  1.00 19.54 ? 104 LYS A NZ  1 
ATOM   782  N  N   . ASP A 1 124 ? 0.922   -5.470  -1.148  1.00 14.39 ? 105 ASP A N   1 
ATOM   783  C  CA  . ASP A 1 124 ? 2.133   -4.779  -0.794  1.00 6.90  ? 105 ASP A CA  1 
ATOM   784  C  C   . ASP A 1 124 ? 1.853   -3.690  0.134   1.00 15.01 ? 105 ASP A C   1 
ATOM   785  O  O   . ASP A 1 124 ? 2.721   -3.334  0.846   1.00 17.14 ? 105 ASP A O   1 
ATOM   786  C  CB  . ASP A 1 124 ? 2.762   -4.167  -1.952  1.00 6.92  ? 105 ASP A CB  1 
ATOM   787  C  CG  . ASP A 1 124 ? 3.864   -4.996  -2.514  1.00 20.04 ? 105 ASP A CG  1 
ATOM   788  O  OD1 . ASP A 1 124 ? 4.403   -5.859  -1.797  1.00 22.27 ? 105 ASP A OD1 1 
ATOM   789  O  OD2 . ASP A 1 124 ? 4.202   -4.783  -3.685  1.00 18.75 ? 105 ASP A OD2 1 
ATOM   790  N  N   . VAL A 1 125 ? 0.676   -3.082  0.118   1.00 14.21 ? 106 VAL A N   1 
ATOM   791  C  CA  . VAL A 1 125 ? 0.338   -2.110  1.157   1.00 5.04  ? 106 VAL A CA  1 
ATOM   792  C  C   . VAL A 1 125 ? 0.366   -2.773  2.527   1.00 3.34  ? 106 VAL A C   1 
ATOM   793  O  O   . VAL A 1 125 ? 0.926   -2.236  3.490   1.00 14.22 ? 106 VAL A O   1 
ATOM   794  C  CB  . VAL A 1 125 ? -1.035  -1.474  0.871   1.00 0.08  ? 106 VAL A CB  1 
ATOM   795  C  CG1 . VAL A 1 125 ? -1.589  -0.824  2.124   1.00 10.42 ? 106 VAL A CG1 1 
ATOM   796  C  CG2 . VAL A 1 125 ? -0.937  -0.466  -0.241  1.00 1.56  ? 106 VAL A CG2 1 
ATOM   797  N  N   . LEU A 1 126 ? -0.245  -3.951  2.635   1.00 10.30 ? 107 LEU A N   1 
ATOM   798  C  CA  . LEU A 1 126 ? -0.260  -4.649  3.918   1.00 16.36 ? 107 LEU A CA  1 
ATOM   799  C  C   . LEU A 1 126 ? 1.144   -5.054  4.347   1.00 12.36 ? 107 LEU A C   1 
ATOM   800  O  O   . LEU A 1 126 ? 1.487   -4.962  5.528   1.00 19.09 ? 107 LEU A O   1 
ATOM   801  C  CB  . LEU A 1 126 ? -1.183  -5.864  3.859   1.00 12.26 ? 107 LEU A CB  1 
ATOM   802  C  CG  . LEU A 1 126 ? -2.628  -5.588  3.453   1.00 1.52  ? 107 LEU A CG  1 
ATOM   803  C  CD1 . LEU A 1 126 ? -3.282  -6.852  2.937   1.00 6.24  ? 107 LEU A CD1 1 
ATOM   804  C  CD2 . LEU A 1 126 ? -3.408  -5.002  4.605   1.00 11.55 ? 107 LEU A CD2 1 
ATOM   805  N  N   . GLU A 1 127 ? 1.975   -5.503  3.402   1.00 6.51  ? 108 GLU A N   1 
ATOM   806  C  CA  . GLU A 1 127 ? 3.353   -5.832  3.762   1.00 12.10 ? 108 GLU A CA  1 
ATOM   807  C  C   . GLU A 1 127 ? 4.144   -4.599  4.188   1.00 21.43 ? 108 GLU A C   1 
ATOM   808  O  O   . GLU A 1 127 ? 4.982   -4.692  5.092   1.00 19.19 ? 108 GLU A O   1 
ATOM   809  C  CB  . GLU A 1 127 ? 4.058   -6.540  2.609   1.00 15.85 ? 108 GLU A CB  1 
ATOM   810  C  CG  . GLU A 1 127 ? 4.173   -8.038  2.811   1.00 22.51 ? 108 GLU A CG  1 
ATOM   811  C  CD  . GLU A 1 127 ? 5.005   -8.393  4.032   1.00 26.77 ? 108 GLU A CD  1 
ATOM   812  O  OE1 . GLU A 1 127 ? 4.627   -9.334  4.761   1.00 25.38 ? 108 GLU A OE1 1 
ATOM   813  O  OE2 . GLU A 1 127 ? 6.036   -7.729  4.268   1.00 22.82 ? 108 GLU A OE2 1 
ATOM   814  N  N   . ALA A 1 128 ? 3.914   -3.454  3.547   1.00 27.92 ? 109 ALA A N   1 
ATOM   815  C  CA  . ALA A 1 128 ? 4.587   -2.222  3.947   1.00 18.22 ? 109 ALA A CA  1 
ATOM   816  C  C   . ALA A 1 128 ? 4.178   -1.806  5.354   1.00 15.58 ? 109 ALA A C   1 
ATOM   817  O  O   . ALA A 1 128 ? 5.010   -1.363  6.152   1.00 12.80 ? 109 ALA A O   1 
ATOM   818  C  CB  . ALA A 1 128 ? 4.282   -1.106  2.947   1.00 9.83  ? 109 ALA A CB  1 
ATOM   819  N  N   . ILE A 1 129 ? 2.890   -1.937  5.674   1.00 19.27 ? 110 ILE A N   1 
ATOM   820  C  CA  . ILE A 1 129 ? 2.401   -1.623  7.013   1.00 16.33 ? 110 ILE A CA  1 
ATOM   821  C  C   . ILE A 1 129 ? 3.041   -2.561  8.029   1.00 21.21 ? 110 ILE A C   1 
ATOM   822  O  O   . ILE A 1 129 ? 3.481   -2.128  9.100   1.00 22.99 ? 110 ILE A O   1 
ATOM   823  C  CB  . ILE A 1 129 ? 0.867   -1.708  7.096   1.00 14.26 ? 110 ILE A CB  1 
ATOM   824  C  CG1 . ILE A 1 129 ? 0.222   -0.680  6.175   1.00 17.47 ? 110 ILE A CG1 1 
ATOM   825  C  CG2 . ILE A 1 129 ? 0.404   -1.487  8.519   1.00 18.16 ? 110 ILE A CG2 1 
ATOM   826  C  CD1 . ILE A 1 129 ? -1.237  -0.446  6.466   1.00 18.42 ? 110 ILE A CD1 1 
ATOM   827  N  N   . LYS A 1 130 ? 3.095   -3.851  7.702   1.00 23.97 ? 111 LYS A N   1 
ATOM   828  C  CA  . LYS A 1 130 ? 3.666   -4.833  8.616   1.00 18.85 ? 111 LYS A CA  1 
ATOM   829  C  C   . LYS A 1 130 ? 5.146   -4.561  8.868   1.00 21.88 ? 111 LYS A C   1 
ATOM   830  O  O   . LYS A 1 130 ? 5.614   -4.624  10.009  1.00 23.11 ? 111 LYS A O   1 
ATOM   831  C  CB  . LYS A 1 130 ? 3.462   -6.239  8.052   1.00 19.21 ? 111 LYS A CB  1 
ATOM   832  C  CG  . LYS A 1 130 ? 3.500   -7.346  9.085   1.00 20.55 ? 111 LYS A CG  1 
ATOM   833  C  CD  . LYS A 1 130 ? 2.428   -8.377  8.789   1.00 26.12 ? 111 LYS A CD  1 
ATOM   834  C  CE  . LYS A 1 130 ? 2.470   -8.815  7.333   1.00 25.55 ? 111 LYS A CE  1 
ATOM   835  N  NZ  . LYS A 1 130 ? 1.240   -9.552  6.929   1.00 22.37 ? 111 LYS A NZ  1 
ATOM   836  N  N   . LYS A 1 131 ? 5.899   -4.259  7.811   1.00 23.46 ? 112 LYS A N   1 
ATOM   837  C  CA  . LYS A 1 131 ? 7.329   -4.008  7.944   1.00 24.67 ? 112 LYS A CA  1 
ATOM   838  C  C   . LYS A 1 131 ? 7.599   -2.715  8.698   1.00 26.94 ? 112 LYS A C   1 
ATOM   839  O  O   . LYS A 1 131 ? 8.285   -2.720  9.724   1.00 27.61 ? 112 LYS A O   1 
ATOM   840  C  CB  . LYS A 1 131 ? 7.995   -3.962  6.568   1.00 26.15 ? 112 LYS A CB  1 
ATOM   841  C  CG  . LYS A 1 131 ? 9.481   -4.281  6.593   1.00 26.19 ? 112 LYS A CG  1 
ATOM   842  C  CD  . LYS A 1 131 ? 9.991   -4.656  5.212   1.00 28.60 ? 112 LYS A CD  1 
ATOM   843  C  CE  . LYS A 1 131 ? 9.257   -5.868  4.662   1.00 27.52 ? 112 LYS A CE  1 
ATOM   844  N  NZ  . LYS A 1 131 ? 9.165   -6.968  5.660   1.00 27.55 ? 112 LYS A NZ  1 
ATOM   845  N  N   . GLY A 1 132 ? 7.071   -1.604  8.197   1.00 25.09 ? 113 GLY A N   1 
ATOM   846  C  CA  . GLY A 1 132 ? 7.247   -0.324  8.853   1.00 25.36 ? 113 GLY A CA  1 
ATOM   847  C  C   . GLY A 1 132 ? 7.670   0.772   7.899   1.00 29.28 ? 113 GLY A C   1 
ATOM   848  O  O   . GLY A 1 132 ? 7.886   1.915   8.310   1.00 31.96 ? 113 GLY A O   1 
ATOM   849  N  N   . ASP A 1 133 ? 7.795   0.432   6.615   1.00 21.76 ? 114 ASP A N   1 
ATOM   850  C  CA  . ASP A 1 133 ? 8.210   1.398   5.607   1.00 18.84 ? 114 ASP A CA  1 
ATOM   851  C  C   . ASP A 1 133 ? 7.119   2.439   5.405   1.00 18.43 ? 114 ASP A C   1 
ATOM   852  O  O   . ASP A 1 133 ? 5.979   2.099   5.075   1.00 25.29 ? 114 ASP A O   1 
ATOM   853  C  CB  . ASP A 1 133 ? 8.522   0.683   4.297   1.00 20.62 ? 114 ASP A CB  1 
ATOM   854  C  CG  . ASP A 1 133 ? 9.581   1.393   3.482   1.00 26.13 ? 114 ASP A CG  1 
ATOM   855  O  OD1 . ASP A 1 133 ? 9.546   2.638   3.412   1.00 26.69 ? 114 ASP A OD1 1 
ATOM   856  O  OD2 . ASP A 1 133 ? 10.449  0.706   2.906   1.00 27.13 ? 114 ASP A OD2 1 
ATOM   857  N  N   . GLU A 1 134 ? 7.467   3.707   5.600   1.00 15.06 ? 115 GLU A N   1 
ATOM   858  C  CA  . GLU A 1 134 ? 6.527   4.809   5.456   1.00 15.44 ? 115 GLU A CA  1 
ATOM   859  C  C   . GLU A 1 134 ? 6.625   5.492   4.099   1.00 19.74 ? 115 GLU A C   1 
ATOM   860  O  O   . GLU A 1 134 ? 5.691   6.193   3.704   1.00 23.92 ? 115 GLU A O   1 
ATOM   861  C  CB  . GLU A 1 134 ? 6.752   5.831   6.574   1.00 22.59 ? 115 GLU A CB  1 
ATOM   862  C  CG  . GLU A 1 134 ? 5.668   6.886   6.696   1.00 24.73 ? 115 GLU A CG  1 
ATOM   863  C  CD  . GLU A 1 134 ? 6.128   8.105   7.471   1.00 33.04 ? 115 GLU A CD  1 
ATOM   864  O  OE1 . GLU A 1 134 ? 5.469   9.160   7.367   1.00 31.61 ? 115 GLU A OE1 1 
ATOM   865  O  OE2 . GLU A 1 134 ? 7.148   8.006   8.186   1.00 29.73 ? 115 GLU A OE2 1 
ATOM   866  N  N   . GLU A 1 135 ? 7.725   5.297   3.376   1.00 19.38 ? 116 GLU A N   1 
ATOM   867  C  CA  . GLU A 1 135 ? 7.915   5.858   2.044   1.00 15.32 ? 116 GLU A CA  1 
ATOM   868  C  C   . GLU A 1 135 ? 7.361   4.970   0.943   1.00 21.24 ? 116 GLU A C   1 
ATOM   869  O  O   . GLU A 1 135 ? 6.840   5.480   -0.049  1.00 29.84 ? 116 GLU A O   1 
ATOM   870  C  CB  . GLU A 1 135 ? 9.404   6.108   1.794   1.00 17.09 ? 116 GLU A CB  1 
ATOM   871  C  CG  . GLU A 1 135 ? 10.013  7.130   2.740   1.00 24.55 ? 116 GLU A CG  1 
ATOM   872  C  CD  . GLU A 1 135 ? 10.605  6.491   3.982   1.00 27.81 ? 116 GLU A CD  1 
ATOM   873  O  OE1 . GLU A 1 135 ? 10.845  5.266   3.967   1.00 31.72 ? 116 GLU A OE1 1 
ATOM   874  O  OE2 . GLU A 1 135 ? 10.825  7.214   4.977   1.00 20.48 ? 116 GLU A OE2 1 
ATOM   875  N  N   . PHE A 1 136 ? 7.481   3.651   1.095   1.00 13.90 ? 117 PHE A N   1 
ATOM   876  C  CA  . PHE A 1 136 ? 6.804   2.719   0.202   1.00 5.71  ? 117 PHE A CA  1 
ATOM   877  C  C   . PHE A 1 136 ? 5.292   2.837   0.338   1.00 15.54 ? 117 PHE A C   1 
ATOM   878  O  O   . PHE A 1 136 ? 4.560   2.776   -0.661  1.00 21.90 ? 117 PHE A O   1 
ATOM   879  C  CB  . PHE A 1 136 ? 7.262   1.298   0.525   1.00 8.24  ? 117 PHE A CB  1 
ATOM   880  C  CG  . PHE A 1 136 ? 7.129   0.333   -0.611  1.00 18.73 ? 117 PHE A CG  1 
ATOM   881  C  CD1 . PHE A 1 136 ? 7.130   0.768   -1.920  1.00 19.68 ? 117 PHE A CD1 1 
ATOM   882  C  CD2 . PHE A 1 136 ? 7.012   -1.024  -0.362  1.00 18.65 ? 117 PHE A CD2 1 
ATOM   883  C  CE1 . PHE A 1 136 ? 7.012   -0.131  -2.959  1.00 11.49 ? 117 PHE A CE1 1 
ATOM   884  C  CE2 . PHE A 1 136 ? 6.892   -1.924  -1.396  1.00 15.95 ? 117 PHE A CE2 1 
ATOM   885  C  CZ  . PHE A 1 136 ? 6.892   -1.478  -2.695  1.00 12.33 ? 117 PHE A CZ  1 
ATOM   886  N  N   . TYR A 1 137 ? 4.818   3.008   1.572   1.00 21.35 ? 118 TYR A N   1 
ATOM   887  C  CA  . TYR A 1 137 ? 3.391   2.941   1.866   1.00 10.92 ? 118 TYR A CA  1 
ATOM   888  C  C   . TYR A 1 137 ? 2.621   4.061   1.181   1.00 14.26 ? 118 TYR A C   1 
ATOM   889  O  O   . TYR A 1 137 ? 1.531   3.836   0.645   1.00 25.24 ? 118 TYR A O   1 
ATOM   890  C  CB  . TYR A 1 137 ? 3.186   2.982   3.378   1.00 10.38 ? 118 TYR A CB  1 
ATOM   891  C  CG  . TYR A 1 137 ? 1.747   3.113   3.794   1.00 17.84 ? 118 TYR A CG  1 
ATOM   892  C  CD1 . TYR A 1 137 ? 0.921   2.003   3.848   1.00 20.88 ? 118 TYR A CD1 1 
ATOM   893  C  CD2 . TYR A 1 137 ? 1.215   4.345   4.139   1.00 16.57 ? 118 TYR A CD2 1 
ATOM   894  C  CE1 . TYR A 1 137 ? -0.393  2.117   4.222   1.00 16.68 ? 118 TYR A CE1 1 
ATOM   895  C  CE2 . TYR A 1 137 ? -0.099  4.468   4.515   1.00 14.31 ? 118 TYR A CE2 1 
ATOM   896  C  CZ  . TYR A 1 137 ? -0.897  3.351   4.554   1.00 19.23 ? 118 TYR A CZ  1 
ATOM   897  O  OH  . TYR A 1 137 ? -2.213  3.462   4.930   1.00 27.78 ? 118 TYR A OH  1 
ATOM   898  N  N   . GLU A 1 138 ? 3.158   5.281   1.205   1.00 8.22  ? 119 GLU A N   1 
ATOM   899  C  CA  . GLU A 1 138 ? 2.448   6.404   0.603   1.00 7.07  ? 119 GLU A CA  1 
ATOM   900  C  C   . GLU A 1 138 ? 2.291   6.216   -0.901  1.00 19.07 ? 119 GLU A C   1 
ATOM   901  O  O   . GLU A 1 138 ? 1.209   6.448   -1.456  1.00 29.70 ? 119 GLU A O   1 
ATOM   902  C  CB  . GLU A 1 138 ? 3.177   7.711   0.905   1.00 15.25 ? 119 GLU A CB  1 
ATOM   903  C  CG  . GLU A 1 138 ? 3.382   7.976   2.386   1.00 19.55 ? 119 GLU A CG  1 
ATOM   904  C  CD  . GLU A 1 138 ? 2.351   8.932   2.954   1.00 24.92 ? 119 GLU A CD  1 
ATOM   905  O  OE1 . GLU A 1 138 ? 1.936   9.859   2.230   1.00 27.08 ? 119 GLU A OE1 1 
ATOM   906  O  OE2 . GLU A 1 138 ? 1.956   8.758   4.125   1.00 24.41 ? 119 GLU A OE2 1 
ATOM   907  N  N   . ALA A 1 139 ? 3.357   5.781   -1.576  1.00 10.03 ? 120 ALA A N   1 
ATOM   908  C  CA  . ALA A 1 139 ? 3.272   5.534   -3.010  1.00 6.63  ? 120 ALA A CA  1 
ATOM   909  C  C   . ALA A 1 139 ? 2.275   4.423   -3.316  1.00 11.57 ? 120 ALA A C   1 
ATOM   910  O  O   . ALA A 1 139 ? 1.457   4.543   -4.237  1.00 17.63 ? 120 ALA A O   1 
ATOM   911  C  CB  . ALA A 1 139 ? 4.652   5.188   -3.562  1.00 12.28 ? 120 ALA A CB  1 
ATOM   912  N  N   . LEU A 1 140 ? 2.321   3.334   -2.542  1.00 17.91 ? 121 LEU A N   1 
ATOM   913  C  CA  . LEU A 1 140 ? 1.410   2.222   -2.806  1.00 5.11  ? 121 LEU A CA  1 
ATOM   914  C  C   . LEU A 1 140 ? -0.042  2.620   -2.589  1.00 7.41  ? 121 LEU A C   1 
ATOM   915  O  O   . LEU A 1 140 ? -0.910  2.233   -3.374  1.00 20.99 ? 121 LEU A O   1 
ATOM   916  C  CB  . LEU A 1 140 ? 1.765   1.018   -1.939  1.00 7.23  ? 121 LEU A CB  1 
ATOM   917  C  CG  . LEU A 1 140 ? 3.072   0.292   -2.221  1.00 8.32  ? 121 LEU A CG  1 
ATOM   918  C  CD1 . LEU A 1 140 ? 3.463   -0.538  -1.021  1.00 12.69 ? 121 LEU A CD1 1 
ATOM   919  C  CD2 . LEU A 1 140 ? 2.935   -0.573  -3.452  1.00 11.05 ? 121 LEU A CD2 1 
ATOM   920  N  N   . VAL A 1 141 ? -0.336  3.379   -1.529  1.00 0.00  ? 122 VAL A N   1 
ATOM   921  C  CA  . VAL A 1 141 ? -1.727  3.763   -1.298  1.00 2.57  ? 122 VAL A CA  1 
ATOM   922  C  C   . VAL A 1 141 ? -2.189  4.778   -2.330  1.00 6.75  ? 122 VAL A C   1 
ATOM   923  O  O   . VAL A 1 141 ? -3.365  4.788   -2.706  1.00 18.10 ? 122 VAL A O   1 
ATOM   924  C  CB  . VAL A 1 141 ? -1.946  4.278   0.136   1.00 7.97  ? 122 VAL A CB  1 
ATOM   925  C  CG1 . VAL A 1 141 ? -1.617  3.195   1.140   1.00 12.48 ? 122 VAL A CG1 1 
ATOM   926  C  CG2 . VAL A 1 141 ? -1.143  5.534   0.400   1.00 12.41 ? 122 VAL A CG2 1 
ATOM   927  N  N   . LYS A 1 142 ? -1.292  5.643   -2.817  1.00 6.42  ? 123 LYS A N   1 
ATOM   928  C  CA  . LYS A 1 142 ? -1.668  6.544   -3.902  1.00 8.57  ? 123 LYS A CA  1 
ATOM   929  C  C   . LYS A 1 142 ? -2.033  5.761   -5.157  1.00 16.65 ? 123 LYS A C   1 
ATOM   930  O  O   . LYS A 1 142 ? -3.051  6.035   -5.805  1.00 17.42 ? 123 LYS A O   1 
ATOM   931  C  CB  . LYS A 1 142 ? -0.529  7.521   -4.182  1.00 7.52  ? 123 LYS A CB  1 
ATOM   932  C  CG  . LYS A 1 142 ? -0.827  8.949   -3.772  1.00 15.01 ? 123 LYS A CG  1 
ATOM   933  C  CD  . LYS A 1 142 ? 0.444   9.704   -3.441  1.00 21.38 ? 123 LYS A CD  1 
ATOM   934  C  CE  . LYS A 1 142 ? 0.137   11.031  -2.763  1.00 20.20 ? 123 LYS A CE  1 
ATOM   935  N  NZ  . LYS A 1 142 ? -0.548  11.987  -3.679  1.00 19.31 ? 123 LYS A NZ  1 
ATOM   936  N  N   . ILE A 1 143 ? -1.217  4.762   -5.503  1.00 14.76 ? 124 ILE A N   1 
ATOM   937  C  CA  . ILE A 1 143 ? -1.518  3.925   -6.661  1.00 0.71  ? 124 ILE A CA  1 
ATOM   938  C  C   . ILE A 1 143 ? -2.832  3.186   -6.459  1.00 7.55  ? 124 ILE A C   1 
ATOM   939  O  O   . ILE A 1 143 ? -3.652  3.085   -7.381  1.00 20.80 ? 124 ILE A O   1 
ATOM   940  C  CB  . ILE A 1 143 ? -0.363  2.946   -6.933  1.00 12.53 ? 124 ILE A CB  1 
ATOM   941  C  CG1 . ILE A 1 143 ? 0.836   3.681   -7.517  1.00 15.26 ? 124 ILE A CG1 1 
ATOM   942  C  CG2 . ILE A 1 143 ? -0.799  1.847   -7.875  1.00 15.99 ? 124 ILE A CG2 1 
ATOM   943  C  CD1 . ILE A 1 143 ? 2.027   2.793   -7.715  1.00 15.43 ? 124 ILE A CD1 1 
ATOM   944  N  N   . ALA A 1 144 ? -3.054  2.648   -5.257  1.00 12.43 ? 125 ALA A N   1 
ATOM   945  C  CA  . ALA A 1 144 ? -4.281  1.911   -4.985  1.00 7.16  ? 125 ALA A CA  1 
ATOM   946  C  C   . ALA A 1 144 ? -5.503  2.809   -5.107  1.00 5.37  ? 125 ALA A C   1 
ATOM   947  O  O   . ALA A 1 144 ? -6.527  2.392   -5.651  1.00 14.52 ? 125 ALA A O   1 
ATOM   948  C  CB  . ALA A 1 144 ? -4.218  1.274   -3.599  1.00 8.81  ? 125 ALA A CB  1 
ATOM   949  N  N   . ARG A 1 145 ? -5.417  4.044   -4.612  1.00 5.47  ? 126 ARG A N   1 
ATOM   950  C  CA  . ARG A 1 145 ? -6.522  4.983   -4.776  1.00 7.13  ? 126 ARG A CA  1 
ATOM   951  C  C   . ARG A 1 145 ? -6.771  5.279   -6.246  1.00 10.53 ? 126 ARG A C   1 
ATOM   952  O  O   . ARG A 1 145 ? -7.923  5.334   -6.691  1.00 21.00 ? 126 ARG A O   1 
ATOM   953  C  CB  . ARG A 1 145 ? -6.242  6.278   -4.015  1.00 13.93 ? 126 ARG A CB  1 
ATOM   954  C  CG  . ARG A 1 145 ? -6.321  6.155   -2.510  1.00 21.46 ? 126 ARG A CG  1 
ATOM   955  C  CD  . ARG A 1 145 ? -6.370  7.519   -1.855  1.00 20.84 ? 126 ARG A CD  1 
ATOM   956  N  NE  . ARG A 1 145 ? -7.277  7.541   -0.714  1.00 21.21 ? 126 ARG A NE  1 
ATOM   957  C  CZ  . ARG A 1 145 ? -6.958  7.116   0.502   1.00 23.40 ? 126 ARG A CZ  1 
ATOM   958  N  NH1 . ARG A 1 145 ? -5.760  6.630   0.773   1.00 18.83 ? 126 ARG A NH1 1 
ATOM   959  N  NH2 . ARG A 1 145 ? -7.868  7.183   1.470   1.00 24.98 ? 126 ARG A NH2 1 
ATOM   960  N  N   . ILE A 1 146 ? -5.703  5.474   -7.022  1.00 18.21 ? 127 ILE A N   1 
ATOM   961  C  CA  . ILE A 1 146 ? -5.868  5.783   -8.444  1.00 15.69 ? 127 ILE A CA  1 
ATOM   962  C  C   . ILE A 1 146 ? -6.556  4.627   -9.165  1.00 11.79 ? 127 ILE A C   1 
ATOM   963  O  O   . ILE A 1 146 ? -7.448  4.834   -9.995  1.00 19.40 ? 127 ILE A O   1 
ATOM   964  C  CB  . ILE A 1 146 ? -4.512  6.129   -9.083  1.00 13.60 ? 127 ILE A CB  1 
ATOM   965  C  CG1 . ILE A 1 146 ? -4.070  7.530   -8.656  1.00 11.01 ? 127 ILE A CG1 1 
ATOM   966  C  CG2 . ILE A 1 146 ? -4.591  6.047   -10.595 1.00 12.28 ? 127 ILE A CG2 1 
ATOM   967  C  CD1 . ILE A 1 146 ? -2.584  7.672   -8.488  1.00 13.57 ? 127 ILE A CD1 1 
ATOM   968  N  N   . ILE A 1 147 ? -6.158  3.395   -8.858  1.00 12.19 ? 128 ILE A N   1 
ATOM   969  C  CA  . ILE A 1 147 ? -6.759  2.224   -9.492  1.00 5.82  ? 128 ILE A CA  1 
ATOM   970  C  C   . ILE A 1 147 ? -8.202  2.028   -9.039  1.00 12.15 ? 128 ILE A C   1 
ATOM   971  O  O   . ILE A 1 147 ? -9.065  1.660   -9.842  1.00 20.96 ? 128 ILE A O   1 
ATOM   972  C  CB  . ILE A 1 147 ? -5.939  0.948   -9.227  1.00 8.84  ? 128 ILE A CB  1 
ATOM   973  C  CG1 . ILE A 1 147 ? -4.470  1.162   -9.592  1.00 15.28 ? 128 ILE A CG1 1 
ATOM   974  C  CG2 . ILE A 1 147 ? -6.509  -0.226  -9.999  1.00 8.67  ? 128 ILE A CG2 1 
ATOM   975  C  CD1 . ILE A 1 147 ? -3.633  -0.090  -9.519  1.00 13.97 ? 128 ILE A CD1 1 
ATOM   976  N  N   . ALA A 1 148 ? -8.481  2.270   -7.758  1.00 18.14 ? 129 ALA A N   1 
ATOM   977  C  CA  . ALA A 1 148 ? -9.779  1.921   -7.193  1.00 13.28 ? 129 ALA A CA  1 
ATOM   978  C  C   . ALA A 1 148 ? -10.829 2.996   -7.424  1.00 18.40 ? 129 ALA A C   1 
ATOM   979  O  O   . ALA A 1 148 ? -12.026 2.718   -7.328  1.00 23.07 ? 129 ALA A O   1 
ATOM   980  C  CB  . ALA A 1 148 ? -9.641  1.643   -5.696  1.00 14.05 ? 129 ALA A CB  1 
ATOM   981  N  N   . GLU A 1 149 ? -10.410 4.226   -7.721  1.00 18.80 ? 130 GLU A N   1 
ATOM   982  C  CA  . GLU A 1 149 ? -11.349 5.275   -8.122  1.00 13.82 ? 130 GLU A CA  1 
ATOM   983  C  C   . GLU A 1 149 ? -11.448 5.289   -9.647  1.00 28.48 ? 130 GLU A C   1 
ATOM   984  O  O   . GLU A 1 149 ? -11.763 6.292   -10.288 1.00 35.41 ? 130 GLU A O   1 
ATOM   985  C  CB  . GLU A 1 149 ? -10.920 6.625   -7.564  1.00 17.59 ? 130 GLU A CB  1 
ATOM   986  C  CG  . GLU A 1 149 ? -10.703 6.626   -6.057  1.00 29.14 ? 130 GLU A CG  1 
ATOM   987  C  CD  . GLU A 1 149 ? -10.730 8.019   -5.460  1.00 28.20 ? 130 GLU A CD  1 
ATOM   988  O  OE1 . GLU A 1 149 ? -9.921  8.867   -5.891  1.00 29.52 ? 130 GLU A OE1 1 
ATOM   989  O  OE2 . GLU A 1 149 ? -11.555 8.265   -4.556  1.00 20.85 ? 130 GLU A OE2 1 
ATOM   990  N  N   . ASP A 1 150 ? -11.152 4.124   -10.222 1.00 32.45 ? 131 ASP A N   1 
ATOM   991  C  CA  . ASP A 1 150 ? -11.197 3.906   -11.662 1.00 25.36 ? 131 ASP A CA  1 
ATOM   992  C  C   . ASP A 1 150 ? -11.796 2.528   -11.920 1.00 25.59 ? 131 ASP A C   1 
ATOM   993  O  O   . ASP A 1 150 ? -11.855 2.062   -13.059 1.00 29.11 ? 131 ASP A O   1 
ATOM   994  C  CB  . ASP A 1 150 ? -9.790  4.037   -12.253 1.00 24.78 ? 131 ASP A CB  1 
ATOM   995  C  CG  . ASP A 1 150 ? -9.780  4.047   -13.769 1.00 36.44 ? 131 ASP A CG  1 
ATOM   996  O  OD1 . ASP A 1 150 ? -9.724  2.959   -14.379 1.00 37.78 ? 131 ASP A OD1 1 
ATOM   997  O  OD2 . ASP A 1 150 ? -9.798  5.149   -14.353 1.00 38.54 ? 131 ASP A OD2 1 
ATOM   998  N  N   . LEU A 1 151 ? -12.268 1.882   -10.856 1.00 23.38 ? 132 LEU A N   1 
ATOM   999  C  CA  . LEU A 1 151 ? -12.787 0.524   -10.940 1.00 24.95 ? 132 LEU A CA  1 
ATOM   1000 C  C   . LEU A 1 151 ? -14.156 0.435   -10.283 1.00 30.71 ? 132 LEU A C   1 
ATOM   1001 O  O   . LEU A 1 151 ? -14.778 -0.631  -10.274 1.00 32.82 ? 132 LEU A O   1 
ATOM   1002 C  CB  . LEU A 1 151 ? -11.824 -0.458  -10.274 1.00 23.06 ? 132 LEU A CB  1 
ATOM   1003 C  CG  . LEU A 1 151 ? -11.520 -1.753  -11.024 1.00 23.09 ? 132 LEU A CG  1 
ATOM   1004 C  CD1 . LEU A 1 151 ? -11.167 -1.438  -12.453 1.00 28.59 ? 132 LEU A CD1 1 
ATOM   1005 C  CD2 . LEU A 1 151 ? -10.387 -2.493  -10.347 1.00 21.25 ? 132 LEU A CD2 1 
ATOM   1006 N  N   . GLY A 1 152 ? -14.628 1.550   -9.731  1.00 31.14 ? 133 GLY A N   1 
ATOM   1007 C  CA  . GLY A 1 152 ? -15.903 1.573   -9.047  1.00 29.92 ? 133 GLY A CA  1 
ATOM   1008 C  C   . GLY A 1 152 ? -15.954 0.634   -7.862  1.00 33.78 ? 133 GLY A C   1 
ATOM   1009 O  O   . GLY A 1 152 ? -16.941 -0.082  -7.671  1.00 32.59 ? 133 GLY A O   1 
ATOM   1010 N  N   . ASP A 1 153 ? -14.894 0.624   -7.062  1.00 26.68 ? 134 ASP A N   1 
ATOM   1011 C  CA  . ASP A 1 153 ? -14.792 -0.235  -5.892  1.00 28.14 ? 134 ASP A CA  1 
ATOM   1012 C  C   . ASP A 1 153 ? -14.805 0.610   -4.630  1.00 29.46 ? 134 ASP A C   1 
ATOM   1013 O  O   . ASP A 1 153 ? -14.147 1.652   -4.564  1.00 32.25 ? 134 ASP A O   1 
ATOM   1014 C  CB  . ASP A 1 153 ? -13.516 -1.080  -5.939  1.00 22.32 ? 134 ASP A CB  1 
ATOM   1015 C  CG  . ASP A 1 153 ? -13.677 -2.409  -5.240  1.00 31.50 ? 134 ASP A CG  1 
ATOM   1016 O  OD1 . ASP A 1 153 ? -14.831 -2.832  -5.024  1.00 36.17 ? 134 ASP A OD1 1 
ATOM   1017 O  OD2 . ASP A 1 153 ? -12.653 -3.042  -4.914  1.00 30.35 ? 134 ASP A OD2 1 
ATOM   1018 N  N   . GLU A 1 154 ? -15.566 0.164   -3.627  1.00 28.99 ? 135 GLU A N   1 
ATOM   1019 C  CA  . GLU A 1 154 ? -15.645 0.896   -2.370  1.00 30.09 ? 135 GLU A CA  1 
ATOM   1020 C  C   . GLU A 1 154 ? -15.412 -0.018  -1.171  1.00 31.01 ? 135 GLU A C   1 
ATOM   1021 O  O   . GLU A 1 154 ? -15.371 0.453   -0.030  1.00 32.27 ? 135 GLU A O   1 
ATOM   1022 C  CB  . GLU A 1 154 ? -16.987 1.617   -2.229  1.00 33.00 ? 135 GLU A CB  1 
ATOM   1023 C  CG  . GLU A 1 154 ? -16.944 2.825   -1.302  1.00 33.74 ? 135 GLU A CG  1 
ATOM   1024 C  CD  . GLU A 1 154 ? -16.795 4.134   -2.052  1.00 35.49 ? 135 GLU A CD  1 
ATOM   1025 O  OE1 . GLU A 1 154 ? -17.168 4.186   -3.242  1.00 33.64 ? 135 GLU A OE1 1 
ATOM   1026 O  OE2 . GLU A 1 154 ? -16.303 5.111   -1.450  1.00 34.83 ? 135 GLU A OE2 1 
ATOM   1027 N  N   . LYS A 1 155 ? -15.248 -1.317  -1.399  1.00 28.50 ? 136 LYS A N   1 
ATOM   1028 C  CA  . LYS A 1 155 ? -14.787 -2.208  -0.343  1.00 24.57 ? 136 LYS A CA  1 
ATOM   1029 C  C   . LYS A 1 155 ? -13.270 -2.294  -0.384  1.00 30.66 ? 136 LYS A C   1 
ATOM   1030 O  O   . LYS A 1 155 ? -12.630 -2.866  0.497   1.00 39.27 ? 136 LYS A O   1 
ATOM   1031 C  CB  . LYS A 1 155 ? -15.415 -3.595  -0.460  1.00 26.79 ? 136 LYS A CB  1 
ATOM   1032 C  CG  . LYS A 1 155 ? -15.142 -4.492  0.742   1.00 22.21 ? 136 LYS A CG  1 
ATOM   1033 C  CD  . LYS A 1 155 ? -15.841 -5.826  0.644   1.00 30.68 ? 136 LYS A CD  1 
ATOM   1034 C  CE  . LYS A 1 155 ? -14.824 -6.950  0.523   1.00 31.16 ? 136 LYS A CE  1 
ATOM   1035 N  NZ  . LYS A 1 155 ? -15.334 -8.236  1.067   1.00 34.93 ? 136 LYS A NZ  1 
ATOM   1036 N  N   . SER A 1 156 ? -12.673 -1.710  -1.423  1.00 27.77 ? 137 SER A N   1 
ATOM   1037 C  CA  . SER A 1 156 ? -11.216 -1.544  -1.420  1.00 21.25 ? 137 SER A CA  1 
ATOM   1038 C  C   . SER A 1 156 ? -10.818 -0.087  -1.241  1.00 25.60 ? 137 SER A C   1 
ATOM   1039 O  O   . SER A 1 156 ? -9.623  0.215   -1.261  1.00 31.42 ? 137 SER A O   1 
ATOM   1040 C  CB  . SER A 1 156 ? -10.608 -2.104  -2.707  1.00 26.65 ? 137 SER A CB  1 
ATOM   1041 O  OG  . SER A 1 156 ? -10.618 -3.520  -2.700  1.00 29.46 ? 137 SER A OG  1 
ATOM   1042 N  N   . LEU A 1 157 ? -11.777 0.823   -1.073  1.00 29.51 ? 138 LEU A N   1 
ATOM   1043 C  CA  . LEU A 1 157 ? -11.489 2.209   -0.732  1.00 32.49 ? 138 LEU A CA  1 
ATOM   1044 C  C   . LEU A 1 157 ? -11.788 2.544   0.717   1.00 25.74 ? 138 LEU A C   1 
ATOM   1045 O  O   . LEU A 1 157 ? -11.210 3.505   1.232   1.00 20.96 ? 138 LEU A O   1 
ATOM   1046 C  CB  . LEU A 1 157 ? -12.292 3.160   -1.629  1.00 26.54 ? 138 LEU A CB  1 
ATOM   1047 C  CG  . LEU A 1 157 ? -11.624 3.628   -2.920  1.00 23.98 ? 138 LEU A CG  1 
ATOM   1048 C  CD1 . LEU A 1 157 ? -12.630 4.346   -3.797  1.00 23.64 ? 138 LEU A CD1 1 
ATOM   1049 C  CD2 . LEU A 1 157 ? -10.443 4.524   -2.621  1.00 25.92 ? 138 LEU A CD2 1 
ATOM   1050 N  N   . LYS A 1 158 ? -12.672 1.806   1.383   1.00 23.89 ? 139 LYS A N   1 
ATOM   1051 C  CA  . LYS A 1 158 ? -12.894 1.932   2.815   1.00 26.78 ? 139 LYS A CA  1 
ATOM   1052 C  C   . LYS A 1 158 ? -11.782 1.272   3.619   1.00 28.52 ? 139 LYS A C   1 
ATOM   1053 O  O   . LYS A 1 158 ? -11.378 1.785   4.672   1.00 35.59 ? 139 LYS A O   1 
ATOM   1054 C  CB  . LYS A 1 158 ? -14.247 1.321   3.187   1.00 28.49 ? 139 LYS A CB  1 
ATOM   1055 C  CG  . LYS A 1 158 ? -15.337 2.342   3.467   1.00 29.17 ? 139 LYS A CG  1 
ATOM   1056 C  CD  . LYS A 1 158 ? -16.683 1.912   2.895   1.00 29.18 ? 139 LYS A CD  1 
ATOM   1057 C  CE  . LYS A 1 158 ? -16.848 0.401   2.894   1.00 28.07 ? 139 LYS A CE  1 
ATOM   1058 N  NZ  . LYS A 1 158 ? -18.185 -0.010  2.380   1.00 28.67 ? 139 LYS A NZ  1 
ATOM   1059 N  N   . VAL A 1 159 ? -11.266 0.142   3.130   1.00 20.05 ? 140 VAL A N   1 
ATOM   1060 C  CA  . VAL A 1 159 ? -10.111 -0.478  3.767   1.00 22.56 ? 140 VAL A CA  1 
ATOM   1061 C  C   . VAL A 1 159 ? -8.897  0.430   3.660   1.00 23.34 ? 140 VAL A C   1 
ATOM   1062 O  O   . VAL A 1 159 ? -8.059  0.469   4.564   1.00 29.95 ? 140 VAL A O   1 
ATOM   1063 C  CB  . VAL A 1 159 ? -9.839  -1.864  3.160   1.00 20.79 ? 140 VAL A CB  1 
ATOM   1064 C  CG1 . VAL A 1 159 ? -8.744  -2.562  3.934   1.00 24.61 ? 140 VAL A CG1 1 
ATOM   1065 C  CG2 . VAL A 1 159 ? -11.097 -2.697  3.193   1.00 19.57 ? 140 VAL A CG2 1 
ATOM   1066 N  N   . LEU A 1 160 ? -8.778  1.171   2.560   1.00 13.06 ? 141 LEU A N   1 
ATOM   1067 C  CA  . LEU A 1 160 ? -7.669  2.111   2.435   1.00 18.82 ? 141 LEU A CA  1 
ATOM   1068 C  C   . LEU A 1 160 ? -7.722  3.183   3.518   1.00 22.17 ? 141 LEU A C   1 
ATOM   1069 O  O   . LEU A 1 160 ? -6.697  3.503   4.122   1.00 28.32 ? 141 LEU A O   1 
ATOM   1070 C  CB  . LEU A 1 160 ? -7.671  2.739   1.045   1.00 22.72 ? 141 LEU A CB  1 
ATOM   1071 C  CG  . LEU A 1 160 ? -6.609  2.227   0.070   1.00 16.78 ? 141 LEU A CG  1 
ATOM   1072 C  CD1 . LEU A 1 160 ? -6.586  0.714   0.042   1.00 13.27 ? 141 LEU A CD1 1 
ATOM   1073 C  CD2 . LEU A 1 160 ? -6.890  2.768   -1.312  1.00 15.41 ? 141 LEU A CD2 1 
ATOM   1074 N  N   . GLU A 1 161 ? -8.906  3.741   3.789   1.00 17.33 ? 142 GLU A N   1 
ATOM   1075 C  CA  . GLU A 1 161 ? -9.018  4.736   4.854   1.00 19.55 ? 142 GLU A CA  1 
ATOM   1076 C  C   . GLU A 1 161 ? -8.774  4.115   6.226   1.00 20.46 ? 142 GLU A C   1 
ATOM   1077 O  O   . GLU A 1 161 ? -8.119  4.726   7.081   1.00 30.35 ? 142 GLU A O   1 
ATOM   1078 C  CB  . GLU A 1 161 ? -10.388 5.412   4.812   1.00 23.70 ? 142 GLU A CB  1 
ATOM   1079 C  CG  . GLU A 1 161 ? -10.918 5.647   3.416   1.00 29.85 ? 142 GLU A CG  1 
ATOM   1080 C  CD  . GLU A 1 161 ? -11.947 6.757   3.365   1.00 35.56 ? 142 GLU A CD  1 
ATOM   1081 O  OE1 . GLU A 1 161 ? -12.788 6.836   4.287   1.00 36.85 ? 142 GLU A OE1 1 
ATOM   1082 O  OE2 . GLU A 1 161 ? -11.917 7.553   2.402   1.00 33.47 ? 142 GLU A OE2 1 
ATOM   1083 N  N   . ALA A 1 162 ? -9.291  2.907   6.453   1.00 15.94 ? 143 ALA A N   1 
ATOM   1084 C  CA  . ALA A 1 162 ? -9.061  2.240   7.730   1.00 15.89 ? 143 ALA A CA  1 
ATOM   1085 C  C   . ALA A 1 162 ? -7.572  2.010   7.965   1.00 20.64 ? 143 ALA A C   1 
ATOM   1086 O  O   . ALA A 1 162 ? -7.058  2.256   9.061   1.00 26.31 ? 143 ALA A O   1 
ATOM   1087 C  CB  . ALA A 1 162 ? -9.825  0.917   7.780   1.00 12.70 ? 143 ALA A CB  1 
ATOM   1088 N  N   . LEU A 1 163 ? -6.858  1.561   6.933   1.00 15.00 ? 144 LEU A N   1 
ATOM   1089 C  CA  . LEU A 1 163 ? -5.432  1.290   7.071   1.00 15.26 ? 144 LEU A CA  1 
ATOM   1090 C  C   . LEU A 1 163 ? -4.626  2.580   7.170   1.00 18.66 ? 144 LEU A C   1 
ATOM   1091 O  O   . LEU A 1 163 ? -3.611  2.623   7.872   1.00 23.33 ? 144 LEU A O   1 
ATOM   1092 C  CB  . LEU A 1 163 ? -4.949  0.437   5.903   1.00 19.72 ? 144 LEU A CB  1 
ATOM   1093 C  CG  . LEU A 1 163 ? -5.551  -0.967  5.818   1.00 18.40 ? 144 LEU A CG  1 
ATOM   1094 C  CD1 . LEU A 1 163 ? -5.161  -1.626  4.512   1.00 25.16 ? 144 LEU A CD1 1 
ATOM   1095 C  CD2 . LEU A 1 163 ? -5.136  -1.820  7.001   1.00 13.95 ? 144 LEU A CD2 1 
ATOM   1096 N  N   . GLU A 1 164 ? -5.058  3.638   6.480   1.00 15.84 ? 145 GLU A N   1 
ATOM   1097 C  CA  . GLU A 1 164 ? -4.432  4.946   6.644   1.00 13.61 ? 145 GLU A CA  1 
ATOM   1098 C  C   . GLU A 1 164 ? -4.500  5.401   8.094   1.00 25.32 ? 145 GLU A C   1 
ATOM   1099 O  O   . GLU A 1 164 ? -3.485  5.782   8.694   1.00 35.36 ? 145 GLU A O   1 
ATOM   1100 C  CB  . GLU A 1 164 ? -5.115  5.967   5.732   1.00 15.90 ? 145 GLU A CB  1 
ATOM   1101 C  CG  . GLU A 1 164 ? -4.517  6.092   4.341   1.00 24.35 ? 145 GLU A CG  1 
ATOM   1102 C  CD  . GLU A 1 164 ? -3.344  7.055   4.291   1.00 34.99 ? 145 GLU A CD  1 
ATOM   1103 O  OE1 . GLU A 1 164 ? -3.583  8.278   4.235   1.00 31.82 ? 145 GLU A OE1 1 
ATOM   1104 O  OE2 . GLU A 1 164 ? -2.185  6.595   4.303   1.00 32.73 ? 145 GLU A OE2 1 
ATOM   1105 N  N   . GLU A 1 165 ? -5.699  5.350   8.676   1.00 19.14 ? 146 GLU A N   1 
ATOM   1106 C  CA  . GLU A 1 165 ? -5.860  5.758   10.067  1.00 15.85 ? 146 GLU A CA  1 
ATOM   1107 C  C   . GLU A 1 165 ? -5.045  4.873   11.003  1.00 17.26 ? 146 GLU A C   1 
ATOM   1108 O  O   . GLU A 1 165 ? -4.383  5.371   11.920  1.00 24.96 ? 146 GLU A O   1 
ATOM   1109 C  CB  . GLU A 1 165 ? -7.341  5.737   10.451  1.00 22.59 ? 146 GLU A CB  1 
ATOM   1110 C  CG  . GLU A 1 165 ? -7.620  5.187   11.838  1.00 29.44 ? 146 GLU A CG  1 
ATOM   1111 C  CD  . GLU A 1 165 ? -9.096  5.174   12.177  1.00 29.53 ? 146 GLU A CD  1 
ATOM   1112 O  OE1 . GLU A 1 165 ? -9.899  4.737   11.327  1.00 23.52 ? 146 GLU A OE1 1 
ATOM   1113 O  OE2 . GLU A 1 165 ? -9.451  5.597   13.297  1.00 28.73 ? 146 GLU A OE2 1 
ATOM   1114 N  N   . PHE A 1 166 ? -5.065  3.555   10.775  1.00 19.43 ? 147 PHE A N   1 
ATOM   1115 C  CA  . PHE A 1 166 ? -4.304  2.656   11.634  1.00 16.30 ? 147 PHE A CA  1 
ATOM   1116 C  C   . PHE A 1 166 ? -2.816  2.971   11.583  1.00 20.94 ? 147 PHE A C   1 
ATOM   1117 O  O   . PHE A 1 166 ? -2.160  3.070   12.624  1.00 25.22 ? 147 PHE A O   1 
ATOM   1118 C  CB  . PHE A 1 166 ? -4.539  1.200   11.243  1.00 20.99 ? 147 PHE A CB  1 
ATOM   1119 C  CG  . PHE A 1 166 ? -3.610  0.242   11.928  1.00 23.05 ? 147 PHE A CG  1 
ATOM   1120 C  CD1 . PHE A 1 166 ? -3.778  -0.065  13.265  1.00 23.29 ? 147 PHE A CD1 1 
ATOM   1121 C  CD2 . PHE A 1 166 ? -2.555  -0.330  11.247  1.00 23.13 ? 147 PHE A CD2 1 
ATOM   1122 C  CE1 . PHE A 1 166 ? -2.923  -0.936  13.902  1.00 18.99 ? 147 PHE A CE1 1 
ATOM   1123 C  CE2 . PHE A 1 166 ? -1.697  -1.200  11.881  1.00 28.50 ? 147 PHE A CE2 1 
ATOM   1124 C  CZ  . PHE A 1 166 ? -1.885  -1.502  13.209  1.00 29.53 ? 147 PHE A CZ  1 
ATOM   1125 N  N   . PHE A 1 167 ? -2.266  3.135   10.380  1.00 22.08 ? 148 PHE A N   1 
ATOM   1126 C  CA  . PHE A 1 167 ? -0.839  3.404   10.243  1.00 18.26 ? 148 PHE A CA  1 
ATOM   1127 C  C   . PHE A 1 167 ? -0.470  4.730   10.891  1.00 27.66 ? 148 PHE A C   1 
ATOM   1128 O  O   . PHE A 1 167 ? 0.541   4.833   11.595  1.00 33.29 ? 148 PHE A O   1 
ATOM   1129 C  CB  . PHE A 1 167 ? -0.442  3.398   8.766   1.00 15.63 ? 148 PHE A CB  1 
ATOM   1130 C  CG  . PHE A 1 167 ? 1.019   3.144   8.534   1.00 21.33 ? 148 PHE A CG  1 
ATOM   1131 C  CD1 . PHE A 1 167 ? 1.698   2.188   9.265   1.00 25.45 ? 148 PHE A CD1 1 
ATOM   1132 C  CD2 . PHE A 1 167 ? 1.718   3.870   7.588   1.00 17.48 ? 148 PHE A CD2 1 
ATOM   1133 C  CE1 . PHE A 1 167 ? 3.041   1.957   9.049   1.00 22.52 ? 148 PHE A CE1 1 
ATOM   1134 C  CE2 . PHE A 1 167 ? 3.057   3.642   7.372   1.00 17.07 ? 148 PHE A CE2 1 
ATOM   1135 C  CZ  . PHE A 1 167 ? 3.717   2.685   8.101   1.00 17.16 ? 148 PHE A CZ  1 
ATOM   1136 N  N   . LYS A 1 168 ? -1.106  5.835   10.566  1.00 26.45 ? 149 LYS A N   1 
ATOM   1137 C  CA  . LYS A 1 168 ? -0.808  7.039   11.274  1.00 24.64 ? 149 LYS A CA  1 
ATOM   1138 C  C   . LYS A 1 168 ? -0.922  6.890   12.766  1.00 25.35 ? 149 LYS A C   1 
ATOM   1139 O  O   . LYS A 1 168 ? 0.048   7.096   13.397  1.00 30.61 ? 149 LYS A O   1 
ATOM   1140 C  CB  . LYS A 1 168 ? -1.707  8.048   10.758  1.00 21.81 ? 149 LYS A CB  1 
ATOM   1141 C  CG  . LYS A 1 168 ? -1.398  8.389   9.323   1.00 27.88 ? 149 LYS A CG  1 
ATOM   1142 C  CD  . LYS A 1 168 ? -2.435  9.337   8.763   1.00 27.94 ? 149 LYS A CD  1 
ATOM   1143 C  CE  . LYS A 1 168 ? -3.459  9.703   9.815   1.00 28.45 ? 149 LYS A CE  1 
ATOM   1144 N  NZ  . LYS A 1 168 ? -4.783  9.915   9.184   1.00 27.45 ? 149 LYS A NZ  1 
ATOM   1145 N  N   . GLU A 1 169 ? -2.031  6.500   13.366  1.00 21.91 ? 150 GLU A N   1 
ATOM   1146 C  CA  . GLU A 1 169 ? -2.052  6.457   14.825  1.00 19.91 ? 150 GLU A CA  1 
ATOM   1147 C  C   . GLU A 1 169 ? -1.001  5.506   15.380  1.00 22.42 ? 150 GLU A C   1 
ATOM   1148 O  O   . GLU A 1 169 ? -0.483  5.744   16.473  1.00 31.67 ? 150 GLU A O   1 
ATOM   1149 C  CB  . GLU A 1 169 ? -3.437  6.085   15.352  1.00 27.49 ? 150 GLU A CB  1 
ATOM   1150 C  CG  . GLU A 1 169 ? -4.616  6.692   14.604  1.00 31.33 ? 150 GLU A CG  1 
ATOM   1151 C  CD  . GLU A 1 169 ? -4.564  8.208   14.491  1.00 34.13 ? 150 GLU A CD  1 
ATOM   1152 O  OE1 . GLU A 1 169 ? -3.856  8.861   15.291  1.00 30.08 ? 150 GLU A OE1 1 
ATOM   1153 O  OE2 . GLU A 1 169 ? -5.237  8.753   13.592  1.00 34.93 ? 150 GLU A OE2 1 
ATOM   1154 N  N   . TRP A 1 170 ? -0.665  4.435   14.661  1.00 23.21 ? 151 TRP A N   1 
ATOM   1155 C  CA  . TRP A 1 170 ? 0.402   3.552   15.113  1.00 27.97 ? 151 TRP A CA  1 
ATOM   1156 C  C   . TRP A 1 170 ? 1.733   4.288   15.154  1.00 33.13 ? 151 TRP A C   1 
ATOM   1157 O  O   . TRP A 1 170 ? 2.482   4.193   16.136  1.00 31.60 ? 151 TRP A O   1 
ATOM   1158 C  CB  . TRP A 1 170 ? 0.474   2.331   14.199  1.00 29.84 ? 151 TRP A CB  1 
ATOM   1159 C  CG  . TRP A 1 170 ? 1.331   1.215   14.699  1.00 31.28 ? 151 TRP A CG  1 
ATOM   1160 C  CD1 . TRP A 1 170 ? 2.301   0.558   14.003  1.00 36.62 ? 151 TRP A CD1 1 
ATOM   1161 C  CD2 . TRP A 1 170 ? 1.299   0.620   16.000  1.00 31.47 ? 151 TRP A CD2 1 
ATOM   1162 N  NE1 . TRP A 1 170 ? 2.870   -0.413  14.785  1.00 35.22 ? 151 TRP A NE1 1 
ATOM   1163 C  CE2 . TRP A 1 170 ? 2.275   -0.394  16.019  1.00 36.25 ? 151 TRP A CE2 1 
ATOM   1164 C  CE3 . TRP A 1 170 ? 0.537   0.840   17.151  1.00 32.59 ? 151 TRP A CE3 1 
ATOM   1165 C  CZ2 . TRP A 1 170 ? 2.510   -1.182  17.139  1.00 37.77 ? 151 TRP A CZ2 1 
ATOM   1166 C  CZ3 . TRP A 1 170 ? 0.774   0.058   18.261  1.00 33.69 ? 151 TRP A CZ3 1 
ATOM   1167 C  CH2 . TRP A 1 170 ? 1.752   -0.939  18.250  1.00 34.00 ? 151 TRP A CH2 1 
ATOM   1168 N  N   . LYS A 1 171 ? 2.034   5.051   14.101  1.00 36.85 ? 152 LYS A N   1 
ATOM   1169 C  CA  . LYS A 1 171 ? 3.259   5.839   14.077  1.00 33.13 ? 152 LYS A CA  1 
ATOM   1170 C  C   . LYS A 1 171 ? 3.274   6.852   15.212  1.00 31.32 ? 152 LYS A C   1 
ATOM   1171 O  O   . LYS A 1 171 ? 4.294   7.043   15.881  1.00 32.97 ? 152 LYS A O   1 
ATOM   1172 C  CB  . LYS A 1 171 ? 3.407   6.540   12.723  1.00 28.35 ? 152 LYS A CB  1 
ATOM   1173 C  CG  . LYS A 1 171 ? 3.584   5.598   11.549  1.00 27.02 ? 152 LYS A CG  1 
ATOM   1174 C  CD  . LYS A 1 171 ? 4.962   4.963   11.542  1.00 34.49 ? 152 LYS A CD  1 
ATOM   1175 C  CE  . LYS A 1 171 ? 5.870   5.641   10.532  1.00 32.05 ? 152 LYS A CE  1 
ATOM   1176 N  NZ  . LYS A 1 171 ? 7.182   4.950   10.422  1.00 33.87 ? 152 LYS A NZ  1 
ATOM   1177 N  N   . ARG A 1 172 ? 2.254   7.644   15.435  1.00 28.94 ? 153 ARG A N   1 
ATOM   1178 C  CA  . ARG A 1 172 ? 2.213   8.492   16.588  1.00 31.24 ? 153 ARG A CA  1 
ATOM   1179 C  C   . ARG A 1 172 ? 2.418   7.687   17.852  1.00 30.36 ? 153 ARG A C   1 
ATOM   1180 O  O   . ARG A 1 172 ? 3.393   7.842   18.469  1.00 35.70 ? 153 ARG A O   1 
ATOM   1181 C  CB  . ARG A 1 172 ? 0.897   9.209   16.624  1.00 32.01 ? 153 ARG A CB  1 
ATOM   1182 C  CG  . ARG A 1 172 ? 0.895   10.597  17.176  1.00 32.48 ? 153 ARG A CG  1 
ATOM   1183 C  CD  . ARG A 1 172 ? -0.541  10.992  17.397  1.00 33.63 ? 153 ARG A CD  1 
ATOM   1184 N  NE  . ARG A 1 172 ? -1.168  10.107  18.359  1.00 36.33 ? 153 ARG A NE  1 
ATOM   1185 C  CZ  . ARG A 1 172 ? -2.468  9.861   18.397  1.00 38.25 ? 153 ARG A CZ  1 
ATOM   1186 N  NH1 . ARG A 1 172 ? -3.278  10.432  17.519  1.00 36.20 ? 153 ARG A NH1 1 
ATOM   1187 N  NH2 . ARG A 1 172 ? -2.959  9.045   19.312  1.00 34.98 ? 153 ARG A NH2 1 
ATOM   1188 N  N   . LEU A 1 173 ? 1.594   6.740   18.217  1.00 33.70 ? 154 LEU A N   1 
ATOM   1189 C  CA  . LEU A 1 173 ? 1.726   6.106   19.524  1.00 33.94 ? 154 LEU A CA  1 
ATOM   1190 C  C   . LEU A 1 173 ? 3.095   5.463   19.705  1.00 32.21 ? 154 LEU A C   1 
ATOM   1191 O  O   . LEU A 1 173 ? 3.533   5.249   20.839  1.00 34.13 ? 154 LEU A O   1 
ATOM   1192 C  CB  . LEU A 1 173 ? 0.632   5.059   19.751  1.00 33.15 ? 154 LEU A CB  1 
ATOM   1193 C  CG  . LEU A 1 173 ? -0.828  5.435   19.494  1.00 29.19 ? 154 LEU A CG  1 
ATOM   1194 C  CD1 . LEU A 1 173 ? -1.746  4.380   20.070  1.00 26.69 ? 154 LEU A CD1 1 
ATOM   1195 C  CD2 . LEU A 1 173 ? -1.149  6.801   20.075  1.00 34.71 ? 154 LEU A CD2 1 
ATOM   1196 N  N   . GLU A 1 174 ? 3.779   5.140   18.606  1.00 33.37 ? 155 GLU A N   1 
ATOM   1197 C  CA  . GLU A 1 174 ? 5.141   4.642   18.701  1.00 36.43 ? 155 GLU A CA  1 
ATOM   1198 C  C   . GLU A 1 174 ? 6.182   5.749   18.777  1.00 38.01 ? 155 GLU A C   1 
ATOM   1199 O  O   . GLU A 1 174 ? 7.292   5.499   19.258  1.00 35.25 ? 155 GLU A O   1 
ATOM   1200 C  CB  . GLU A 1 174 ? 5.459   3.720   17.513  1.00 38.45 ? 155 GLU A CB  1 
ATOM   1201 C  CG  . GLU A 1 174 ? 4.914   2.292   17.632  1.00 39.09 ? 155 GLU A CG  1 
ATOM   1202 C  CD  . GLU A 1 174 ? 5.164   1.633   18.986  1.00 40.18 ? 155 GLU A CD  1 
ATOM   1203 O  OE1 . GLU A 1 174 ? 4.430   0.679   19.318  1.00 36.60 ? 155 GLU A OE1 1 
ATOM   1204 O  OE2 . GLU A 1 174 ? 6.120   2.017   19.697  1.00 41.41 ? 155 GLU A OE2 1 
ATOM   1205 N  N   . LYS A 1 175 ? 5.856   6.960   18.325  1.00 43.41 ? 156 LYS A N   1 
ATOM   1206 C  CA  . LYS A 1 175 ? 6.771   8.090   18.478  1.00 40.76 ? 156 LYS A CA  1 
ATOM   1207 C  C   . LYS A 1 175 ? 6.727   8.616   19.910  1.00 40.18 ? 156 LYS A C   1 
ATOM   1208 O  O   . LYS A 1 175 ? 7.762   8.762   20.566  1.00 41.78 ? 156 LYS A O   1 
ATOM   1209 C  CB  . LYS A 1 175 ? 6.418   9.196   17.478  1.00 36.95 ? 156 LYS A CB  1 
ATOM   1210 C  CG  . LYS A 1 175 ? 7.372   9.313   16.304  1.00 40.22 ? 156 LYS A CG  1 
ATOM   1211 C  CD  . LYS A 1 175 ? 7.260   8.111   15.380  1.00 40.50 ? 156 LYS A CD  1 
ATOM   1212 C  CE  . LYS A 1 175 ? 7.206   8.541   13.923  1.00 41.70 ? 156 LYS A CE  1 
ATOM   1213 N  NZ  . LYS A 1 175 ? 7.770   7.505   13.019  1.00 39.25 ? 156 LYS A NZ  1 
ATOM   1214 N  N   . GLU A 1 176 ? 5.524   8.901   20.405  1.00 40.42 ? 157 GLU A N   1 
ATOM   1215 C  CA  . GLU A 1 176 ? 5.347   9.391   21.764  1.00 43.09 ? 157 GLU A CA  1 
ATOM   1216 C  C   . GLU A 1 176 ? 5.384   8.237   22.755  1.00 45.66 ? 157 GLU A C   1 
ATOM   1217 O  O   . GLU A 1 176 ? 5.748   7.111   22.394  1.00 46.74 ? 157 GLU A O   1 
ATOM   1218 C  CB  . GLU A 1 176 ? 4.030   10.160  21.881  1.00 41.60 ? 157 GLU A CB  1 
ATOM   1219 C  CG  . GLU A 1 176 ? 3.834   11.195  20.786  1.00 40.17 ? 157 GLU A CG  1 
ATOM   1220 C  CD  . GLU A 1 176 ? 2.412   11.705  20.712  1.00 45.64 ? 157 GLU A CD  1 
ATOM   1221 O  OE1 . GLU A 1 176 ? 1.597   11.315  21.574  1.00 48.01 ? 157 GLU A OE1 1 
ATOM   1222 O  OE2 . GLU A 1 176 ? 2.108   12.495  19.796  1.00 45.25 ? 157 GLU A OE2 1 
ATOM   1223 N  N   . GLY A 1 177 ? 5.016   8.500   24.006  1.00 48.55 ? 158 GLY A N   1 
ATOM   1224 C  CA  . GLY A 1 177 ? 5.096   7.482   25.033  1.00 50.35 ? 158 GLY A CA  1 
ATOM   1225 C  C   . GLY A 1 177 ? 3.760   7.100   25.634  1.00 48.90 ? 158 GLY A C   1 
ATOM   1226 O  O   . GLY A 1 177 ? 3.654   6.920   26.851  1.00 45.98 ? 158 GLY A O   1 
ATOM   1227 N  N   . LYS A 1 178 ? 2.731   6.972   24.796  1.00 46.21 ? 159 LYS A N   1 
ATOM   1228 C  CA  . LYS A 1 178 ? 1.404   6.614   25.282  1.00 51.58 ? 159 LYS A CA  1 
ATOM   1229 C  C   . LYS A 1 178 ? 1.385   5.183   25.801  1.00 50.45 ? 159 LYS A C   1 
ATOM   1230 O  O   . LYS A 1 178 ? 2.236   4.367   25.428  1.00 47.91 ? 159 LYS A O   1 
ATOM   1231 C  CB  . LYS A 1 178 ? 0.358   6.804   24.182  1.00 47.44 ? 159 LYS A CB  1 
ATOM   1232 C  CG  . LYS A 1 178 ? 0.667   7.949   23.238  1.00 48.18 ? 159 LYS A CG  1 
ATOM   1233 C  CD  . LYS A 1 178 ? 0.456   9.288   23.921  1.00 48.67 ? 159 LYS A CD  1 
ATOM   1234 C  CE  . LYS A 1 178 ? -0.778  9.993   23.392  1.00 49.83 ? 159 LYS A CE  1 
ATOM   1235 N  NZ  . LYS A 1 178 ? -0.659  11.472  23.501  1.00 49.42 ? 159 LYS A NZ  1 
ATOM   1236 N  N   . SER A 1 179 ? 0.418   4.869   26.662  1.00 48.67 ? 160 SER A N   1 
ATOM   1237 C  CA  . SER A 1 179 ? 0.389   3.591   27.354  1.00 47.60 ? 160 SER A CA  1 
ATOM   1238 C  C   . SER A 1 179 ? 0.016   2.452   26.418  1.00 48.91 ? 160 SER A C   1 
ATOM   1239 O  O   . SER A 1 179 ? -0.222  2.669   25.226  1.00 49.63 ? 160 SER A O   1 
ATOM   1240 C  CB  . SER A 1 179 ? -0.590  3.640   28.527  1.00 48.84 ? 160 SER A CB  1 
ATOM   1241 O  OG  . SER A 1 179 ? -0.514  2.459   29.307  1.00 49.67 ? 160 SER A OG  1 
ATOM   1242 N  N   . LEU A 1 180 ? -0.024  1.233   26.951  1.00 43.77 ? 161 LEU A N   1 
ATOM   1243 C  CA  . LEU A 1 180 ? -0.441  0.066   26.193  1.00 41.06 ? 161 LEU A CA  1 
ATOM   1244 C  C   . LEU A 1 180 ? -1.942  0.022   25.954  1.00 41.22 ? 161 LEU A C   1 
ATOM   1245 O  O   . LEU A 1 180 ? -2.380  -0.570  24.960  1.00 44.29 ? 161 LEU A O   1 
ATOM   1246 C  CB  . LEU A 1 180 ? -0.004  -1.211  26.917  1.00 41.31 ? 161 LEU A CB  1 
ATOM   1247 C  CG  . LEU A 1 180 ? 1.502   -1.397  27.103  1.00 42.04 ? 161 LEU A CG  1 
ATOM   1248 C  CD1 . LEU A 1 180 ? 1.829   -2.845  27.414  1.00 42.55 ? 161 LEU A CD1 1 
ATOM   1249 C  CD2 . LEU A 1 180 ? 2.264   -0.927  25.877  1.00 41.87 ? 161 LEU A CD2 1 
ATOM   1250 N  N   . ASP A 1 181 ? -2.739  0.642   26.835  1.00 40.76 ? 162 ASP A N   1 
ATOM   1251 C  CA  . ASP A 1 181 ? -4.185  0.668   26.651  1.00 40.45 ? 162 ASP A CA  1 
ATOM   1252 C  C   . ASP A 1 181 ? -4.577  1.471   25.417  1.00 42.00 ? 162 ASP A C   1 
ATOM   1253 O  O   . ASP A 1 181 ? -5.510  1.089   24.706  1.00 50.45 ? 162 ASP A O   1 
ATOM   1254 C  CB  . ASP A 1 181 ? -4.866  1.235   27.896  1.00 42.18 ? 162 ASP A CB  1 
ATOM   1255 C  CG  . ASP A 1 181 ? -6.295  0.750   28.049  1.00 45.83 ? 162 ASP A CG  1 
ATOM   1256 O  OD1 . ASP A 1 181 ? -6.489  -0.397  28.501  1.00 45.72 ? 162 ASP A OD1 1 
ATOM   1257 O  OD2 . ASP A 1 181 ? -7.224  1.519   27.726  1.00 47.80 ? 162 ASP A OD2 1 
ATOM   1258 N  N   . GLU A 1 182 ? -3.888  2.573   25.150  1.00 36.49 ? 163 GLU A N   1 
ATOM   1259 C  CA  . GLU A 1 182 ? -4.177  3.339   23.942  1.00 35.13 ? 163 GLU A CA  1 
ATOM   1260 C  C   . GLU A 1 182 ? -3.873  2.533   22.683  1.00 36.18 ? 163 GLU A C   1 
ATOM   1261 O  O   . GLU A 1 182 ? -4.654  2.560   21.723  1.00 38.47 ? 163 GLU A O   1 
ATOM   1262 C  CB  . GLU A 1 182 ? -3.375  4.640   23.948  1.00 40.77 ? 163 GLU A CB  1 
ATOM   1263 C  CG  . GLU A 1 182 ? -3.822  5.659   22.914  1.00 39.86 ? 163 GLU A CG  1 
ATOM   1264 C  CD  . GLU A 1 182 ? -4.014  7.040   23.507  1.00 40.61 ? 163 GLU A CD  1 
ATOM   1265 O  OE1 . GLU A 1 182 ? -4.280  7.135   24.724  1.00 45.33 ? 163 GLU A OE1 1 
ATOM   1266 O  OE2 . GLU A 1 182 ? -3.898  8.033   22.759  1.00 40.73 ? 163 GLU A OE2 1 
ATOM   1267 N  N   . LYS A 1 183 ? -2.751  1.812   22.670  1.00 33.36 ? 164 LYS A N   1 
ATOM   1268 C  CA  . LYS A 1 183 ? -2.424  0.961   21.531  1.00 35.03 ? 164 LYS A CA  1 
ATOM   1269 C  C   . LYS A 1 183 ? -3.452  -0.149  21.359  1.00 35.37 ? 164 LYS A C   1 
ATOM   1270 O  O   . LYS A 1 183 ? -3.874  -0.453  20.235  1.00 36.72 ? 164 LYS A O   1 
ATOM   1271 C  CB  . LYS A 1 183 ? -1.024  0.382   21.705  1.00 35.62 ? 164 LYS A CB  1 
ATOM   1272 C  CG  . LYS A 1 183 ? 0.040   1.426   22.006  1.00 36.53 ? 164 LYS A CG  1 
ATOM   1273 C  CD  . LYS A 1 183 ? 1.415   0.974   21.554  1.00 38.35 ? 164 LYS A CD  1 
ATOM   1274 C  CE  . LYS A 1 183 ? 2.476   1.314   22.586  1.00 40.69 ? 164 LYS A CE  1 
ATOM   1275 N  NZ  . LYS A 1 183 ? 3.343   0.145   22.891  1.00 40.01 ? 164 LYS A NZ  1 
ATOM   1276 N  N   . LEU A 1 184 ? -3.874  -0.762  22.468  1.00 35.66 ? 165 LEU A N   1 
ATOM   1277 C  CA  . LEU A 1 184 ? -4.905  -1.790  22.398  1.00 26.90 ? 165 LEU A CA  1 
ATOM   1278 C  C   . LEU A 1 184 ? -6.208  -1.224  21.857  1.00 26.09 ? 165 LEU A C   1 
ATOM   1279 O  O   . LEU A 1 184 ? -6.886  -1.877  21.061  1.00 35.59 ? 165 LEU A O   1 
ATOM   1280 C  CB  . LEU A 1 184 ? -5.121  -2.412  23.775  1.00 27.41 ? 165 LEU A CB  1 
ATOM   1281 C  CG  . LEU A 1 184 ? -5.826  -3.767  23.806  1.00 35.45 ? 165 LEU A CG  1 
ATOM   1282 C  CD1 . LEU A 1 184 ? -5.330  -4.658  22.684  1.00 35.80 ? 165 LEU A CD1 1 
ATOM   1283 C  CD2 . LEU A 1 184 ? -5.616  -4.438  25.148  1.00 35.78 ? 165 LEU A CD2 1 
ATOM   1284 N  N   . HIS A 1 185 ? -6.577  -0.015  22.281  1.00 25.29 ? 166 HIS A N   1 
ATOM   1285 C  CA  . HIS A 1 185 ? -7.804  0.592   21.784  1.00 27.34 ? 166 HIS A CA  1 
ATOM   1286 C  C   . HIS A 1 185 ? -7.707  0.902   20.297  1.00 28.29 ? 166 HIS A C   1 
ATOM   1287 O  O   . HIS A 1 185 ? -8.689  0.755   19.567  1.00 30.17 ? 166 HIS A O   1 
ATOM   1288 C  CB  . HIS A 1 185 ? -8.136  1.850   22.582  1.00 33.26 ? 166 HIS A CB  1 
ATOM   1289 C  CG  . HIS A 1 185 ? -8.698  1.569   23.942  1.00 34.47 ? 166 HIS A CG  1 
ATOM   1290 N  ND1 . HIS A 1 185 ? -9.684  0.631   24.156  1.00 34.97 ? 166 HIS A ND1 1 
ATOM   1291 C  CD2 . HIS A 1 185 ? -8.419  2.106   25.150  1.00 31.30 ? 166 HIS A CD2 1 
ATOM   1292 C  CE1 . HIS A 1 185 ? -9.981  0.598   25.442  1.00 33.16 ? 166 HIS A CE1 1 
ATOM   1293 N  NE2 . HIS A 1 185 ? -9.230  1.483   26.068  1.00 32.65 ? 166 HIS A NE2 1 
ATOM   1294 N  N   . LEU A 1 186 ? -6.532  1.328   19.830  1.00 26.55 ? 167 LEU A N   1 
ATOM   1295 C  CA  . LEU A 1 186 ? -6.328  1.500   18.391  1.00 25.55 ? 167 LEU A CA  1 
ATOM   1296 C  C   . LEU A 1 186 ? -6.551  0.191   17.645  1.00 25.19 ? 167 LEU A C   1 
ATOM   1297 O  O   . LEU A 1 186 ? -7.252  0.147   16.621  1.00 29.87 ? 167 LEU A O   1 
ATOM   1298 C  CB  . LEU A 1 186 ? -4.920  2.022   18.121  1.00 23.95 ? 167 LEU A CB  1 
ATOM   1299 C  CG  . LEU A 1 186 ? -4.527  2.114   16.645  1.00 22.92 ? 167 LEU A CG  1 
ATOM   1300 C  CD1 . LEU A 1 186 ? -5.425  3.080   15.897  1.00 21.58 ? 167 LEU A CD1 1 
ATOM   1301 C  CD2 . LEU A 1 186 ? -3.069  2.501   16.504  1.00 28.27 ? 167 LEU A CD2 1 
ATOM   1302 N  N   . PHE A 1 187 ? -5.953  -0.891  18.146  1.00 26.46 ? 168 PHE A N   1 
ATOM   1303 C  CA  . PHE A 1 187 ? -6.083  -2.181  17.478  1.00 24.48 ? 168 PHE A CA  1 
ATOM   1304 C  C   . PHE A 1 187 ? -7.533  -2.649  17.462  1.00 27.37 ? 168 PHE A C   1 
ATOM   1305 O  O   . PHE A 1 187 ? -8.021  -3.140  16.440  1.00 27.63 ? 168 PHE A O   1 
ATOM   1306 C  CB  . PHE A 1 187 ? -5.182  -3.213  18.153  1.00 24.02 ? 168 PHE A CB  1 
ATOM   1307 C  CG  . PHE A 1 187 ? -3.768  -3.191  17.650  1.00 30.92 ? 168 PHE A CG  1 
ATOM   1308 C  CD1 . PHE A 1 187 ? -3.457  -3.710  16.411  1.00 33.38 ? 168 PHE A CD1 1 
ATOM   1309 C  CD2 . PHE A 1 187 ? -2.758  -2.636  18.411  1.00 32.90 ? 168 PHE A CD2 1 
ATOM   1310 C  CE1 . PHE A 1 187 ? -2.167  -3.682  15.943  1.00 29.05 ? 168 PHE A CE1 1 
ATOM   1311 C  CE2 . PHE A 1 187 ? -1.462  -2.608  17.946  1.00 28.73 ? 168 PHE A CE2 1 
ATOM   1312 C  CZ  . PHE A 1 187 ? -1.165  -3.131  16.712  1.00 30.13 ? 168 PHE A CZ  1 
ATOM   1313 N  N   . LEU A 1 188 ? -8.244  -2.487  18.582  1.00 27.77 ? 169 LEU A N   1 
ATOM   1314 C  CA  . LEU A 1 188 ? -9.639  -2.913  18.635  1.00 18.39 ? 169 LEU A CA  1 
ATOM   1315 C  C   . LEU A 1 188 ? -10.524 -2.049  17.743  1.00 19.97 ? 169 LEU A C   1 
ATOM   1316 O  O   . LEU A 1 188 ? -11.442 -2.561  17.096  1.00 30.09 ? 169 LEU A O   1 
ATOM   1317 C  CB  . LEU A 1 188 ? -10.152 -2.891  20.074  1.00 22.47 ? 169 LEU A CB  1 
ATOM   1318 C  CG  . LEU A 1 188 ? -9.331  -3.670  21.100  1.00 24.75 ? 169 LEU A CG  1 
ATOM   1319 C  CD1 . LEU A 1 188 ? -9.979  -3.619  22.475  1.00 27.23 ? 169 LEU A CD1 1 
ATOM   1320 C  CD2 . LEU A 1 188 ? -9.109  -5.100  20.655  1.00 21.77 ? 169 LEU A CD2 1 
ATOM   1321 N  N   . ARG A 1 189 ? -10.268 -0.741  17.696  1.00 18.29 ? 170 ARG A N   1 
ATOM   1322 C  CA  . ARG A 1 189 ? -11.036 0.139   16.826  1.00 19.64 ? 170 ARG A CA  1 
ATOM   1323 C  C   . ARG A 1 189 ? -10.900 -0.269  15.367  1.00 25.25 ? 170 ARG A C   1 
ATOM   1324 O  O   . ARG A 1 189 ? -11.905 -0.449  14.660  1.00 31.96 ? 170 ARG A O   1 
ATOM   1325 C  CB  . ARG A 1 189 ? -10.564 1.578   17.019  1.00 21.90 ? 170 ARG A CB  1 
ATOM   1326 C  CG  . ARG A 1 189 ? -11.597 2.642   16.752  1.00 23.72 ? 170 ARG A CG  1 
ATOM   1327 C  CD  . ARG A 1 189 ? -11.179 3.929   17.423  1.00 20.87 ? 170 ARG A CD  1 
ATOM   1328 N  NE  . ARG A 1 189 ? -9.856  4.352   16.982  1.00 24.59 ? 170 ARG A NE  1 
ATOM   1329 C  CZ  . ARG A 1 189 ? -8.865  4.687   17.795  1.00 28.31 ? 170 ARG A CZ  1 
ATOM   1330 N  NH1 . ARG A 1 189 ? -9.006  4.648   19.110  1.00 24.14 ? 170 ARG A NH1 1 
ATOM   1331 N  NH2 . ARG A 1 189 ? -7.701  5.070   17.278  1.00 25.36 ? 170 ARG A NH2 1 
ATOM   1332 N  N   . VAL A 1 190 ? -9.663  -0.436  14.897  1.00 27.24 ? 171 VAL A N   1 
ATOM   1333 C  CA  . VAL A 1 190 ? -9.489  -0.808  13.498  1.00 21.68 ? 171 VAL A CA  1 
ATOM   1334 C  C   . VAL A 1 190 ? -9.962  -2.238  13.242  1.00 21.11 ? 171 VAL A C   1 
ATOM   1335 O  O   . VAL A 1 190 ? -10.450 -2.541  12.149  1.00 28.21 ? 171 VAL A O   1 
ATOM   1336 C  CB  . VAL A 1 190 ? -8.034  -0.593  13.052  1.00 26.30 ? 171 VAL A CB  1 
ATOM   1337 C  CG1 . VAL A 1 190 ? -7.658  0.866   13.223  1.00 23.27 ? 171 VAL A CG1 1 
ATOM   1338 C  CG2 . VAL A 1 190 ? -7.095  -1.479  13.836  1.00 27.33 ? 171 VAL A CG2 1 
ATOM   1339 N  N   . GLY A 1 191 ? -9.859  -3.131  14.228  1.00 18.73 ? 172 GLY A N   1 
ATOM   1340 C  CA  . GLY A 1 191 ? -10.382 -4.473  14.046  1.00 20.40 ? 172 GLY A CA  1 
ATOM   1341 C  C   . GLY A 1 191 ? -11.887 -4.495  13.879  1.00 23.26 ? 172 GLY A C   1 
ATOM   1342 O  O   . GLY A 1 191 ? -12.411 -5.200  13.014  1.00 30.96 ? 172 GLY A O   1 
ATOM   1343 N  N   . GLU A 1 192 ? -12.603 -3.727  14.701  1.00 21.82 ? 173 GLU A N   1 
ATOM   1344 C  CA  . GLU A 1 192 ? -14.048 -3.636  14.543  1.00 20.51 ? 173 GLU A CA  1 
ATOM   1345 C  C   . GLU A 1 192 ? -14.423 -3.007  13.208  1.00 22.76 ? 173 GLU A C   1 
ATOM   1346 O  O   . GLU A 1 192 ? -15.368 -3.458  12.551  1.00 33.20 ? 173 GLU A O   1 
ATOM   1347 C  CB  . GLU A 1 192 ? -14.667 -2.852  15.699  1.00 24.23 ? 173 GLU A CB  1 
ATOM   1348 C  CG  . GLU A 1 192 ? -14.406 -3.442  17.077  1.00 23.59 ? 173 GLU A CG  1 
ATOM   1349 C  CD  . GLU A 1 192 ? -15.044 -4.807  17.266  1.00 27.03 ? 173 GLU A CD  1 
ATOM   1350 O  OE1 . GLU A 1 192 ? -15.988 -5.136  16.519  1.00 31.93 ? 173 GLU A OE1 1 
ATOM   1351 O  OE2 . GLU A 1 192 ? -14.604 -5.551  18.167  1.00 23.88 ? 173 GLU A OE2 1 
ATOM   1352 N  N   . ARG A 1 193 ? -13.698 -1.969  12.784  1.00 20.28 ? 174 ARG A N   1 
ATOM   1353 C  CA  . ARG A 1 193 ? -14.006 -1.372  11.486  1.00 16.85 ? 174 ARG A CA  1 
ATOM   1354 C  C   . ARG A 1 193 ? -13.777 -2.355  10.343  1.00 18.78 ? 174 ARG A C   1 
ATOM   1355 O  O   . ARG A 1 193 ? -14.598 -2.437  9.424   1.00 22.18 ? 174 ARG A O   1 
ATOM   1356 C  CB  . ARG A 1 193 ? -13.186 -0.104  11.264  1.00 23.12 ? 174 ARG A CB  1 
ATOM   1357 C  CG  . ARG A 1 193 ? -13.540 0.609   9.971   1.00 26.23 ? 174 ARG A CG  1 
ATOM   1358 C  CD  . ARG A 1 193 ? -13.319 2.107   10.069  1.00 28.06 ? 174 ARG A CD  1 
ATOM   1359 N  NE  . ARG A 1 193 ? -13.455 2.760   8.773   1.00 34.44 ? 174 ARG A NE  1 
ATOM   1360 C  CZ  . ARG A 1 193 ? -12.961 3.953   8.476   1.00 36.07 ? 174 ARG A CZ  1 
ATOM   1361 N  NH1 . ARG A 1 193 ? -12.289 4.663   9.366   1.00 28.13 ? 174 ARG A NH1 1 
ATOM   1362 N  NH2 . ARG A 1 193 ? -13.146 4.445   7.255   1.00 30.43 ? 174 ARG A NH2 1 
ATOM   1363 N  N   . LEU A 1 194 ? -12.679 -3.113  10.384  1.00 24.69 ? 175 LEU A N   1 
ATOM   1364 C  CA  . LEU A 1 194 ? -12.410 -4.081  9.324   1.00 23.65 ? 175 LEU A CA  1 
ATOM   1365 C  C   . LEU A 1 194 ? -13.384 -5.248  9.351   1.00 21.21 ? 175 LEU A C   1 
ATOM   1366 O  O   . LEU A 1 194 ? -13.718 -5.791  8.294   1.00 26.17 ? 175 LEU A O   1 
ATOM   1367 C  CB  . LEU A 1 194 ? -10.976 -4.597  9.425   1.00 22.97 ? 175 LEU A CB  1 
ATOM   1368 C  CG  . LEU A 1 194 ? -9.860  -3.591  9.160   1.00 24.89 ? 175 LEU A CG  1 
ATOM   1369 C  CD1 . LEU A 1 194 ? -8.511  -4.274  9.277   1.00 27.85 ? 175 LEU A CD1 1 
ATOM   1370 C  CD2 . LEU A 1 194 ? -10.021 -2.929  7.804   1.00 25.10 ? 175 LEU A CD2 1 
ATOM   1371 N  N   . LEU A 1 195 ? -13.843 -5.661  10.534  1.00 21.22 ? 176 LEU A N   1 
ATOM   1372 C  CA  . LEU A 1 195 ? -14.884 -6.675  10.612  1.00 20.81 ? 176 LEU A CA  1 
ATOM   1373 C  C   . LEU A 1 195 ? -16.212 -6.184  10.057  1.00 27.04 ? 176 LEU A C   1 
ATOM   1374 O  O   . LEU A 1 195 ? -16.906 -6.951  9.384   1.00 29.24 ? 176 LEU A O   1 
ATOM   1375 C  CB  . LEU A 1 195 ? -15.075 -7.134  12.057  1.00 21.25 ? 176 LEU A CB  1 
ATOM   1376 C  CG  . LEU A 1 195 ? -13.998 -8.053  12.622  1.00 24.42 ? 176 LEU A CG  1 
ATOM   1377 C  CD1 . LEU A 1 195 ? -14.193 -8.245  14.114  1.00 27.47 ? 176 LEU A CD1 1 
ATOM   1378 C  CD2 . LEU A 1 195 ? -14.032 -9.373  11.901  1.00 27.43 ? 176 LEU A CD2 1 
ATOM   1379 N  N   . GLU A 1 196 ? -16.578 -4.931  10.326  1.00 32.06 ? 177 GLU A N   1 
ATOM   1380 C  CA  . GLU A 1 196 ? -17.779 -4.331  9.762   1.00 23.03 ? 177 GLU A CA  1 
ATOM   1381 C  C   . GLU A 1 196 ? -17.657 -4.125  8.257   1.00 22.21 ? 177 GLU A C   1 
ATOM   1382 O  O   . GLU A 1 196 ? -18.671 -4.128  7.549   1.00 27.90 ? 177 GLU A O   1 
ATOM   1383 C  CB  . GLU A 1 196 ? -18.083 -3.012  10.475  1.00 26.84 ? 177 GLU A CB  1 
ATOM   1384 C  CG  . GLU A 1 196 ? -19.046 -2.085  9.758   1.00 30.05 ? 177 GLU A CG  1 
ATOM   1385 C  CD  . GLU A 1 196 ? -18.688 -0.618  9.919   1.00 35.49 ? 177 GLU A CD  1 
ATOM   1386 O  OE1 . GLU A 1 196 ? -19.586 0.233   9.766   1.00 32.87 ? 177 GLU A OE1 1 
ATOM   1387 O  OE2 . GLU A 1 196 ? -17.510 -0.314  10.201  1.00 36.08 ? 177 GLU A OE2 1 
ATOM   1388 N  N   . ILE A 1 197 ? -16.434 -3.989  7.744   1.00 29.45 ? 178 ILE A N   1 
ATOM   1389 C  CA  . ILE A 1 197 ? -16.204 -3.880  6.308   1.00 32.57 ? 178 ILE A CA  1 
ATOM   1390 C  C   . ILE A 1 197 ? -16.191 -5.282  5.712   1.00 28.47 ? 178 ILE A C   1 
ATOM   1391 O  O   . ILE A 1 197 ? -16.772 -5.524  4.647   1.00 26.36 ? 178 ILE A O   1 
ATOM   1392 C  CB  . ILE A 1 197 ? -14.893 -3.134  6.008   1.00 25.17 ? 178 ILE A CB  1 
ATOM   1393 C  CG1 . ILE A 1 197 ? -15.134 -1.631  5.951   1.00 24.79 ? 178 ILE A CG1 1 
ATOM   1394 C  CG2 . ILE A 1 197 ? -14.298 -3.597  4.696   1.00 27.44 ? 178 ILE A CG2 1 
ATOM   1395 C  CD1 . ILE A 1 197 ? -13.870 -0.821  6.037   1.00 30.64 ? 178 ILE A CD1 1 
ATOM   1396 N  N   . GLY A 1 198 ? -15.545 -6.218  6.404   1.00 32.00 ? 179 GLY A N   1 
ATOM   1397 C  CA  . GLY A 1 198 ? -15.519 -7.606  6.003   1.00 30.17 ? 179 GLY A CA  1 
ATOM   1398 C  C   . GLY A 1 198 ? -14.231 -8.081  5.367   1.00 34.32 ? 179 GLY A C   1 
ATOM   1399 O  O   . GLY A 1 198 ? -14.150 -9.248  4.967   1.00 33.66 ? 179 GLY A O   1 
ATOM   1400 N  N   . ASP A 1 199 ? -13.219 -7.217  5.258   1.00 35.92 ? 180 ASP A N   1 
ATOM   1401 C  CA  . ASP A 1 199 ? -11.957 -7.618  4.649   1.00 32.47 ? 180 ASP A CA  1 
ATOM   1402 C  C   . ASP A 1 199 ? -11.263 -8.684  5.486   1.00 32.15 ? 180 ASP A C   1 
ATOM   1403 O  O   . ASP A 1 199 ? -11.187 -8.582  6.712   1.00 36.05 ? 180 ASP A O   1 
ATOM   1404 C  CB  . ASP A 1 199 ? -11.036 -6.412  4.480   1.00 29.99 ? 180 ASP A CB  1 
ATOM   1405 C  CG  . ASP A 1 199 ? -10.383 -6.369  3.116   1.00 36.21 ? 180 ASP A CG  1 
ATOM   1406 O  OD1 . ASP A 1 199 ? -10.942 -6.958  2.170   1.00 36.32 ? 180 ASP A OD1 1 
ATOM   1407 O  OD2 . ASP A 1 199 ? -9.308  -5.745  2.985   1.00 36.19 ? 180 ASP A OD2 1 
ATOM   1408 N  N   . LYS A 1 200 ? -10.741 -9.707  4.808   1.00 26.87 ? 181 LYS A N   1 
ATOM   1409 C  CA  . LYS A 1 200 ? -10.039 -10.792 5.474   1.00 28.06 ? 181 LYS A CA  1 
ATOM   1410 C  C   . LYS A 1 200 ? -8.529  -10.719 5.294   1.00 31.54 ? 181 LYS A C   1 
ATOM   1411 O  O   . LYS A 1 200 ? -7.796  -11.050 6.233   1.00 35.42 ? 181 LYS A O   1 
ATOM   1412 C  CB  . LYS A 1 200 ? -10.547 -12.152 4.969   1.00 33.77 ? 181 LYS A CB  1 
ATOM   1413 C  CG  . LYS A 1 200 ? -9.599  -13.314 5.217   1.00 35.19 ? 181 LYS A CG  1 
ATOM   1414 C  CD  . LYS A 1 200 ? -9.923  -14.496 4.322   1.00 35.77 ? 181 LYS A CD  1 
ATOM   1415 C  CE  . LYS A 1 200 ? -8.889  -15.598 4.478   1.00 38.21 ? 181 LYS A CE  1 
ATOM   1416 N  NZ  . LYS A 1 200 ? -8.487  -15.777 5.900   1.00 37.23 ? 181 LYS A NZ  1 
ATOM   1417 N  N   . GLU A 1 201 ? -8.044  -10.289 4.130   1.00 31.82 ? 182 GLU A N   1 
ATOM   1418 C  CA  . GLU A 1 201 ? -6.615  -10.120 3.917   1.00 31.08 ? 182 GLU A CA  1 
ATOM   1419 C  C   . GLU A 1 201 ? -6.019  -9.002  4.756   1.00 27.26 ? 182 GLU A C   1 
ATOM   1420 O  O   . GLU A 1 201 ? -4.823  -9.056  5.065   1.00 27.63 ? 182 GLU A O   1 
ATOM   1421 C  CB  . GLU A 1 201 ? -6.328  -9.842  2.437   1.00 27.77 ? 182 GLU A CB  1 
ATOM   1422 C  CG  . GLU A 1 201 ? -7.123  -10.708 1.480   1.00 28.63 ? 182 GLU A CG  1 
ATOM   1423 C  CD  . GLU A 1 201 ? -8.377  -10.021 0.980   1.00 31.15 ? 182 GLU A CD  1 
ATOM   1424 O  OE1 . GLU A 1 201 ? -9.301  -10.726 0.522   1.00 27.42 ? 182 GLU A OE1 1 
ATOM   1425 O  OE2 . GLU A 1 201 ? -8.441  -8.776  1.045   1.00 33.44 ? 182 GLU A OE2 1 
ATOM   1426 N  N   . SER A 1 202 ? -6.816  -8.005  5.134   1.00 26.29 ? 183 SER A N   1 
ATOM   1427 C  CA  . SER A 1 202 ? -6.369  -6.901  5.967   1.00 17.97 ? 183 SER A CA  1 
ATOM   1428 C  C   . SER A 1 202 ? -6.468  -7.219  7.448   1.00 22.15 ? 183 SER A C   1 
ATOM   1429 O  O   . SER A 1 202 ? -6.029  -6.415  8.273   1.00 28.25 ? 183 SER A O   1 
ATOM   1430 C  CB  . SER A 1 202 ? -7.185  -5.647  5.657   1.00 19.78 ? 183 SER A CB  1 
ATOM   1431 O  OG  . SER A 1 202 ? -7.199  -5.379  4.269   1.00 31.39 ? 183 SER A OG  1 
ATOM   1432 N  N   . LEU A 1 203 ? -7.027  -8.372  7.799   1.00 30.39 ? 184 LEU A N   1 
ATOM   1433 C  CA  . LEU A 1 203 ? -7.218  -8.753  9.190   1.00 25.70 ? 184 LEU A CA  1 
ATOM   1434 C  C   . LEU A 1 203 ? -6.195  -9.752  9.695   1.00 26.13 ? 184 LEU A C   1 
ATOM   1435 O  O   . LEU A 1 203 ? -5.994  -9.834  10.910  1.00 26.29 ? 184 LEU A O   1 
ATOM   1436 C  CB  . LEU A 1 203 ? -8.621  -9.343  9.388   1.00 26.80 ? 184 LEU A CB  1 
ATOM   1437 C  CG  . LEU A 1 203 ? -9.740  -8.375  9.777   1.00 24.53 ? 184 LEU A CG  1 
ATOM   1438 C  CD1 . LEU A 1 203 ? -11.039 -9.126  9.946   1.00 26.59 ? 184 LEU A CD1 1 
ATOM   1439 C  CD2 . LEU A 1 203 ? -9.394  -7.616  11.042  1.00 31.27 ? 184 LEU A CD2 1 
ATOM   1440 N  N   . GLU A 1 204 ? -5.543  -10.511 8.813   1.00 32.76 ? 185 GLU A N   1 
ATOM   1441 C  CA  . GLU A 1 204 ? -4.469  -11.398 9.247   1.00 35.75 ? 185 GLU A CA  1 
ATOM   1442 C  C   . GLU A 1 204 ? -3.240  -10.603 9.671   1.00 38.17 ? 185 GLU A C   1 
ATOM   1443 O  O   . GLU A 1 204 ? -2.566  -10.957 10.646  1.00 35.19 ? 185 GLU A O   1 
ATOM   1444 C  CB  . GLU A 1 204 ? -4.132  -12.379 8.127   1.00 32.40 ? 185 GLU A CB  1 
ATOM   1445 C  CG  . GLU A 1 204 ? -5.359  -13.050 7.530   1.00 31.44 ? 185 GLU A CG  1 
ATOM   1446 C  CD  . GLU A 1 204 ? -5.018  -14.299 6.748   1.00 37.02 ? 185 GLU A CD  1 
ATOM   1447 O  OE1 . GLU A 1 204 ? -4.759  -15.344 7.383   1.00 37.97 ? 185 GLU A OE1 1 
ATOM   1448 O  OE2 . GLU A 1 204 ? -5.012  -14.239 5.502   1.00 41.04 ? 185 GLU A OE2 1 
ATOM   1449 N  N   . MET A 1 205 ? -2.935  -9.519  8.955   1.00 31.95 ? 186 MET A N   1 
ATOM   1450 C  CA  . MET A 1 205 ? -1.860  -8.629  9.378   1.00 24.77 ? 186 MET A CA  1 
ATOM   1451 C  C   . MET A 1 205 ? -2.171  -8.010  10.734  1.00 31.30 ? 186 MET A C   1 
ATOM   1452 O  O   . MET A 1 205 ? -1.291  -7.901  11.598  1.00 35.79 ? 186 MET A O   1 
ATOM   1453 C  CB  . MET A 1 205 ? -1.637  -7.540  8.330   1.00 24.33 ? 186 MET A CB  1 
ATOM   1454 C  CG  . MET A 1 205 ? -1.150  -6.215  8.894   1.00 31.02 ? 186 MET A CG  1 
ATOM   1455 S  SD  . MET A 1 205 ? -1.654  -4.796  7.915   1.00 37.85 ? 186 MET A SD  1 
ATOM   1456 C  CE  . MET A 1 205 ? -3.139  -4.302  8.779   1.00 29.06 ? 186 MET A CE  1 
ATOM   1457 N  N   . LEU A 1 206 ? -3.424  -7.604  10.938  1.00 31.55 ? 187 LEU A N   1 
ATOM   1458 C  CA  . LEU A 1 206 ? -3.829  -7.071  12.232  1.00 28.93 ? 187 LEU A CA  1 
ATOM   1459 C  C   . LEU A 1 206 ? -3.726  -8.122  13.326  1.00 26.33 ? 187 LEU A C   1 
ATOM   1460 O  O   . LEU A 1 206 ? -3.356  -7.797  14.453  1.00 25.91 ? 187 LEU A O   1 
ATOM   1461 C  CB  . LEU A 1 206 ? -5.253  -6.534  12.157  1.00 28.14 ? 187 LEU A CB  1 
ATOM   1462 C  CG  . LEU A 1 206 ? -5.562  -5.353  13.072  1.00 25.54 ? 187 LEU A CG  1 
ATOM   1463 C  CD1 . LEU A 1 206 ? -4.715  -4.158  12.688  1.00 27.31 ? 187 LEU A CD1 1 
ATOM   1464 C  CD2 . LEU A 1 206 ? -7.031  -5.022  12.999  1.00 29.66 ? 187 LEU A CD2 1 
ATOM   1465 N  N   . ILE A 1 207 ? -4.049  -9.377  13.017  1.00 35.39 ? 188 ILE A N   1 
ATOM   1466 C  CA  . ILE A 1 207 ? -3.898  -10.450 14.000  1.00 35.84 ? 188 ILE A CA  1 
ATOM   1467 C  C   . ILE A 1 207 ? -2.430  -10.633 14.364  1.00 35.40 ? 188 ILE A C   1 
ATOM   1468 O  O   . ILE A 1 207 ? -2.085  -10.832 15.533  1.00 33.91 ? 188 ILE A O   1 
ATOM   1469 C  CB  . ILE A 1 207 ? -4.522  -11.755 13.471  1.00 37.52 ? 188 ILE A CB  1 
ATOM   1470 C  CG1 . ILE A 1 207 ? -6.026  -11.755 13.728  1.00 38.79 ? 188 ILE A CG1 1 
ATOM   1471 C  CG2 . ILE A 1 207 ? -3.879  -12.963 14.116  1.00 40.24 ? 188 ILE A CG2 1 
ATOM   1472 C  CD1 . ILE A 1 207 ? -6.400  -12.203 15.121  1.00 36.88 ? 188 ILE A CD1 1 
ATOM   1473 N  N   . GLU A 1 208 ? -1.542  -10.568 13.370  1.00 34.20 ? 189 GLU A N   1 
ATOM   1474 C  CA  . GLU A 1 208 ? -0.112  -10.669 13.634  1.00 32.81 ? 189 GLU A CA  1 
ATOM   1475 C  C   . GLU A 1 208 ? 0.375   -9.534  14.536  1.00 38.45 ? 189 GLU A C   1 
ATOM   1476 O  O   . GLU A 1 208 ? 1.131   -9.750  15.496  1.00 41.47 ? 189 GLU A O   1 
ATOM   1477 C  CB  . GLU A 1 208 ? 0.656   -10.669 12.311  1.00 34.49 ? 189 GLU A CB  1 
ATOM   1478 C  CG  . GLU A 1 208 ? 0.462   -11.924 11.479  1.00 38.54 ? 189 GLU A CG  1 
ATOM   1479 C  CD  . GLU A 1 208 ? 1.030   -11.789 10.080  1.00 44.06 ? 189 GLU A CD  1 
ATOM   1480 O  OE1 . GLU A 1 208 ? 2.214   -11.411 9.953   1.00 44.70 ? 189 GLU A OE1 1 
ATOM   1481 O  OE2 . GLU A 1 208 ? 0.295   -12.057 9.109   1.00 37.91 ? 189 GLU A OE2 1 
ATOM   1482 N  N   . LEU A 1 209 ? -0.066  -8.312  14.235  1.00 39.41 ? 190 LEU A N   1 
ATOM   1483 C  CA  . LEU A 1 209 ? 0.343   -7.163  15.040  1.00 36.81 ? 190 LEU A CA  1 
ATOM   1484 C  C   . LEU A 1 209 ? -0.237  -7.235  16.450  1.00 37.32 ? 190 LEU A C   1 
ATOM   1485 O  O   . LEU A 1 209 ? 0.419   -6.842  17.421  1.00 30.28 ? 190 LEU A O   1 
ATOM   1486 C  CB  . LEU A 1 209 ? -0.066  -5.868  14.339  1.00 34.24 ? 190 LEU A CB  1 
ATOM   1487 C  CG  . LEU A 1 209 ? 0.609   -5.609  12.993  1.00 29.11 ? 190 LEU A CG  1 
ATOM   1488 C  CD1 . LEU A 1 209 ? 0.097   -4.325  12.369  1.00 27.07 ? 190 LEU A CD1 1 
ATOM   1489 C  CD2 . LEU A 1 209 ? 2.119   -5.563  13.149  1.00 33.28 ? 190 LEU A CD2 1 
ATOM   1490 N  N   . LEU A 1 210 ? -1.462  -7.748  16.585  1.00 42.17 ? 191 LEU A N   1 
ATOM   1491 C  CA  . LEU A 1 210 ? -2.048  -7.937  17.908  1.00 36.40 ? 191 LEU A CA  1 
ATOM   1492 C  C   . LEU A 1 210 ? -1.317  -9.021  18.686  1.00 37.02 ? 191 LEU A C   1 
ATOM   1493 O  O   . LEU A 1 210 ? -1.196  -8.934  19.910  1.00 43.85 ? 191 LEU A O   1 
ATOM   1494 C  CB  . LEU A 1 210 ? -3.531  -8.279  17.791  1.00 36.61 ? 191 LEU A CB  1 
ATOM   1495 C  CG  . LEU A 1 210 ? -4.526  -7.152  18.050  1.00 34.95 ? 191 LEU A CG  1 
ATOM   1496 C  CD1 . LEU A 1 210 ? -5.930  -7.595  17.689  1.00 37.44 ? 191 LEU A CD1 1 
ATOM   1497 C  CD2 . LEU A 1 210 ? -4.461  -6.711  19.498  1.00 37.72 ? 191 LEU A CD2 1 
ATOM   1498 N  N   . GLU A 1 211 ? -0.840  -10.061 18.001  1.00 37.91 ? 192 GLU A N   1 
ATOM   1499 C  CA  . GLU A 1 211 ? -0.032  -11.072 18.670  1.00 37.94 ? 192 GLU A CA  1 
ATOM   1500 C  C   . GLU A 1 211 ? 1.276   -10.480 19.174  1.00 39.43 ? 192 GLU A C   1 
ATOM   1501 O  O   . GLU A 1 211 ? 1.724   -10.792 20.283  1.00 41.83 ? 192 GLU A O   1 
ATOM   1502 C  CB  . GLU A 1 211 ? 0.238   -12.243 17.725  1.00 37.71 ? 192 GLU A CB  1 
ATOM   1503 C  CG  . GLU A 1 211 ? -0.774  -13.365 17.833  1.00 39.14 ? 192 GLU A CG  1 
ATOM   1504 C  CD  . GLU A 1 211 ? -0.980  -14.091 16.522  1.00 42.68 ? 192 GLU A CD  1 
ATOM   1505 O  OE1 . GLU A 1 211 ? -0.001  -14.241 15.761  1.00 44.47 ? 192 GLU A OE1 1 
ATOM   1506 O  OE2 . GLU A 1 211 ? -2.120  -14.525 16.255  1.00 42.86 ? 192 GLU A OE2 1 
ATOM   1507 N  N   . GLU A 1 212 ? 1.902   -9.614  18.373  1.00 40.67 ? 193 GLU A N   1 
ATOM   1508 C  CA  . GLU A 1 212 ? 3.099   -8.919  18.843  1.00 45.19 ? 193 GLU A CA  1 
ATOM   1509 C  C   . GLU A 1 212 ? 2.794   -8.041  20.056  1.00 45.67 ? 193 GLU A C   1 
ATOM   1510 O  O   . GLU A 1 212 ? 3.558   -8.023  21.031  1.00 44.25 ? 193 GLU A O   1 
ATOM   1511 C  CB  . GLU A 1 212 ? 3.699   -8.080  17.716  1.00 48.27 ? 193 GLU A CB  1 
ATOM   1512 C  CG  . GLU A 1 212 ? 4.773   -8.792  16.916  1.00 46.82 ? 193 GLU A CG  1 
ATOM   1513 C  CD  . GLU A 1 212 ? 5.443   -7.881  15.908  1.00 48.57 ? 193 GLU A CD  1 
ATOM   1514 O  OE1 . GLU A 1 212 ? 5.050   -6.698  15.817  1.00 50.67 ? 193 GLU A OE1 1 
ATOM   1515 O  OE2 . GLU A 1 212 ? 6.365   -8.346  15.203  1.00 47.80 ? 193 GLU A OE2 1 
ATOM   1516 N  N   . LEU A 1 213 ? 1.680   -7.307  20.013  1.00 48.19 ? 194 LEU A N   1 
ATOM   1517 C  CA  . LEU A 1 213 ? 1.300   -6.469  21.145  1.00 47.78 ? 194 LEU A CA  1 
ATOM   1518 C  C   . LEU A 1 213 ? 1.024   -7.297  22.392  1.00 42.94 ? 194 LEU A C   1 
ATOM   1519 O  O   . LEU A 1 213 ? 1.387   -6.891  23.499  1.00 46.03 ? 194 LEU A O   1 
ATOM   1520 C  CB  . LEU A 1 213 ? 0.078   -5.622  20.799  1.00 47.62 ? 194 LEU A CB  1 
ATOM   1521 C  CG  . LEU A 1 213 ? -0.156  -4.398  21.685  1.00 42.95 ? 194 LEU A CG  1 
ATOM   1522 C  CD1 . LEU A 1 213 ? 0.844   -3.302  21.373  1.00 44.06 ? 194 LEU A CD1 1 
ATOM   1523 C  CD2 . LEU A 1 213 ? -1.574  -3.892  21.525  1.00 44.25 ? 194 LEU A CD2 1 
ATOM   1524 N  N   . ALA A 1 214 ? 0.371   -8.448  22.240  1.00 43.50 ? 195 ALA A N   1 
ATOM   1525 C  CA  . ALA A 1 214 ? 0.128   -9.327  23.380  1.00 45.64 ? 195 ALA A CA  1 
ATOM   1526 C  C   . ALA A 1 214 ? 1.433   -9.891  23.925  1.00 47.84 ? 195 ALA A C   1 
ATOM   1527 O  O   . ALA A 1 214 ? 1.574   -10.078 25.138  1.00 50.08 ? 195 ALA A O   1 
ATOM   1528 C  CB  . ALA A 1 214 ? -0.822  -10.453 22.984  1.00 44.90 ? 195 ALA A CB  1 
ATOM   1529 N  N   . LYS A 1 215 ? 2.393   -10.178 23.044  1.00 49.91 ? 196 LYS A N   1 
ATOM   1530 C  CA  . LYS A 1 215 ? 3.710   -10.602 23.503  1.00 49.10 ? 196 LYS A CA  1 
ATOM   1531 C  C   . LYS A 1 215 ? 4.361   -9.517  24.347  1.00 50.84 ? 196 LYS A C   1 
ATOM   1532 O  O   . LYS A 1 215 ? 4.968   -9.800  25.387  1.00 55.22 ? 196 LYS A O   1 
ATOM   1533 C  CB  . LYS A 1 215 ? 4.596   -10.957 22.306  1.00 53.10 ? 196 LYS A CB  1 
ATOM   1534 C  CG  . LYS A 1 215 ? 4.434   -12.387 21.813  1.00 52.69 ? 196 LYS A CG  1 
ATOM   1535 C  CD  . LYS A 1 215 ? 4.992   -12.565 20.405  1.00 50.52 ? 196 LYS A CD  1 
ATOM   1536 C  CE  . LYS A 1 215 ? 6.168   -11.637 20.142  1.00 50.32 ? 196 LYS A CE  1 
ATOM   1537 N  NZ  . LYS A 1 215 ? 6.517   -11.574 18.696  1.00 51.82 ? 196 LYS A NZ  1 
ATOM   1538 N  N   . GLU A 1 216 ? 4.247   -8.260  23.911  1.00 53.78 ? 197 GLU A N   1 
ATOM   1539 C  CA  . GLU A 1 216 ? 4.780   -7.156  24.705  1.00 53.46 ? 197 GLU A CA  1 
ATOM   1540 C  C   . GLU A 1 216 ? 4.039   -6.974  26.024  1.00 51.39 ? 197 GLU A C   1 
ATOM   1541 O  O   . GLU A 1 216 ? 4.672   -6.665  27.038  1.00 51.19 ? 197 GLU A O   1 
ATOM   1542 C  CB  . GLU A 1 216 ? 4.746   -5.855  23.904  1.00 54.93 ? 197 GLU A CB  1 
ATOM   1543 C  CG  . GLU A 1 216 ? 5.412   -5.941  22.545  1.00 55.03 ? 197 GLU A CG  1 
ATOM   1544 C  CD  . GLU A 1 216 ? 6.827   -6.483  22.619  1.00 55.55 ? 197 GLU A CD  1 
ATOM   1545 O  OE1 . GLU A 1 216 ? 7.148   -7.415  21.852  1.00 54.18 ? 197 GLU A OE1 1 
ATOM   1546 O  OE2 . GLU A 1 216 ? 7.622   -5.975  23.439  1.00 55.45 ? 197 GLU A OE2 1 
ATOM   1547 N  N   . ILE A 1 217 ? 2.719   -7.140  26.033  1.00 57.41 ? 198 ILE A N   1 
ATOM   1548 C  CA  . ILE A 1 217 ? 1.911   -6.971  27.237  1.00 56.89 ? 198 ILE A CA  1 
ATOM   1549 C  C   . ILE A 1 217 ? 2.206   -8.053  28.267  1.00 58.43 ? 198 ILE A C   1 
ATOM   1550 O  O   . ILE A 1 217 ? 2.339   -7.759  29.456  1.00 57.48 ? 198 ILE A O   1 
ATOM   1551 C  CB  . ILE A 1 217 ? 0.410   -6.937  26.879  1.00 54.84 ? 198 ILE A CB  1 
ATOM   1552 C  CG1 . ILE A 1 217 ? 0.080   -5.689  26.062  1.00 58.30 ? 198 ILE A CG1 1 
ATOM   1553 C  CG2 . ILE A 1 217 ? -0.440  -6.980  28.134  1.00 54.44 ? 198 ILE A CG2 1 
ATOM   1554 C  CD1 . ILE A 1 217 ? -1.375  -5.586  25.665  1.00 54.88 ? 198 ILE A CD1 1 
ATOM   1555 N  N   . LYS A 1 218 ? 2.299   -9.311  27.832  1.00 61.84 ? 199 LYS A N   1 
ATOM   1556 C  CA  . LYS A 1 218 ? 2.636   -10.394 28.751  1.00 61.15 ? 199 LYS A CA  1 
ATOM   1557 C  C   . LYS A 1 218 ? 4.008   -10.171 29.371  1.00 61.54 ? 199 LYS A C   1 
ATOM   1558 O  O   . LYS A 1 218 ? 4.237   -10.517 30.537  1.00 61.08 ? 199 LYS A O   1 
ATOM   1559 C  CB  . LYS A 1 218 ? 2.580   -11.734 28.019  1.00 58.49 ? 199 LYS A CB  1 
ATOM   1560 C  CG  . LYS A 1 218 ? 3.262   -12.883 28.743  1.00 59.99 ? 199 LYS A CG  1 
ATOM   1561 C  CD  . LYS A 1 218 ? 3.208   -14.160 27.918  1.00 62.03 ? 199 LYS A CD  1 
ATOM   1562 C  CE  . LYS A 1 218 ? 1.792   -14.698 27.822  1.00 62.35 ? 199 LYS A CE  1 
ATOM   1563 N  NZ  . LYS A 1 218 ? 1.456   -15.588 28.967  1.00 61.94 ? 199 LYS A NZ  1 
ATOM   1564 N  N   . LYS A 1 219 ? 4.934   -9.587  28.610  1.00 60.21 ? 200 LYS A N   1 
ATOM   1565 C  CA  . LYS A 1 219 ? 6.240   -9.210  29.128  1.00 59.66 ? 200 LYS A CA  1 
ATOM   1566 C  C   . LYS A 1 219 ? 6.079   -8.216  30.267  1.00 61.84 ? 200 LYS A C   1 
ATOM   1567 O  O   . LYS A 1 219 ? 6.755   -8.319  31.294  1.00 64.35 ? 200 LYS A O   1 
ATOM   1568 C  CB  . LYS A 1 219 ? 7.104   -8.619  28.012  1.00 58.82 ? 200 LYS A CB  1 
ATOM   1569 C  CG  . LYS A 1 219 ? 8.448   -8.086  28.471  1.00 60.95 ? 200 LYS A CG  1 
ATOM   1570 C  CD  . LYS A 1 219 ? 9.364   -7.834  27.282  1.00 60.46 ? 200 LYS A CD  1 
ATOM   1571 C  CE  . LYS A 1 219 ? 9.487   -9.072  26.406  1.00 61.80 ? 200 LYS A CE  1 
ATOM   1572 N  NZ  . LYS A 1 219 ? 9.615   -8.727  24.963  1.00 61.96 ? 200 LYS A NZ  1 
ATOM   1573 N  N   . ALA A 1 220 ? 5.180   -7.247  30.097  1.00 65.81 ? 201 ALA A N   1 
ATOM   1574 C  CA  . ALA A 1 220 ? 4.857   -6.326  31.169  1.00 66.08 ? 201 ALA A CA  1 
ATOM   1575 C  C   . ALA A 1 220 ? 4.052   -7.042  32.253  1.00 68.30 ? 201 ALA A C   1 
ATOM   1576 O  O   . ALA A 1 220 ? 3.415   -8.075  32.020  1.00 66.16 ? 201 ALA A O   1 
ATOM   1577 C  CB  . ALA A 1 220 ? 4.081   -5.125  30.632  1.00 64.49 ? 201 ALA A CB  1 
ATOM   1578 N  N   . GLY A 1 221 ? 4.091   -6.481  33.462  1.00 73.72 ? 202 GLY A N   1 
ATOM   1579 C  CA  . GLY A 1 221 ? 3.412   -7.120  34.578  1.00 72.09 ? 202 GLY A CA  1 
ATOM   1580 C  C   . GLY A 1 221 ? 1.905   -6.960  34.520  1.00 74.35 ? 202 GLY A C   1 
ATOM   1581 O  O   . GLY A 1 221 ? 1.167   -7.705  35.170  1.00 75.41 ? 202 GLY A O   1 
ATOM   1582 N  N   . ASN A 1 222 ? 1.429   -5.983  33.746  1.00 71.91 ? 203 ASN A N   1 
ATOM   1583 C  CA  . ASN A 1 222 ? 0.015   -5.622  33.719  1.00 71.65 ? 203 ASN A CA  1 
ATOM   1584 C  C   . ASN A 1 222 ? -0.892  -6.787  33.341  1.00 71.81 ? 203 ASN A C   1 
ATOM   1585 O  O   . ASN A 1 222 ? -0.665  -7.464  32.334  1.00 72.14 ? 203 ASN A O   1 
ATOM   1586 C  CB  . ASN A 1 222 ? -0.214  -4.459  32.756  1.00 71.77 ? 203 ASN A CB  1 
ATOM   1587 C  CG  . ASN A 1 222 ? -1.611  -3.875  32.869  1.00 72.13 ? 203 ASN A CG  1 
ATOM   1588 O  OD1 . ASN A 1 222 ? -2.197  -3.841  33.950  1.00 71.97 ? 203 ASN A OD1 1 
ATOM   1589 N  ND2 . ASN A 1 222 ? -2.141  -3.402  31.750  1.00 73.07 ? 203 ASN A ND2 1 
ATOM   1590 N  N   . GLU A 1 223 ? -1.924  -7.016  34.145  1.00 72.65 ? 204 GLU A N   1 
ATOM   1591 C  CA  . GLU A 1 223 ? -2.964  -7.991  33.871  1.00 74.77 ? 204 GLU A CA  1 
ATOM   1592 C  C   . GLU A 1 223 ? -4.277  -7.246  33.632  1.00 75.24 ? 204 GLU A C   1 
ATOM   1593 O  O   . GLU A 1 223 ? -4.333  -6.013  33.690  1.00 74.62 ? 204 GLU A O   1 
ATOM   1594 C  CB  . GLU A 1 223 ? -3.063  -9.005  35.020  1.00 73.40 ? 204 GLU A CB  1 
ATOM   1595 C  CG  . GLU A 1 223 ? -3.896  -10.259 34.735  1.00 73.98 ? 204 GLU A CG  1 
ATOM   1596 C  CD  . GLU A 1 223 ? -3.493  -10.979 33.457  1.00 74.09 ? 204 GLU A CD  1 
ATOM   1597 O  OE1 . GLU A 1 223 ? -2.328  -10.852 33.025  1.00 74.25 ? 204 GLU A OE1 1 
ATOM   1598 O  OE2 . GLU A 1 223 ? -4.355  -11.674 32.877  1.00 71.88 ? 204 GLU A OE2 1 
ATOM   1599 N  N   . GLU A 1 224 ? -5.335  -8.000  33.332  1.00 69.93 ? 205 GLU A N   1 
ATOM   1600 C  CA  . GLU A 1 224 ? -6.640  -7.481  32.931  1.00 69.22 ? 205 GLU A CA  1 
ATOM   1601 C  C   . GLU A 1 224 ? -6.573  -6.700  31.627  1.00 69.37 ? 205 GLU A C   1 
ATOM   1602 O  O   . GLU A 1 224 ? -7.589  -6.152  31.182  1.00 70.02 ? 205 GLU A O   1 
ATOM   1603 C  CB  . GLU A 1 224 ? -7.271  -6.618  34.035  1.00 71.12 ? 205 GLU A CB  1 
ATOM   1604 C  CG  . GLU A 1 224 ? -8.063  -7.408  35.063  1.00 70.48 ? 205 GLU A CG  1 
ATOM   1605 C  CD  . GLU A 1 224 ? -9.129  -6.575  35.740  1.00 70.35 ? 205 GLU A CD  1 
ATOM   1606 O  OE1 . GLU A 1 224 ? -9.181  -5.354  35.487  1.00 71.99 ? 205 GLU A OE1 1 
ATOM   1607 O  OE2 . GLU A 1 224 ? -9.915  -7.139  36.528  1.00 68.31 ? 205 GLU A OE2 1 
ATOM   1608 N  N   . LEU A 1 225 ? -5.395  -6.639  31.005  1.00 59.07 ? 206 LEU A N   1 
ATOM   1609 C  CA  . LEU A 1 225 ? -5.234  -6.062  29.680  1.00 56.95 ? 206 LEU A CA  1 
ATOM   1610 C  C   . LEU A 1 225 ? -4.732  -7.111  28.701  1.00 59.34 ? 206 LEU A C   1 
ATOM   1611 O  O   . LEU A 1 225 ? -4.733  -6.862  27.490  1.00 64.16 ? 206 LEU A O   1 
ATOM   1612 C  CB  . LEU A 1 225 ? -4.274  -4.868  29.731  1.00 55.47 ? 206 LEU A CB  1 
ATOM   1613 C  CG  . LEU A 1 225 ? -4.188  -3.910  28.543  1.00 55.78 ? 206 LEU A CG  1 
ATOM   1614 C  CD1 . LEU A 1 225 ? -5.061  -2.696  28.788  1.00 56.84 ? 206 LEU A CD1 1 
ATOM   1615 C  CD2 . LEU A 1 225 ? -2.749  -3.488  28.322  1.00 56.96 ? 206 LEU A CD2 1 
ATOM   1616 N  N   . LEU A 1 226 ? -4.310  -8.278  29.193  1.00 58.65 ? 207 LEU A N   1 
ATOM   1617 C  CA  . LEU A 1 226 ? -3.929  -9.400  28.352  1.00 62.00 ? 207 LEU A CA  1 
ATOM   1618 C  C   . LEU A 1 226 ? -5.084  -10.349 28.062  1.00 59.99 ? 207 LEU A C   1 
ATOM   1619 O  O   . LEU A 1 226 ? -5.130  -10.919 26.967  1.00 58.13 ? 207 LEU A O   1 
ATOM   1620 C  CB  . LEU A 1 226 ? -2.783  -10.185 29.009  1.00 60.62 ? 207 LEU A CB  1 
ATOM   1621 C  CG  . LEU A 1 226 ? -2.204  -11.385 28.260  1.00 59.78 ? 207 LEU A CG  1 
ATOM   1622 C  CD1 . LEU A 1 226 ? -1.542  -10.943 26.966  1.00 57.34 ? 207 LEU A CD1 1 
ATOM   1623 C  CD2 . LEU A 1 226 ? -1.221  -12.128 29.143  1.00 59.57 ? 207 LEU A CD2 1 
ATOM   1624 N  N   . VAL A 1 227 ? -6.014  -10.521 29.000  1.00 56.80 ? 208 VAL A N   1 
ATOM   1625 C  CA  . VAL A 1 227 ? -7.211  -11.309 28.726  1.00 55.81 ? 208 VAL A CA  1 
ATOM   1626 C  C   . VAL A 1 227 ? -8.061  -10.637 27.656  1.00 57.80 ? 208 VAL A C   1 
ATOM   1627 O  O   . VAL A 1 227 ? -8.615  -11.304 26.776  1.00 60.37 ? 208 VAL A O   1 
ATOM   1628 C  CB  . VAL A 1 227 ? -8.013  -11.540 30.020  1.00 56.26 ? 208 VAL A CB  1 
ATOM   1629 C  CG1 . VAL A 1 227 ? -7.390  -12.659 30.836  1.00 57.32 ? 208 VAL A CG1 1 
ATOM   1630 C  CG2 . VAL A 1 227 ? -8.092  -10.266 30.840  1.00 56.59 ? 208 VAL A CG2 1 
ATOM   1631 N  N   . ARG A 1 228 ? -8.175  -9.308  27.716  1.00 53.33 ? 209 ARG A N   1 
ATOM   1632 C  CA  . ARG A 1 228 ? -8.907  -8.577  26.685  1.00 53.42 ? 209 ARG A CA  1 
ATOM   1633 C  C   . ARG A 1 228 ? -8.262  -8.770  25.318  1.00 53.19 ? 209 ARG A C   1 
ATOM   1634 O  O   . ARG A 1 228 ? -8.949  -9.024  24.320  1.00 53.46 ? 209 ARG A O   1 
ATOM   1635 C  CB  . ARG A 1 228 ? -8.967  -7.094  27.042  1.00 51.78 ? 209 ARG A CB  1 
ATOM   1636 C  CG  . ARG A 1 228 ? -9.762  -6.785  28.294  1.00 52.79 ? 209 ARG A CG  1 
ATOM   1637 C  CD  . ARG A 1 228 ? -9.870  -5.287  28.518  1.00 53.32 ? 209 ARG A CD  1 
ATOM   1638 N  NE  . ARG A 1 228 ? -10.036 -4.555  27.268  1.00 52.49 ? 209 ARG A NE  1 
ATOM   1639 C  CZ  . ARG A 1 228 ? -9.462  -3.393  27.002  1.00 52.67 ? 209 ARG A CZ  1 
ATOM   1640 N  NH1 . ARG A 1 228 ? -8.670  -2.796  27.878  1.00 51.59 ? 209 ARG A NH1 1 
ATOM   1641 N  NH2 . ARG A 1 228 ? -9.685  -2.812  25.828  1.00 49.99 ? 209 ARG A NH2 1 
ATOM   1642 N  N   . ALA A 1 229 ? -6.934  -8.659  25.259  1.00 50.36 ? 210 ALA A N   1 
ATOM   1643 C  CA  . ALA A 1 229 ? -6.223  -8.846  24.001  1.00 51.38 ? 210 ALA A CA  1 
ATOM   1644 C  C   . ALA A 1 229 ? -6.425  -10.256 23.464  1.00 52.74 ? 210 ALA A C   1 
ATOM   1645 O  O   . ALA A 1 229 ? -6.665  -10.448 22.268  1.00 51.69 ? 210 ALA A O   1 
ATOM   1646 C  CB  . ALA A 1 229 ? -4.737  -8.546  24.191  1.00 48.34 ? 210 ALA A CB  1 
ATOM   1647 N  N   . GLU A 1 230 ? -6.335  -11.257 24.341  1.00 51.13 ? 211 GLU A N   1 
ATOM   1648 C  CA  . GLU A 1 230 ? -6.500  -12.640 23.903  1.00 50.38 ? 211 GLU A CA  1 
ATOM   1649 C  C   . GLU A 1 230 ? -7.917  -12.904 23.407  1.00 52.99 ? 211 GLU A C   1 
ATOM   1650 O  O   . GLU A 1 230 ? -8.110  -13.599 22.400  1.00 50.11 ? 211 GLU A O   1 
ATOM   1651 C  CB  . GLU A 1 230 ? -6.139  -13.594 25.039  1.00 51.05 ? 211 GLU A CB  1 
ATOM   1652 C  CG  . GLU A 1 230 ? -4.725  -14.142 24.953  1.00 53.24 ? 211 GLU A CG  1 
ATOM   1653 C  CD  . GLU A 1 230 ? -4.129  -14.438 26.314  1.00 58.57 ? 211 GLU A CD  1 
ATOM   1654 O  OE1 . GLU A 1 230 ? -4.905  -14.700 27.257  1.00 58.04 ? 211 GLU A OE1 1 
ATOM   1655 O  OE2 . GLU A 1 230 ? -2.887  -14.409 26.441  1.00 56.56 ? 211 GLU A OE2 1 
ATOM   1656 N  N   . ALA A 1 231 ? -8.922  -12.367 24.102  1.00 51.51 ? 212 ALA A N   1 
ATOM   1657 C  CA  . ALA A 1 231 ? -10.302 -12.541 23.663  1.00 49.82 ? 212 ALA A CA  1 
ATOM   1658 C  C   . ALA A 1 231 ? -10.532 -11.882 22.310  1.00 50.84 ? 212 ALA A C   1 
ATOM   1659 O  O   . ALA A 1 231 ? -11.194 -12.453 21.432  1.00 53.55 ? 212 ALA A O   1 
ATOM   1660 C  CB  . ALA A 1 231 ? -11.260 -11.976 24.712  1.00 47.20 ? 212 ALA A CB  1 
ATOM   1661 N  N   . ALA A 1 232 ? -9.988  -10.678 22.124  1.00 46.27 ? 213 ALA A N   1 
ATOM   1662 C  CA  . ALA A 1 232 ? -10.103 -9.997  20.837  1.00 42.12 ? 213 ALA A CA  1 
ATOM   1663 C  C   . ALA A 1 232 ? -9.432  -10.800 19.732  1.00 42.60 ? 213 ALA A C   1 
ATOM   1664 O  O   . ALA A 1 232 ? -9.966  -10.928 18.625  1.00 46.46 ? 213 ALA A O   1 
ATOM   1665 C  CB  . ALA A 1 232 ? -9.495  -8.600  20.937  1.00 44.67 ? 213 ALA A CB  1 
ATOM   1666 N  N   . ILE A 1 233 ? -8.255  -11.350 20.021  1.00 44.64 ? 214 ILE A N   1 
ATOM   1667 C  CA  . ILE A 1 233 ? -7.505  -12.150 19.059  1.00 48.60 ? 214 ILE A CA  1 
ATOM   1668 C  C   . ILE A 1 233 ? -8.317  -13.369 18.649  1.00 47.40 ? 214 ILE A C   1 
ATOM   1669 O  O   . ILE A 1 233 ? -8.432  -13.681 17.458  1.00 43.73 ? 214 ILE A O   1 
ATOM   1670 C  CB  . ILE A 1 233 ? -6.138  -12.563 19.636  1.00 46.54 ? 214 ILE A CB  1 
ATOM   1671 C  CG1 . ILE A 1 233 ? -5.192  -11.361 19.680  1.00 44.63 ? 214 ILE A CG1 1 
ATOM   1672 C  CG2 . ILE A 1 233 ? -5.536  -13.696 18.829  1.00 46.16 ? 214 ILE A CG2 1 
ATOM   1673 C  CD1 . ILE A 1 233 ? -3.738  -11.733 19.834  1.00 45.30 ? 214 ILE A CD1 1 
ATOM   1674 N  N   . LYS A 1 234 ? -8.893  -14.064 19.632  1.00 45.64 ? 215 LYS A N   1 
ATOM   1675 C  CA  . LYS A 1 234 ? -9.679  -15.259 19.325  1.00 46.84 ? 215 LYS A CA  1 
ATOM   1676 C  C   . LYS A 1 234 ? -10.926 -14.919 18.520  1.00 47.77 ? 215 LYS A C   1 
ATOM   1677 O  O   . LYS A 1 234 ? -11.274 -15.633 17.572  1.00 50.16 ? 215 LYS A O   1 
ATOM   1678 C  CB  . LYS A 1 234 ? -10.053 -15.992 20.610  1.00 45.86 ? 215 LYS A CB  1 
ATOM   1679 C  CG  . LYS A 1 234 ? -8.884  -16.700 21.285  1.00 48.07 ? 215 LYS A CG  1 
ATOM   1680 C  CD  . LYS A 1 234 ? -7.934  -17.304 20.256  1.00 50.41 ? 215 LYS A CD  1 
ATOM   1681 C  CE  . LYS A 1 234 ? -8.469  -18.611 19.692  1.00 48.56 ? 215 LYS A CE  1 
ATOM   1682 N  NZ  . LYS A 1 234 ? -7.537  -19.204 18.694  1.00 44.60 ? 215 LYS A NZ  1 
ATOM   1683 N  N   . ASP A 1 235 ? -11.617 -13.832 18.878  1.00 44.52 ? 216 ASP A N   1 
ATOM   1684 C  CA  . ASP A 1 235 ? -12.804 -13.441 18.124  1.00 40.29 ? 216 ASP A CA  1 
ATOM   1685 C  C   . ASP A 1 235 ? -12.456 -13.087 16.686  1.00 42.57 ? 216 ASP A C   1 
ATOM   1686 O  O   . ASP A 1 235 ? -13.160 -13.489 15.750  1.00 46.25 ? 216 ASP A O   1 
ATOM   1687 C  CB  . ASP A 1 235 ? -13.501 -12.265 18.805  1.00 41.77 ? 216 ASP A CB  1 
ATOM   1688 C  CG  . ASP A 1 235 ? -14.539 -11.614 17.915  1.00 48.24 ? 216 ASP A CG  1 
ATOM   1689 O  OD1 . ASP A 1 235 ? -15.704 -12.066 17.929  1.00 50.34 ? 216 ASP A OD1 1 
ATOM   1690 O  OD2 . ASP A 1 235 ? -14.195 -10.656 17.196  1.00 50.12 ? 216 ASP A OD2 1 
ATOM   1691 N  N   . ILE A 1 236 ? -11.368 -12.338 16.484  1.00 42.51 ? 217 ILE A N   1 
ATOM   1692 C  CA  . ILE A 1 236 ? -10.984 -11.960 15.129  1.00 41.58 ? 217 ILE A CA  1 
ATOM   1693 C  C   . ILE A 1 236 ? -10.549 -13.184 14.338  1.00 43.48 ? 217 ILE A C   1 
ATOM   1694 O  O   . ILE A 1 236 ? -10.824 -13.288 13.138  1.00 46.21 ? 217 ILE A O   1 
ATOM   1695 C  CB  . ILE A 1 236 ? -9.891  -10.877 15.159  1.00 45.59 ? 217 ILE A CB  1 
ATOM   1696 C  CG1 . ILE A 1 236 ? -10.424 -9.602  15.814  1.00 45.62 ? 217 ILE A CG1 1 
ATOM   1697 C  CG2 . ILE A 1 236 ? -9.428  -10.548 13.757  1.00 44.44 ? 217 ILE A CG2 1 
ATOM   1698 C  CD1 . ILE A 1 236 ? -9.372  -8.534  16.002  1.00 43.43 ? 217 ILE A CD1 1 
ATOM   1699 N  N   . ARG A 1 237 ? -9.876  -14.135 14.987  1.00 41.43 ? 218 ARG A N   1 
ATOM   1700 C  CA  . ARG A 1 237 ? -9.490  -15.368 14.304  1.00 45.61 ? 218 ARG A CA  1 
ATOM   1701 C  C   . ARG A 1 237 ? -10.715 -16.162 13.863  1.00 44.83 ? 218 ARG A C   1 
ATOM   1702 O  O   . ARG A 1 237 ? -10.771 -16.671 12.734  1.00 40.82 ? 218 ARG A O   1 
ATOM   1703 C  CB  . ARG A 1 237 ? -8.598  -16.209 15.214  1.00 40.41 ? 218 ARG A CB  1 
ATOM   1704 C  CG  . ARG A 1 237 ? -7.948  -17.386 14.517  1.00 41.61 ? 218 ARG A CG  1 
ATOM   1705 C  CD  . ARG A 1 237 ? -6.444  -17.220 14.439  1.00 44.86 ? 218 ARG A CD  1 
ATOM   1706 N  NE  . ARG A 1 237 ? -5.865  -16.832 15.720  1.00 44.91 ? 218 ARG A NE  1 
ATOM   1707 C  CZ  . ARG A 1 237 ? -4.618  -16.412 15.879  1.00 42.92 ? 218 ARG A CZ  1 
ATOM   1708 N  NH1 . ARG A 1 237 ? -3.791  -16.301 14.854  1.00 41.82 ? 218 ARG A NH1 1 
ATOM   1709 N  NH2 . ARG A 1 237 ? -4.190  -16.097 17.097  1.00 42.86 ? 218 ARG A NH2 1 
ATOM   1710 N  N   . LYS A 1 238 ? -11.711 -16.281 14.743  1.00 43.83 ? 219 LYS A N   1 
ATOM   1711 C  CA  . LYS A 1 238 ? -12.932 -16.992 14.380  1.00 40.74 ? 219 LYS A CA  1 
ATOM   1712 C  C   . LYS A 1 238 ? -13.653 -16.296 13.234  1.00 40.65 ? 219 LYS A C   1 
ATOM   1713 O  O   . LYS A 1 238 ? -14.149 -16.955 12.309  1.00 46.21 ? 219 LYS A O   1 
ATOM   1714 C  CB  . LYS A 1 238 ? -13.850 -17.121 15.593  1.00 43.62 ? 219 LYS A CB  1 
ATOM   1715 C  CG  . LYS A 1 238 ? -13.304 -18.008 16.699  1.00 46.04 ? 219 LYS A CG  1 
ATOM   1716 C  CD  . LYS A 1 238 ? -12.571 -19.217 16.138  1.00 45.10 ? 219 LYS A CD  1 
ATOM   1717 C  CE  . LYS A 1 238 ? -11.851 -19.980 17.233  1.00 45.76 ? 219 LYS A CE  1 
ATOM   1718 N  NZ  . LYS A 1 238 ? -12.765 -20.328 18.354  1.00 44.95 ? 219 LYS A NZ  1 
ATOM   1719 N  N   . HIS A 1 239 ? -13.724 -14.964 13.271  1.00 39.57 ? 220 HIS A N   1 
ATOM   1720 C  CA  . HIS A 1 239 ? -14.391 -14.242 12.194  1.00 38.51 ? 220 HIS A CA  1 
ATOM   1721 C  C   . HIS A 1 239 ? -13.620 -14.355 10.884  1.00 36.99 ? 220 HIS A C   1 
ATOM   1722 O  O   . HIS A 1 239 ? -14.222 -14.369 9.807   1.00 36.58 ? 220 HIS A O   1 
ATOM   1723 C  CB  . HIS A 1 239 ? -14.587 -12.781 12.583  1.00 40.67 ? 220 HIS A CB  1 
ATOM   1724 C  CG  . HIS A 1 239 ? -15.839 -12.524 13.357  1.00 42.19 ? 220 HIS A CG  1 
ATOM   1725 N  ND1 . HIS A 1 239 ? -16.950 -11.929 12.801  1.00 43.12 ? 220 HIS A ND1 1 
ATOM   1726 C  CD2 . HIS A 1 239 ? -16.158 -12.783 14.648  1.00 41.88 ? 220 HIS A CD2 1 
ATOM   1727 C  CE1 . HIS A 1 239 ? -17.899 -11.832 13.712  1.00 42.77 ? 220 HIS A CE1 1 
ATOM   1728 N  NE2 . HIS A 1 239 ? -17.444 -12.342 14.843  1.00 44.94 ? 220 HIS A NE2 1 
ATOM   1729 N  N   . ILE A 1 240 ? -12.291 -14.426 10.954  1.00 41.77 ? 221 ILE A N   1 
ATOM   1730 C  CA  . ILE A 1 240 ? -11.486 -14.658 9.758   1.00 44.06 ? 221 ILE A CA  1 
ATOM   1731 C  C   . ILE A 1 240 ? -11.801 -16.029 9.173   1.00 43.00 ? 221 ILE A C   1 
ATOM   1732 O  O   . ILE A 1 240 ? -11.966 -16.187 7.959   1.00 41.69 ? 221 ILE A O   1 
ATOM   1733 C  CB  . ILE A 1 240 ? -9.988  -14.514 10.081  1.00 41.52 ? 221 ILE A CB  1 
ATOM   1734 C  CG1 . ILE A 1 240 ? -9.560  -13.049 10.018  1.00 39.57 ? 221 ILE A CG1 1 
ATOM   1735 C  CG2 . ILE A 1 240 ? -9.145  -15.342 9.130   1.00 40.35 ? 221 ILE A CG2 1 
ATOM   1736 C  CD1 . ILE A 1 240 ? -8.432  -12.714 10.953  1.00 37.80 ? 221 ILE A CD1 1 
ATOM   1737 N  N   . LYS A 1 241 ? -11.895 -17.040 10.041  1.00 45.80 ? 222 LYS A N   1 
ATOM   1738 C  CA  . LYS A 1 241 ? -12.245 -18.383 9.591   1.00 46.00 ? 222 LYS A CA  1 
ATOM   1739 C  C   . LYS A 1 241 ? -13.614 -18.402 8.920   1.00 46.63 ? 222 LYS A C   1 
ATOM   1740 O  O   . LYS A 1 241 ? -13.800 -19.030 7.874   1.00 46.75 ? 222 LYS A O   1 
ATOM   1741 C  CB  . LYS A 1 241 ? -12.212 -19.354 10.776  1.00 47.20 ? 222 LYS A CB  1 
ATOM   1742 C  CG  . LYS A 1 241 ? -10.815 -19.712 11.250  1.00 47.49 ? 222 LYS A CG  1 
ATOM   1743 C  CD  . LYS A 1 241 ? -10.867 -20.723 12.385  1.00 47.63 ? 222 LYS A CD  1 
ATOM   1744 C  CE  . LYS A 1 241 ? -9.751  -20.485 13.387  1.00 45.42 ? 222 LYS A CE  1 
ATOM   1745 N  NZ  . LYS A 1 241 ? -8.446  -21.004 12.893  1.00 44.10 ? 222 LYS A NZ  1 
ATOM   1746 N  N   . GLU A 1 242 ? -14.588 -17.714 9.518   1.00 47.37 ? 223 GLU A N   1 
ATOM   1747 C  CA  . GLU A 1 242 ? -15.918 -17.642 8.920   1.00 45.35 ? 223 GLU A CA  1 
ATOM   1748 C  C   . GLU A 1 242 ? -15.896 -16.841 7.625   1.00 46.55 ? 223 GLU A C   1 
ATOM   1749 O  O   . GLU A 1 242 ? -16.598 -17.176 6.663   1.00 45.76 ? 223 GLU A O   1 
ATOM   1750 C  CB  . GLU A 1 242 ? -16.907 -17.030 9.914   1.00 44.45 ? 223 GLU A CB  1 
ATOM   1751 C  CG  . GLU A 1 242 ? -17.395 -17.996 10.982  1.00 47.10 ? 223 GLU A CG  1 
ATOM   1752 C  CD  . GLU A 1 242 ? -17.862 -17.291 12.239  1.00 52.13 ? 223 GLU A CD  1 
ATOM   1753 O  OE1 . GLU A 1 242 ? -17.292 -17.553 13.317  1.00 53.97 ? 223 GLU A OE1 1 
ATOM   1754 O  OE2 . GLU A 1 242 ? -18.800 -16.468 12.149  1.00 50.08 ? 223 GLU A OE2 1 
ATOM   1755 N  N   . LEU A 1 243 ? -15.099 -15.778 7.577   1.00 49.16 ? 224 LEU A N   1 
ATOM   1756 C  CA  . LEU A 1 243 ? -15.040 -14.905 6.409   1.00 47.35 ? 224 LEU A CA  1 
ATOM   1757 C  C   . LEU A 1 243 ? -14.476 -15.629 5.195   1.00 48.29 ? 224 LEU A C   1 
ATOM   1758 O  O   . LEU A 1 243 ? -14.851 -15.344 4.058   1.00 48.72 ? 224 LEU A O   1 
ATOM   1759 C  CB  . LEU A 1 243 ? -14.195 -13.662 6.705   1.00 44.87 ? 224 LEU A CB  1 
ATOM   1760 C  CG  . LEU A 1 243 ? -14.944 -12.432 7.215   1.00 47.25 ? 224 LEU A CG  1 
ATOM   1761 C  CD1 . LEU A 1 243 ? -13.975 -11.409 7.787   1.00 42.52 ? 224 LEU A CD1 1 
ATOM   1762 C  CD2 . LEU A 1 243 ? -15.791 -11.819 6.110   1.00 44.66 ? 224 LEU A CD2 1 
ATOM   1763 O  OXT . LEU A 1 243 ? -13.631 -16.514 5.322   1.00 50.28 ? 224 LEU A OXT 1 
HETATM 1764 ZN ZN  . ZN  B 2 .   ? 12.682  14.433  -12.083 1.00 53.63 ? 301 ZN  A ZN  1 
HETATM 1765 ZN ZN  . ZN  C 2 .   ? -9.065  0.867   28.071  1.00 90.74 ? 302 ZN  A ZN  1 
# 
